data_2LDA
# 
_entry.id   2LDA 
# 
_audit_conform.dict_name       mmcif_pdbx.dic 
_audit_conform.dict_version    5.398 
_audit_conform.dict_location   http://mmcif.pdb.org/dictionaries/ascii/mmcif_pdbx.dic 
# 
loop_
_database_2.database_id 
_database_2.database_code 
_database_2.pdbx_database_accession 
_database_2.pdbx_DOI 
PDB   2LDA         pdb_00002lda 10.2210/pdb2lda/pdb 
RCSB  RCSB102256   ?            ?                   
BMRB  17657        ?            10.13018/BMR17657   
WWPDB D_1000102256 ?            ?                   
# 
loop_
_pdbx_audit_revision_history.ordinal 
_pdbx_audit_revision_history.data_content_type 
_pdbx_audit_revision_history.major_revision 
_pdbx_audit_revision_history.minor_revision 
_pdbx_audit_revision_history.revision_date 
1 'Structure model' 1 0 2011-07-06 
2 'Structure model' 1 1 2011-07-13 
3 'Structure model' 1 2 2023-06-14 
4 'Structure model' 2 0 2023-11-15 
5 'Structure model' 2 1 2024-11-06 
# 
_pdbx_audit_revision_details.ordinal             1 
_pdbx_audit_revision_details.revision_ordinal    1 
_pdbx_audit_revision_details.data_content_type   'Structure model' 
_pdbx_audit_revision_details.provider            repository 
_pdbx_audit_revision_details.type                'Initial release' 
_pdbx_audit_revision_details.description         ? 
_pdbx_audit_revision_details.details             ? 
# 
loop_
_pdbx_audit_revision_group.ordinal 
_pdbx_audit_revision_group.revision_ordinal 
_pdbx_audit_revision_group.data_content_type 
_pdbx_audit_revision_group.group 
1 2 'Structure model' 'Version format compliance' 
2 3 'Structure model' 'Database references'       
3 3 'Structure model' 'Derived calculations'      
4 3 'Structure model' Other                       
5 4 'Structure model' 'Atomic model'              
6 4 'Structure model' 'Data collection'           
7 5 'Structure model' 'Database references'       
8 5 'Structure model' 'Structure summary'         
# 
loop_
_pdbx_audit_revision_category.ordinal 
_pdbx_audit_revision_category.revision_ordinal 
_pdbx_audit_revision_category.data_content_type 
_pdbx_audit_revision_category.category 
1 3 'Structure model' database_2                
2 3 'Structure model' pdbx_database_status      
3 3 'Structure model' struct_conn               
4 4 'Structure model' atom_site                 
5 4 'Structure model' chem_comp_atom            
6 4 'Structure model' chem_comp_bond            
7 5 'Structure model' database_2                
8 5 'Structure model' pdbx_entry_details        
9 5 'Structure model' pdbx_modification_feature 
# 
loop_
_pdbx_audit_revision_item.ordinal 
_pdbx_audit_revision_item.revision_ordinal 
_pdbx_audit_revision_item.data_content_type 
_pdbx_audit_revision_item.item 
1  3 'Structure model' '_database_2.pdbx_DOI'                       
2  3 'Structure model' '_database_2.pdbx_database_accession'        
3  3 'Structure model' '_pdbx_database_status.status_code_nmr_data' 
4  3 'Structure model' '_struct_conn.pdbx_dist_value'               
5  3 'Structure model' '_struct_conn.pdbx_leaving_atom_flag'        
6  3 'Structure model' '_struct_conn.ptnr1_auth_comp_id'            
7  3 'Structure model' '_struct_conn.ptnr1_auth_seq_id'             
8  3 'Structure model' '_struct_conn.ptnr1_label_atom_id'           
9  3 'Structure model' '_struct_conn.ptnr1_label_comp_id'           
10 3 'Structure model' '_struct_conn.ptnr1_label_seq_id'            
11 3 'Structure model' '_struct_conn.ptnr2_auth_comp_id'            
12 3 'Structure model' '_struct_conn.ptnr2_auth_seq_id'             
13 3 'Structure model' '_struct_conn.ptnr2_label_atom_id'           
14 3 'Structure model' '_struct_conn.ptnr2_label_comp_id'           
15 3 'Structure model' '_struct_conn.ptnr2_label_seq_id'            
16 4 'Structure model' '_atom_site.auth_atom_id'                    
17 4 'Structure model' '_atom_site.label_atom_id'                   
18 5 'Structure model' '_database_2.pdbx_DOI'                       
# 
_pdbx_database_status.deposit_site                    BMRB 
_pdbx_database_status.entry_id                        2LDA 
_pdbx_database_status.process_site                    RCSB 
_pdbx_database_status.recvd_initial_deposition_date   2011-05-20 
_pdbx_database_status.SG_entry                        ? 
_pdbx_database_status.status_code                     REL 
_pdbx_database_status.status_code_mr                  REL 
_pdbx_database_status.status_code_sf                  ? 
_pdbx_database_status.status_code_cs                  REL 
_pdbx_database_status.pdb_format_compatible           Y 
_pdbx_database_status.status_code_nmr_data            REL 
_pdbx_database_status.methods_development_category    ? 
# 
loop_
_pdbx_database_related.db_id 
_pdbx_database_related.db_name 
_pdbx_database_related.content_type 
_pdbx_database_related.details 
17657 BMRB unspecified . 
2LDC  PDB  unspecified . 
2LDD  PDB  unspecified . 
# 
loop_
_audit_author.name 
_audit_author.pdbx_ordinal 
'Phillips, C.' 1  
'Bazin, R.'    2  
'Bent, A.'     3  
'Davies, N.'   4  
'Moore, R.'    5  
'Pannifer, A.' 6  
'Pickford, A.' 7  
'Prior, S.'    8  
'Read, C.'     9  
'Roberts, L.'  10 
'Schade, M.'   11 
'Scott, A.'    12 
'Brown, D.'    13 
'Xu, B.'       14 
'Irving, S.'   15 
# 
_citation.id                        primary 
_citation.title                     'Design and structure of stapled peptides binding to estrogen receptors.' 
_citation.journal_abbrev            J.Am.Chem.Soc. 
_citation.journal_volume            133 
_citation.page_first                9696 
_citation.page_last                 9699 
_citation.year                      2011 
_citation.journal_id_ASTM           JACSAT 
_citation.country                   US 
_citation.journal_id_ISSN           0002-7863 
_citation.journal_id_CSD            0004 
_citation.book_publisher            ? 
_citation.pdbx_database_id_PubMed   21612236 
_citation.pdbx_database_id_DOI      10.1021/ja202946k 
# 
loop_
_citation_author.citation_id 
_citation_author.name 
_citation_author.ordinal 
_citation_author.identifier_ORCID 
primary 'Phillips, C.'   1  ? 
primary 'Roberts, L.R.'  2  ? 
primary 'Schade, M.'     3  ? 
primary 'Bazin, R.'      4  ? 
primary 'Bent, A.'       5  ? 
primary 'Davies, N.L.'   6  ? 
primary 'Moore, R.'      7  ? 
primary 'Pannifer, A.D.' 8  ? 
primary 'Pickford, A.R.' 9  ? 
primary 'Prior, S.H.'    10 ? 
primary 'Read, C.M.'     11 ? 
primary 'Scott, A.'      12 ? 
primary 'Brown, D.G.'    13 ? 
primary 'Xu, B.'         14 ? 
primary 'Irving, S.L.'   15 ? 
# 
_entity.id                         1 
_entity.type                       polymer 
_entity.src_method                 syn 
_entity.pdbx_description           'Estrogen receptor-binding stapled peptide SP2' 
_entity.formula_weight             1386.641 
_entity.pdbx_number_of_molecules   1 
_entity.pdbx_ec                    ? 
_entity.pdbx_mutation              ? 
_entity.pdbx_fragment              ? 
_entity.details                    ? 
# 
_entity_poly.entity_id                      1 
_entity_poly.type                           'polypeptide(L)' 
_entity_poly.nstd_linkage                   no 
_entity_poly.nstd_monomer                   yes 
_entity_poly.pdbx_seq_one_letter_code       '(ACE)HK(MK8)LHQ(MK8)LQDS(NH2)' 
_entity_poly.pdbx_seq_one_letter_code_can   XHKLLHQLLQDSX 
_entity_poly.pdbx_strand_id                 A 
_entity_poly.pdbx_target_identifier         ? 
# 
loop_
_entity_poly_seq.entity_id 
_entity_poly_seq.num 
_entity_poly_seq.mon_id 
_entity_poly_seq.hetero 
1 1  ACE n 
1 2  HIS n 
1 3  LYS n 
1 4  MK8 n 
1 5  LEU n 
1 6  HIS n 
1 7  GLN n 
1 8  MK8 n 
1 9  LEU n 
1 10 GLN n 
1 11 ASP n 
1 12 SER n 
1 13 NH2 n 
# 
loop_
_chem_comp.id 
_chem_comp.type 
_chem_comp.mon_nstd_flag 
_chem_comp.name 
_chem_comp.pdbx_synonyms 
_chem_comp.formula 
_chem_comp.formula_weight 
ACE non-polymer         . 'ACETYL GROUP'        ? 'C2 H4 O'        44.053  
ASP 'L-peptide linking' y 'ASPARTIC ACID'       ? 'C4 H7 N O4'     133.103 
GLN 'L-peptide linking' y GLUTAMINE             ? 'C5 H10 N2 O3'   146.144 
HIS 'L-peptide linking' y HISTIDINE             ? 'C6 H10 N3 O2 1' 156.162 
LEU 'L-peptide linking' y LEUCINE               ? 'C6 H13 N O2'    131.173 
LYS 'L-peptide linking' y LYSINE                ? 'C6 H15 N2 O2 1' 147.195 
MK8 'L-peptide linking' n 2-methyl-L-norleucine ? 'C7 H15 N O2'    145.199 
NH2 non-polymer         . 'AMINO GROUP'         ? 'H2 N'           16.023  
SER 'L-peptide linking' y SERINE                ? 'C3 H7 N O3'     105.093 
# 
loop_
_pdbx_poly_seq_scheme.asym_id 
_pdbx_poly_seq_scheme.entity_id 
_pdbx_poly_seq_scheme.seq_id 
_pdbx_poly_seq_scheme.mon_id 
_pdbx_poly_seq_scheme.ndb_seq_num 
_pdbx_poly_seq_scheme.pdb_seq_num 
_pdbx_poly_seq_scheme.auth_seq_num 
_pdbx_poly_seq_scheme.pdb_mon_id 
_pdbx_poly_seq_scheme.auth_mon_id 
_pdbx_poly_seq_scheme.pdb_strand_id 
_pdbx_poly_seq_scheme.pdb_ins_code 
_pdbx_poly_seq_scheme.hetero 
A 1 1  ACE 1  0  0  ACE ACE A . n 
A 1 2  HIS 2  1  1  HIS HIS A . n 
A 1 3  LYS 3  2  2  LYS LYS A . n 
A 1 4  MK8 4  3  3  MK8 MK8 A . n 
A 1 5  LEU 5  4  4  LEU LEU A . n 
A 1 6  HIS 6  5  5  HIS HIS A . n 
A 1 7  GLN 7  6  6  GLN GLN A . n 
A 1 8  MK8 8  7  7  MK8 MK8 A . n 
A 1 9  LEU 9  8  8  LEU LEU A . n 
A 1 10 GLN 10 9  9  GLN GLN A . n 
A 1 11 ASP 11 10 10 ASP ASP A . n 
A 1 12 SER 12 11 11 SER SER A . n 
A 1 13 NH2 13 12 12 NH2 NH2 A . n 
# 
_exptl.absorpt_coefficient_mu     ? 
_exptl.absorpt_correction_T_max   ? 
_exptl.absorpt_correction_T_min   ? 
_exptl.absorpt_correction_type    ? 
_exptl.absorpt_process_details    ? 
_exptl.crystals_number            ? 
_exptl.details                    ? 
_exptl.entry_id                   2LDA 
_exptl.method                     'SOLUTION NMR' 
_exptl.method_details             ? 
# 
_struct.entry_id                  2LDA 
_struct.title                     'Solution structure of the estrogen receptor-binding stapled peptide SP2 (Ac-HKXLHQXLQDS-NH2)' 
_struct.pdbx_model_details        'closest to the average, model 1' 
_struct.pdbx_CASP_flag            ? 
_struct.pdbx_model_type_details   ? 
# 
_struct_keywords.entry_id        2LDA 
_struct_keywords.pdbx_keywords   'DE NOVO PROTEIN' 
_struct_keywords.text            'DE NOVO PROTEIN' 
# 
_struct_asym.id                            A 
_struct_asym.pdbx_blank_PDB_chainid_flag   N 
_struct_asym.pdbx_modified                 N 
_struct_asym.entity_id                     1 
_struct_asym.details                       ? 
# 
_struct_ref.id                         1 
_struct_ref.db_name                    PDB 
_struct_ref.db_code                    2LDA 
_struct_ref.pdbx_db_accession          2LDA 
_struct_ref.entity_id                  1 
_struct_ref.pdbx_align_begin           ? 
_struct_ref.pdbx_seq_one_letter_code   ? 
_struct_ref.pdbx_db_isoform            ? 
# 
_struct_ref_seq.align_id                      1 
_struct_ref_seq.ref_id                        1 
_struct_ref_seq.pdbx_PDB_id_code              2LDA 
_struct_ref_seq.pdbx_strand_id                A 
_struct_ref_seq.seq_align_beg                 1 
_struct_ref_seq.pdbx_seq_align_beg_ins_code   ? 
_struct_ref_seq.seq_align_end                 13 
_struct_ref_seq.pdbx_seq_align_end_ins_code   ? 
_struct_ref_seq.pdbx_db_accession             2LDA 
_struct_ref_seq.db_align_beg                  0 
_struct_ref_seq.pdbx_db_align_beg_ins_code    ? 
_struct_ref_seq.db_align_end                  12 
_struct_ref_seq.pdbx_db_align_end_ins_code    ? 
_struct_ref_seq.pdbx_auth_seq_align_beg       0 
_struct_ref_seq.pdbx_auth_seq_align_end       12 
# 
_pdbx_struct_assembly.id                   1 
_pdbx_struct_assembly.details              author_defined_assembly 
_pdbx_struct_assembly.method_details       ? 
_pdbx_struct_assembly.oligomeric_details   monomeric 
_pdbx_struct_assembly.oligomeric_count     1 
# 
_pdbx_struct_assembly_gen.assembly_id       1 
_pdbx_struct_assembly_gen.oper_expression   1 
_pdbx_struct_assembly_gen.asym_id_list      A 
# 
_pdbx_struct_oper_list.id                   1 
_pdbx_struct_oper_list.type                 'identity operation' 
_pdbx_struct_oper_list.name                 1_555 
_pdbx_struct_oper_list.symmetry_operation   x,y,z 
_pdbx_struct_oper_list.matrix[1][1]         1.0000000000 
_pdbx_struct_oper_list.matrix[1][2]         0.0000000000 
_pdbx_struct_oper_list.matrix[1][3]         0.0000000000 
_pdbx_struct_oper_list.vector[1]            0.0000000000 
_pdbx_struct_oper_list.matrix[2][1]         0.0000000000 
_pdbx_struct_oper_list.matrix[2][2]         1.0000000000 
_pdbx_struct_oper_list.matrix[2][3]         0.0000000000 
_pdbx_struct_oper_list.vector[2]            0.0000000000 
_pdbx_struct_oper_list.matrix[3][1]         0.0000000000 
_pdbx_struct_oper_list.matrix[3][2]         0.0000000000 
_pdbx_struct_oper_list.matrix[3][3]         1.0000000000 
_pdbx_struct_oper_list.vector[3]            0.0000000000 
# 
_struct_biol.id        1 
_struct_biol.details   ? 
# 
_struct_conf.conf_type_id            HELX_P 
_struct_conf.id                      HELX_P1 
_struct_conf.pdbx_PDB_helix_id       1 
_struct_conf.beg_label_comp_id       HIS 
_struct_conf.beg_label_asym_id       A 
_struct_conf.beg_label_seq_id        2 
_struct_conf.pdbx_beg_PDB_ins_code   ? 
_struct_conf.end_label_comp_id       SER 
_struct_conf.end_label_asym_id       A 
_struct_conf.end_label_seq_id        12 
_struct_conf.pdbx_end_PDB_ins_code   ? 
_struct_conf.beg_auth_comp_id        HIS 
_struct_conf.beg_auth_asym_id        A 
_struct_conf.beg_auth_seq_id         1 
_struct_conf.end_auth_comp_id        SER 
_struct_conf.end_auth_asym_id        A 
_struct_conf.end_auth_seq_id         11 
_struct_conf.pdbx_PDB_helix_class    1 
_struct_conf.details                 ? 
_struct_conf.pdbx_PDB_helix_length   11 
# 
_struct_conf_type.id          HELX_P 
_struct_conf_type.criteria    ? 
_struct_conf_type.reference   ? 
# 
loop_
_struct_conn.id 
_struct_conn.conn_type_id 
_struct_conn.pdbx_leaving_atom_flag 
_struct_conn.pdbx_PDB_id 
_struct_conn.ptnr1_label_asym_id 
_struct_conn.ptnr1_label_comp_id 
_struct_conn.ptnr1_label_seq_id 
_struct_conn.ptnr1_label_atom_id 
_struct_conn.pdbx_ptnr1_label_alt_id 
_struct_conn.pdbx_ptnr1_PDB_ins_code 
_struct_conn.pdbx_ptnr1_standard_comp_id 
_struct_conn.ptnr1_symmetry 
_struct_conn.ptnr2_label_asym_id 
_struct_conn.ptnr2_label_comp_id 
_struct_conn.ptnr2_label_seq_id 
_struct_conn.ptnr2_label_atom_id 
_struct_conn.pdbx_ptnr2_label_alt_id 
_struct_conn.pdbx_ptnr2_PDB_ins_code 
_struct_conn.ptnr1_auth_asym_id 
_struct_conn.ptnr1_auth_comp_id 
_struct_conn.ptnr1_auth_seq_id 
_struct_conn.ptnr2_auth_asym_id 
_struct_conn.ptnr2_auth_comp_id 
_struct_conn.ptnr2_auth_seq_id 
_struct_conn.ptnr2_symmetry 
_struct_conn.pdbx_ptnr3_label_atom_id 
_struct_conn.pdbx_ptnr3_label_seq_id 
_struct_conn.pdbx_ptnr3_label_comp_id 
_struct_conn.pdbx_ptnr3_label_asym_id 
_struct_conn.pdbx_ptnr3_label_alt_id 
_struct_conn.pdbx_ptnr3_PDB_ins_code 
_struct_conn.details 
_struct_conn.pdbx_dist_value 
_struct_conn.pdbx_value_order 
_struct_conn.pdbx_role 
covale1 covale both ? A ACE 1  C  ? ? ? 1_555 A HIS 2  N  ? ? A ACE 0  A HIS 1  1_555 ? ? ? ? ? ? ? 1.380 ? ? 
covale2 covale both ? A LYS 3  C  ? ? ? 1_555 A MK8 4  N  ? ? A LYS 2  A MK8 3  1_555 ? ? ? ? ? ? ? 1.397 ? ? 
covale3 covale both ? A MK8 4  C  ? ? ? 1_555 A LEU 5  N  ? ? A MK8 3  A LEU 4  1_555 ? ? ? ? ? ? ? 1.395 ? ? 
covale4 covale none ? A MK8 4  CE ? ? ? 1_555 A MK8 8  CE ? ? A MK8 3  A MK8 7  1_555 ? ? ? ? ? ? ? 1.392 ? ? 
covale5 covale both ? A GLN 7  C  ? ? ? 1_555 A MK8 8  N  ? ? A GLN 6  A MK8 7  1_555 ? ? ? ? ? ? ? 1.403 ? ? 
covale6 covale both ? A MK8 8  C  ? ? ? 1_555 A LEU 9  N  ? ? A MK8 7  A LEU 8  1_555 ? ? ? ? ? ? ? 1.383 ? ? 
covale7 covale both ? A SER 12 C  ? ? ? 1_555 A NH2 13 N  ? ? A SER 11 A NH2 12 1_555 ? ? ? ? ? ? ? 1.339 ? ? 
# 
_struct_conn_type.id          covale 
_struct_conn_type.criteria    ? 
_struct_conn_type.reference   ? 
# 
loop_
_pdbx_modification_feature.ordinal 
_pdbx_modification_feature.label_comp_id 
_pdbx_modification_feature.label_asym_id 
_pdbx_modification_feature.label_seq_id 
_pdbx_modification_feature.label_alt_id 
_pdbx_modification_feature.modified_residue_label_comp_id 
_pdbx_modification_feature.modified_residue_label_asym_id 
_pdbx_modification_feature.modified_residue_label_seq_id 
_pdbx_modification_feature.modified_residue_label_alt_id 
_pdbx_modification_feature.auth_comp_id 
_pdbx_modification_feature.auth_asym_id 
_pdbx_modification_feature.auth_seq_id 
_pdbx_modification_feature.PDB_ins_code 
_pdbx_modification_feature.symmetry 
_pdbx_modification_feature.modified_residue_auth_comp_id 
_pdbx_modification_feature.modified_residue_auth_asym_id 
_pdbx_modification_feature.modified_residue_auth_seq_id 
_pdbx_modification_feature.modified_residue_PDB_ins_code 
_pdbx_modification_feature.modified_residue_symmetry 
_pdbx_modification_feature.comp_id_linking_atom 
_pdbx_modification_feature.modified_residue_id_linking_atom 
_pdbx_modification_feature.modified_residue_id 
_pdbx_modification_feature.ref_pcm_id 
_pdbx_modification_feature.ref_comp_id 
_pdbx_modification_feature.type 
_pdbx_modification_feature.category 
1 MK8 A 4  ? .   . .  . MK8 A 3  ? 1_555 .   . .  . .     .  .  LEU 1  MK8 Norleucine  'Named protein modification' 
2 MK8 A 4  ? .   . .  . MK8 A 3  ? 1_555 .   . .  . .     .  .  LEU 2  MK8 Methylation 'Named protein modification' 
3 MK8 A 8  ? .   . .  . MK8 A 7  ? 1_555 .   . .  . .     .  .  LEU 1  MK8 Norleucine  'Named protein modification' 
4 MK8 A 8  ? .   . .  . MK8 A 7  ? 1_555 .   . .  . .     .  .  LEU 2  MK8 Methylation 'Named protein modification' 
5 ACE A 1  ? HIS A 2  ? ACE A 0  ? 1_555 HIS A 1  ? 1_555 .  .  HIS 19 ACE None        'Terminal acetylation'       
6 NH2 A 13 ? SER A 12 ? NH2 A 12 ? 1_555 SER A 11 ? 1_555 .  .  SER 6  NH2 None        'Terminal amidation'         
7 MK8 A 4  ? MK8 A 8  ? MK8 A 3  ? 1_555 MK8 A 7  ? 1_555 CE CE .   .  .   None        'Non-standard linkage'       
# 
_pdbx_entry_details.entry_id                   2LDA 
_pdbx_entry_details.compound_details           ? 
_pdbx_entry_details.source_details             ? 
_pdbx_entry_details.nonpolymer_details         ? 
_pdbx_entry_details.sequence_details           ? 
_pdbx_entry_details.has_ligand_of_interest     ? 
_pdbx_entry_details.has_protein_modification   Y 
# 
_pdbx_validate_torsion.id              1 
_pdbx_validate_torsion.PDB_model_num   9 
_pdbx_validate_torsion.auth_comp_id    LEU 
_pdbx_validate_torsion.auth_asym_id    A 
_pdbx_validate_torsion.auth_seq_id     4 
_pdbx_validate_torsion.PDB_ins_code    ? 
_pdbx_validate_torsion.label_alt_id    ? 
_pdbx_validate_torsion.phi             -49.93 
_pdbx_validate_torsion.psi             -16.08 
# 
loop_
_pdbx_struct_mod_residue.id 
_pdbx_struct_mod_residue.label_asym_id 
_pdbx_struct_mod_residue.label_comp_id 
_pdbx_struct_mod_residue.label_seq_id 
_pdbx_struct_mod_residue.auth_asym_id 
_pdbx_struct_mod_residue.auth_comp_id 
_pdbx_struct_mod_residue.auth_seq_id 
_pdbx_struct_mod_residue.PDB_ins_code 
_pdbx_struct_mod_residue.parent_comp_id 
_pdbx_struct_mod_residue.details 
1 A MK8 4 A MK8 3 ? LEU 2-METHYL-L-NORLEUCINE 
2 A MK8 8 A MK8 7 ? LEU 2-METHYL-L-NORLEUCINE 
# 
_pdbx_nmr_ensemble.average_constraint_violations_per_residue     ? 
_pdbx_nmr_ensemble.average_constraints_per_residue               ? 
_pdbx_nmr_ensemble.average_distance_constraint_violation         ? 
_pdbx_nmr_ensemble.average_torsion_angle_constraint_violation    ? 
_pdbx_nmr_ensemble.conformer_selection_criteria                  'all calculated structures submitted' 
_pdbx_nmr_ensemble.conformers_calculated_total_number            10 
_pdbx_nmr_ensemble.conformers_submitted_total_number             10 
_pdbx_nmr_ensemble.distance_constraint_violation_method          ? 
_pdbx_nmr_ensemble.entry_id                                      2LDA 
_pdbx_nmr_ensemble.maximum_distance_constraint_violation         ? 
_pdbx_nmr_ensemble.maximum_lower_distance_constraint_violation   ? 
_pdbx_nmr_ensemble.maximum_torsion_angle_constraint_violation    ? 
_pdbx_nmr_ensemble.maximum_upper_distance_constraint_violation   ? 
_pdbx_nmr_ensemble.torsion_angle_constraint_violation_method     ? 
# 
_pdbx_nmr_representative.conformer_id         1 
_pdbx_nmr_representative.entry_id             2LDA 
_pdbx_nmr_representative.selection_criteria   'closest to the average' 
# 
loop_
_pdbx_nmr_sample_details.contents 
_pdbx_nmr_sample_details.solution_id 
_pdbx_nmr_sample_details.solvent_system 
'5 mM stapled peptide SP2, 90% H2O/10% D2O' 1 '90% H2O/10% D2O' 
'5 mM stapled peptide SP2, 100% D2O'        2 '100% D2O'        
# 
loop_
_pdbx_nmr_exptl_sample.component 
_pdbx_nmr_exptl_sample.concentration 
_pdbx_nmr_exptl_sample.concentration_range 
_pdbx_nmr_exptl_sample.concentration_units 
_pdbx_nmr_exptl_sample.isotopic_labeling 
_pdbx_nmr_exptl_sample.solution_id 
'stapled peptide SP2-1' 5 ? mM ? 1 
'stapled peptide SP2-2' 5 ? mM ? 2 
# 
_pdbx_nmr_exptl_sample_conditions.conditions_id       1 
_pdbx_nmr_exptl_sample_conditions.ionic_strength      50 
_pdbx_nmr_exptl_sample_conditions.pH                  5.5 
_pdbx_nmr_exptl_sample_conditions.pressure            ambient 
_pdbx_nmr_exptl_sample_conditions.pressure_units      ? 
_pdbx_nmr_exptl_sample_conditions.temperature         298 
_pdbx_nmr_exptl_sample_conditions.temperature_units   K 
# 
loop_
_pdbx_nmr_exptl.conditions_id 
_pdbx_nmr_exptl.experiment_id 
_pdbx_nmr_exptl.solution_id 
_pdbx_nmr_exptl.type 
1 1 1 '2D 1H-1H COSY'  
1 2 1 '2D 1H-1H TOCSY' 
1 3 1 '2D 1H-1H NOESY' 
1 4 2 '2D 1H-1H COSY'  
1 5 2 '2D 1H-1H TOCSY' 
1 6 2 '2D 1H-1H NOESY' 
# 
_pdbx_nmr_refine.entry_id           2LDA 
_pdbx_nmr_refine.method             'simulated annealing' 
_pdbx_nmr_refine.details            ? 
_pdbx_nmr_refine.software_ordinal   1 
# 
loop_
_pdbx_nmr_software.authors 
_pdbx_nmr_software.classification 
_pdbx_nmr_software.name 
_pdbx_nmr_software.version 
_pdbx_nmr_software.ordinal 
Varian                                              collection                  VNMR     ?   1 
'Andy Pickford'                                     'structure solution'        NMRSwarm 0.1 2 
'Andy Pickford'                                     'data analysis'             NMRSwarm 0.1 3 
'Delaglio, Grzesiek, Vuister, Zhu, Pfeifer and Bax' processing                  NMRPipe  ?   4 
CCPN                                                'chemical shift assignment' Analysis ?   5 
?                                                   refinement                  NMRSwarm ?   6 
# 
loop_
_chem_comp_atom.comp_id 
_chem_comp_atom.atom_id 
_chem_comp_atom.type_symbol 
_chem_comp_atom.pdbx_aromatic_flag 
_chem_comp_atom.pdbx_stereo_config 
_chem_comp_atom.pdbx_ordinal 
ACE C    C N N 1   
ACE O    O N N 2   
ACE CH3  C N N 3   
ACE H    H N N 4   
ACE H1   H N N 5   
ACE H2   H N N 6   
ACE H3   H N N 7   
ASP N    N N N 8   
ASP CA   C N S 9   
ASP C    C N N 10  
ASP O    O N N 11  
ASP CB   C N N 12  
ASP CG   C N N 13  
ASP OD1  O N N 14  
ASP OD2  O N N 15  
ASP OXT  O N N 16  
ASP H    H N N 17  
ASP H2   H N N 18  
ASP HA   H N N 19  
ASP HB2  H N N 20  
ASP HB3  H N N 21  
ASP HD2  H N N 22  
ASP HXT  H N N 23  
GLN N    N N N 24  
GLN CA   C N S 25  
GLN C    C N N 26  
GLN O    O N N 27  
GLN CB   C N N 28  
GLN CG   C N N 29  
GLN CD   C N N 30  
GLN OE1  O N N 31  
GLN NE2  N N N 32  
GLN OXT  O N N 33  
GLN H    H N N 34  
GLN H2   H N N 35  
GLN HA   H N N 36  
GLN HB2  H N N 37  
GLN HB3  H N N 38  
GLN HG2  H N N 39  
GLN HG3  H N N 40  
GLN HE21 H N N 41  
GLN HE22 H N N 42  
GLN HXT  H N N 43  
HIS N    N N N 44  
HIS CA   C N S 45  
HIS C    C N N 46  
HIS O    O N N 47  
HIS CB   C N N 48  
HIS CG   C Y N 49  
HIS ND1  N Y N 50  
HIS CD2  C Y N 51  
HIS CE1  C Y N 52  
HIS NE2  N Y N 53  
HIS OXT  O N N 54  
HIS H    H N N 55  
HIS H2   H N N 56  
HIS HA   H N N 57  
HIS HB2  H N N 58  
HIS HB3  H N N 59  
HIS HD1  H N N 60  
HIS HD2  H N N 61  
HIS HE1  H N N 62  
HIS HE2  H N N 63  
HIS HXT  H N N 64  
LEU N    N N N 65  
LEU CA   C N S 66  
LEU C    C N N 67  
LEU O    O N N 68  
LEU CB   C N N 69  
LEU CG   C N N 70  
LEU CD1  C N N 71  
LEU CD2  C N N 72  
LEU OXT  O N N 73  
LEU H    H N N 74  
LEU H2   H N N 75  
LEU HA   H N N 76  
LEU HB2  H N N 77  
LEU HB3  H N N 78  
LEU HG   H N N 79  
LEU HD11 H N N 80  
LEU HD12 H N N 81  
LEU HD13 H N N 82  
LEU HD21 H N N 83  
LEU HD22 H N N 84  
LEU HD23 H N N 85  
LEU HXT  H N N 86  
LYS N    N N N 87  
LYS CA   C N S 88  
LYS C    C N N 89  
LYS O    O N N 90  
LYS CB   C N N 91  
LYS CG   C N N 92  
LYS CD   C N N 93  
LYS CE   C N N 94  
LYS NZ   N N N 95  
LYS OXT  O N N 96  
LYS H    H N N 97  
LYS H2   H N N 98  
LYS HA   H N N 99  
LYS HB2  H N N 100 
LYS HB3  H N N 101 
LYS HG2  H N N 102 
LYS HG3  H N N 103 
LYS HD2  H N N 104 
LYS HD3  H N N 105 
LYS HE2  H N N 106 
LYS HE3  H N N 107 
LYS HZ1  H N N 108 
LYS HZ2  H N N 109 
LYS HZ3  H N N 110 
LYS HXT  H N N 111 
MK8 C    C N N 112 
MK8 N    N N N 113 
MK8 O    O N N 114 
MK8 CA   C N S 115 
MK8 CB   C N N 116 
MK8 CD   C N N 117 
MK8 CE   C N N 118 
MK8 CG   C N N 119 
MK8 CB1  C N N 120 
MK8 OXT  O N N 121 
MK8 H    H N N 122 
MK8 H2   H N N 123 
MK8 HB   H N N 124 
MK8 HBA  H N N 125 
MK8 HD   H N N 126 
MK8 HDA  H N N 127 
MK8 HE   H N N 128 
MK8 HEA  H N N 129 
MK8 HEB  H N N 130 
MK8 HG   H N N 131 
MK8 HGA  H N N 132 
MK8 HB1  H N N 133 
MK8 HB1A H N N 134 
MK8 HB1B H N N 135 
MK8 HXT  H N N 136 
NH2 N    N N N 137 
NH2 HN1  H N N 138 
NH2 HN2  H N N 139 
SER N    N N N 140 
SER CA   C N S 141 
SER C    C N N 142 
SER O    O N N 143 
SER CB   C N N 144 
SER OG   O N N 145 
SER OXT  O N N 146 
SER H    H N N 147 
SER H2   H N N 148 
SER HA   H N N 149 
SER HB2  H N N 150 
SER HB3  H N N 151 
SER HG   H N N 152 
SER HXT  H N N 153 
# 
loop_
_chem_comp_bond.comp_id 
_chem_comp_bond.atom_id_1 
_chem_comp_bond.atom_id_2 
_chem_comp_bond.value_order 
_chem_comp_bond.pdbx_aromatic_flag 
_chem_comp_bond.pdbx_stereo_config 
_chem_comp_bond.pdbx_ordinal 
ACE C   O    doub N N 1   
ACE C   CH3  sing N N 2   
ACE C   H    sing N N 3   
ACE CH3 H1   sing N N 4   
ACE CH3 H2   sing N N 5   
ACE CH3 H3   sing N N 6   
ASP N   CA   sing N N 7   
ASP N   H    sing N N 8   
ASP N   H2   sing N N 9   
ASP CA  C    sing N N 10  
ASP CA  CB   sing N N 11  
ASP CA  HA   sing N N 12  
ASP C   O    doub N N 13  
ASP C   OXT  sing N N 14  
ASP CB  CG   sing N N 15  
ASP CB  HB2  sing N N 16  
ASP CB  HB3  sing N N 17  
ASP CG  OD1  doub N N 18  
ASP CG  OD2  sing N N 19  
ASP OD2 HD2  sing N N 20  
ASP OXT HXT  sing N N 21  
GLN N   CA   sing N N 22  
GLN N   H    sing N N 23  
GLN N   H2   sing N N 24  
GLN CA  C    sing N N 25  
GLN CA  CB   sing N N 26  
GLN CA  HA   sing N N 27  
GLN C   O    doub N N 28  
GLN C   OXT  sing N N 29  
GLN CB  CG   sing N N 30  
GLN CB  HB2  sing N N 31  
GLN CB  HB3  sing N N 32  
GLN CG  CD   sing N N 33  
GLN CG  HG2  sing N N 34  
GLN CG  HG3  sing N N 35  
GLN CD  OE1  doub N N 36  
GLN CD  NE2  sing N N 37  
GLN NE2 HE21 sing N N 38  
GLN NE2 HE22 sing N N 39  
GLN OXT HXT  sing N N 40  
HIS N   CA   sing N N 41  
HIS N   H    sing N N 42  
HIS N   H2   sing N N 43  
HIS CA  C    sing N N 44  
HIS CA  CB   sing N N 45  
HIS CA  HA   sing N N 46  
HIS C   O    doub N N 47  
HIS C   OXT  sing N N 48  
HIS CB  CG   sing N N 49  
HIS CB  HB2  sing N N 50  
HIS CB  HB3  sing N N 51  
HIS CG  ND1  sing Y N 52  
HIS CG  CD2  doub Y N 53  
HIS ND1 CE1  doub Y N 54  
HIS ND1 HD1  sing N N 55  
HIS CD2 NE2  sing Y N 56  
HIS CD2 HD2  sing N N 57  
HIS CE1 NE2  sing Y N 58  
HIS CE1 HE1  sing N N 59  
HIS NE2 HE2  sing N N 60  
HIS OXT HXT  sing N N 61  
LEU N   CA   sing N N 62  
LEU N   H    sing N N 63  
LEU N   H2   sing N N 64  
LEU CA  C    sing N N 65  
LEU CA  CB   sing N N 66  
LEU CA  HA   sing N N 67  
LEU C   O    doub N N 68  
LEU C   OXT  sing N N 69  
LEU CB  CG   sing N N 70  
LEU CB  HB2  sing N N 71  
LEU CB  HB3  sing N N 72  
LEU CG  CD1  sing N N 73  
LEU CG  CD2  sing N N 74  
LEU CG  HG   sing N N 75  
LEU CD1 HD11 sing N N 76  
LEU CD1 HD12 sing N N 77  
LEU CD1 HD13 sing N N 78  
LEU CD2 HD21 sing N N 79  
LEU CD2 HD22 sing N N 80  
LEU CD2 HD23 sing N N 81  
LEU OXT HXT  sing N N 82  
LYS N   CA   sing N N 83  
LYS N   H    sing N N 84  
LYS N   H2   sing N N 85  
LYS CA  C    sing N N 86  
LYS CA  CB   sing N N 87  
LYS CA  HA   sing N N 88  
LYS C   O    doub N N 89  
LYS C   OXT  sing N N 90  
LYS CB  CG   sing N N 91  
LYS CB  HB2  sing N N 92  
LYS CB  HB3  sing N N 93  
LYS CG  CD   sing N N 94  
LYS CG  HG2  sing N N 95  
LYS CG  HG3  sing N N 96  
LYS CD  CE   sing N N 97  
LYS CD  HD2  sing N N 98  
LYS CD  HD3  sing N N 99  
LYS CE  NZ   sing N N 100 
LYS CE  HE2  sing N N 101 
LYS CE  HE3  sing N N 102 
LYS NZ  HZ1  sing N N 103 
LYS NZ  HZ2  sing N N 104 
LYS NZ  HZ3  sing N N 105 
LYS OXT HXT  sing N N 106 
MK8 C   CA   sing N N 107 
MK8 C   OXT  sing N N 108 
MK8 N   H    sing N N 109 
MK8 N   H2   sing N N 110 
MK8 O   C    doub N N 111 
MK8 CA  N    sing N N 112 
MK8 CA  CB   sing N N 113 
MK8 CB  HB   sing N N 114 
MK8 CB  HBA  sing N N 115 
MK8 CD  CG   sing N N 116 
MK8 CD  HD   sing N N 117 
MK8 CD  HDA  sing N N 118 
MK8 CE  CD   sing N N 119 
MK8 CE  HE   sing N N 120 
MK8 CE  HEA  sing N N 121 
MK8 CE  HEB  sing N N 122 
MK8 CG  CB   sing N N 123 
MK8 CG  HG   sing N N 124 
MK8 CG  HGA  sing N N 125 
MK8 CB1 CA   sing N N 126 
MK8 CB1 HB1  sing N N 127 
MK8 CB1 HB1A sing N N 128 
MK8 CB1 HB1B sing N N 129 
MK8 OXT HXT  sing N N 130 
NH2 N   HN1  sing N N 131 
NH2 N   HN2  sing N N 132 
SER N   CA   sing N N 133 
SER N   H    sing N N 134 
SER N   H2   sing N N 135 
SER CA  C    sing N N 136 
SER CA  CB   sing N N 137 
SER CA  HA   sing N N 138 
SER C   O    doub N N 139 
SER C   OXT  sing N N 140 
SER CB  OG   sing N N 141 
SER CB  HB2  sing N N 142 
SER CB  HB3  sing N N 143 
SER OG  HG   sing N N 144 
SER OXT HXT  sing N N 145 
# 
_pdbx_nmr_spectrometer.field_strength    600 
_pdbx_nmr_spectrometer.manufacturer      Varian 
_pdbx_nmr_spectrometer.model             INOVA 
_pdbx_nmr_spectrometer.spectrometer_id   1 
_pdbx_nmr_spectrometer.type              'Varian INOVA' 
# 
_atom_sites.entry_id                    2LDA 
_atom_sites.fract_transf_matrix[1][1]   1.000000 
_atom_sites.fract_transf_matrix[1][2]   0.000000 
_atom_sites.fract_transf_matrix[1][3]   0.000000 
_atom_sites.fract_transf_matrix[2][1]   0.000000 
_atom_sites.fract_transf_matrix[2][2]   1.000000 
_atom_sites.fract_transf_matrix[2][3]   0.000000 
_atom_sites.fract_transf_matrix[3][1]   0.000000 
_atom_sites.fract_transf_matrix[3][2]   0.000000 
_atom_sites.fract_transf_matrix[3][3]   1.000000 
_atom_sites.fract_transf_vector[1]      0.00000 
_atom_sites.fract_transf_vector[2]      0.00000 
_atom_sites.fract_transf_vector[3]      0.00000 
# 
loop_
_atom_type.symbol 
C 
H 
N 
O 
# 
loop_
_atom_site.group_PDB 
_atom_site.id 
_atom_site.type_symbol 
_atom_site.label_atom_id 
_atom_site.label_alt_id 
_atom_site.label_comp_id 
_atom_site.label_asym_id 
_atom_site.label_entity_id 
_atom_site.label_seq_id 
_atom_site.pdbx_PDB_ins_code 
_atom_site.Cartn_x 
_atom_site.Cartn_y 
_atom_site.Cartn_z 
_atom_site.occupancy 
_atom_site.B_iso_or_equiv 
_atom_site.pdbx_formal_charge 
_atom_site.auth_seq_id 
_atom_site.auth_comp_id 
_atom_site.auth_asym_id 
_atom_site.auth_atom_id 
_atom_site.pdbx_PDB_model_num 
HETATM 1    C C    . ACE A 1 1  ? 5.567  3.198  -6.986 1.00 0.00 ? 0  ACE A C    1  
HETATM 2    O O    . ACE A 1 1  ? 4.785  2.230  -6.929 1.00 0.00 ? 0  ACE A O    1  
HETATM 3    C CH3  . ACE A 1 1  ? 5.303  4.309  -7.983 1.00 0.00 ? 0  ACE A CH3  1  
HETATM 4    H H1   . ACE A 1 1  ? 5.966  4.200  -8.829 1.00 0.00 ? 0  ACE A H1   1  
HETATM 5    H H2   . ACE A 1 1  ? 5.474  5.264  -7.511 1.00 0.00 ? 0  ACE A H2   1  
HETATM 6    H H3   . ACE A 1 1  ? 4.278  4.253  -8.320 1.00 0.00 ? 0  ACE A H3   1  
ATOM   7    N N    . HIS A 1 2  ? 6.696  3.357  -6.208 1.00 0.00 ? 1  HIS A N    1  
ATOM   8    C CA   . HIS A 1 2  ? 7.142  2.390  -5.182 1.00 0.00 ? 1  HIS A CA   1  
ATOM   9    C C    . HIS A 1 2  ? 6.287  2.504  -3.902 1.00 0.00 ? 1  HIS A C    1  
ATOM   10   O O    . HIS A 1 2  ? 6.126  1.491  -3.194 1.00 0.00 ? 1  HIS A O    1  
ATOM   11   C CB   . HIS A 1 2  ? 8.643  2.613  -4.871 1.00 0.00 ? 1  HIS A CB   1  
ATOM   12   C CG   . HIS A 1 2  ? 9.310  1.486  -4.126 1.00 0.00 ? 1  HIS A CG   1  
ATOM   13   N ND1  . HIS A 1 2  ? 9.384  0.199  -4.615 1.00 0.00 ? 1  HIS A ND1  1  
ATOM   14   C CD2  . HIS A 1 2  ? 9.931  1.465  -2.922 1.00 0.00 ? 1  HIS A CD2  1  
ATOM   15   C CE1  . HIS A 1 2  ? 10.019 -0.565 -3.744 1.00 0.00 ? 1  HIS A CE1  1  
ATOM   16   N NE2  . HIS A 1 2  ? 10.362 0.179  -2.709 1.00 0.00 ? 1  HIS A NE2  1  
ATOM   17   H H    . HIS A 1 2  ? 7.243  4.158  -6.355 1.00 0.00 ? 1  HIS A H    1  
ATOM   18   H HA   . HIS A 1 2  ? 7.019  1.397  -5.592 1.00 0.00 ? 1  HIS A HA   1  
ATOM   19   H HB2  . HIS A 1 2  ? 9.176  2.747  -5.800 1.00 0.00 ? 1  HIS A HB2  1  
ATOM   20   H HB3  . HIS A 1 2  ? 8.751  3.508  -4.277 1.00 0.00 ? 1  HIS A HB3  1  
ATOM   21   H HD1  . HIS A 1 2  ? 9.021  -0.109 -5.471 1.00 0.00 ? 1  HIS A HD1  1  
ATOM   22   H HD2  . HIS A 1 2  ? 10.062 2.304  -2.252 1.00 0.00 ? 1  HIS A HD2  1  
ATOM   23   H HE1  . HIS A 1 2  ? 10.228 -1.619 -3.861 1.00 0.00 ? 1  HIS A HE1  1  
ATOM   24   H HE2  . HIS A 1 2  ? 10.889 -0.126 -1.941 1.00 0.00 ? 1  HIS A HE2  1  
ATOM   25   N N    . LYS A 1 3  ? 5.766  3.757  -3.628 1.00 0.00 ? 2  LYS A N    1  
ATOM   26   C CA   . LYS A 1 3  ? 4.937  4.066  -2.432 1.00 0.00 ? 2  LYS A CA   1  
ATOM   27   C C    . LYS A 1 3  ? 3.547  3.448  -2.484 1.00 0.00 ? 2  LYS A C    1  
ATOM   28   O O    . LYS A 1 3  ? 3.112  2.829  -1.501 1.00 0.00 ? 2  LYS A O    1  
ATOM   29   C CB   . LYS A 1 3  ? 4.789  5.576  -2.204 1.00 0.00 ? 2  LYS A CB   1  
ATOM   30   C CG   . LYS A 1 3  ? 6.053  6.265  -1.722 1.00 0.00 ? 2  LYS A CG   1  
ATOM   31   C CD   . LYS A 1 3  ? 5.788  7.727  -1.398 1.00 0.00 ? 2  LYS A CD   1  
ATOM   32   C CE   . LYS A 1 3  ? 7.057  8.452  -0.967 1.00 0.00 ? 2  LYS A CE   1  
ATOM   33   N NZ   . LYS A 1 3  ? 7.647  7.866  0.271  1.00 0.00 ? 2  LYS A NZ   1  
ATOM   34   H H    . LYS A 1 3  ? 5.964  4.482  -4.253 1.00 0.00 ? 2  LYS A H    1  
ATOM   35   H HA   . LYS A 1 3  ? 5.449  3.646  -1.580 1.00 0.00 ? 2  LYS A HA   1  
ATOM   36   H HB2  . LYS A 1 3  ? 4.476  6.044  -3.121 1.00 0.00 ? 2  LYS A HB2  1  
ATOM   37   H HB3  . LYS A 1 3  ? 4.022  5.733  -1.460 1.00 0.00 ? 2  LYS A HB3  1  
ATOM   38   H HG2  . LYS A 1 3  ? 6.406  5.768  -0.830 1.00 0.00 ? 2  LYS A HG2  1  
ATOM   39   H HG3  . LYS A 1 3  ? 6.807  6.209  -2.489 1.00 0.00 ? 2  LYS A HG3  1  
ATOM   40   H HD2  . LYS A 1 3  ? 5.390  8.212  -2.276 1.00 0.00 ? 2  LYS A HD2  1  
ATOM   41   H HD3  . LYS A 1 3  ? 5.065  7.780  -0.597 1.00 0.00 ? 2  LYS A HD3  1  
ATOM   42   H HE2  . LYS A 1 3  ? 7.782  8.389  -1.766 1.00 0.00 ? 2  LYS A HE2  1  
ATOM   43   H HE3  . LYS A 1 3  ? 6.816  9.490  -0.784 1.00 0.00 ? 2  LYS A HE3  1  
ATOM   44   H HZ1  . LYS A 1 3  ? 7.708  8.589  1.015  1.00 0.00 ? 2  LYS A HZ1  1  
ATOM   45   H HZ2  . LYS A 1 3  ? 8.602  7.504  0.075  1.00 0.00 ? 2  LYS A HZ2  1  
ATOM   46   H HZ3  . LYS A 1 3  ? 7.055  7.081  0.611  1.00 0.00 ? 2  LYS A HZ3  1  
HETATM 47   C C    . MK8 A 1 4  ? 1.211  1.704  -3.315 1.00 0.00 ? 3  MK8 A C    1  
HETATM 48   N N    . MK8 A 1 4  ? 2.796  3.662  -3.643 1.00 0.00 ? 3  MK8 A N    1  
HETATM 49   O O    . MK8 A 1 4  ? 0.133  1.317  -2.811 1.00 0.00 ? 3  MK8 A O    1  
HETATM 50   C CA   . MK8 A 1 4  ? 1.376  3.185  -3.853 1.00 0.00 ? 3  MK8 A CA   1  
HETATM 51   C CB   . MK8 A 1 4  ? 1.045  3.257  -5.405 1.00 0.00 ? 3  MK8 A CB   1  
HETATM 52   C CD   . MK8 A 1 4  ? -0.385 1.203  -6.048 1.00 0.00 ? 3  MK8 A CD   1  
HETATM 53   C CE   . MK8 A 1 4  ? -1.776 0.507  -6.216 1.00 0.00 ? 3  MK8 A CE   1  
HETATM 54   C CG   . MK8 A 1 4  ? -0.335 2.721  -5.937 1.00 0.00 ? 3  MK8 A CG   1  
HETATM 55   C CB1  . MK8 A 1 4  ? 0.495  4.222  -3.088 1.00 0.00 ? 3  MK8 A CB1  1  
HETATM 56   H H    . MK8 A 1 4  ? 3.196  4.195  -4.354 1.00 0.00 ? 3  MK8 A H    1  
HETATM 57   H HB   . MK8 A 1 4  ? 1.821  2.712  -5.927 1.00 0.00 ? 3  MK8 A HB   1  
HETATM 58   H HBA  . MK8 A 1 4  ? 1.114  4.289  -5.706 1.00 0.00 ? 3  MK8 A HBA  1  
HETATM 59   H HD   . MK8 A 1 4  ? 0.082  0.803  -5.160 1.00 0.00 ? 3  MK8 A HD   1  
HETATM 60   H HDA  . MK8 A 1 4  ? 0.216  0.923  -6.896 1.00 0.00 ? 3  MK8 A HDA  1  
HETATM 61   H HE   . MK8 A 1 4  ? -2.157 0.437  -7.226 1.00 0.00 ? 3  MK8 A HE   1  
HETATM 62   H HG   . MK8 A 1 4  ? -0.517 3.152  -6.913 1.00 0.00 ? 3  MK8 A HG   1  
HETATM 63   H HGA  . MK8 A 1 4  ? -1.112 3.039  -5.260 1.00 0.00 ? 3  MK8 A HGA  1  
HETATM 64   H HB1  . MK8 A 1 4  ? 1.065  4.647  -2.274 1.00 0.00 ? 3  MK8 A HB1  1  
HETATM 65   H HB1A . MK8 A 1 4  ? -0.383 3.734  -2.696 1.00 0.00 ? 3  MK8 A HB1A 1  
HETATM 66   H HB1B . MK8 A 1 4  ? 0.196  5.008  -3.768 1.00 0.00 ? 3  MK8 A HB1B 1  
ATOM   67   N N    . LEU A 1 5  ? 2.349  0.907  -3.449 1.00 0.00 ? 4  LEU A N    1  
ATOM   68   C CA   . LEU A 1 5  ? 2.421  -0.513 -3.019 1.00 0.00 ? 4  LEU A CA   1  
ATOM   69   C C    . LEU A 1 5  ? 2.301  -0.626 -1.502 1.00 0.00 ? 4  LEU A C    1  
ATOM   70   O O    . LEU A 1 5  ? 1.443  -1.387 -1.018 1.00 0.00 ? 4  LEU A O    1  
ATOM   71   C CB   . LEU A 1 5  ? 3.743  -1.215 -3.497 1.00 0.00 ? 4  LEU A CB   1  
ATOM   72   C CG   . LEU A 1 5  ? 3.767  -2.779 -3.789 1.00 0.00 ? 4  LEU A CG   1  
ATOM   73   C CD1  . LEU A 1 5  ? 3.399  -3.669 -2.587 1.00 0.00 ? 4  LEU A CD1  1  
ATOM   74   C CD2  . LEU A 1 5  ? 2.911  -3.166 -5.000 1.00 0.00 ? 4  LEU A CD2  1  
ATOM   75   H H    . LEU A 1 5  ? 3.152  1.310  -3.852 1.00 0.00 ? 4  LEU A H    1  
ATOM   76   H HA   . LEU A 1 5  ? 1.582  -1.024 -3.459 1.00 0.00 ? 4  LEU A HA   1  
ATOM   77   H HB2  . LEU A 1 5  ? 4.055  -0.723 -4.405 1.00 0.00 ? 4  LEU A HB2  1  
ATOM   78   H HB3  . LEU A 1 5  ? 4.495  -1.017 -2.747 1.00 0.00 ? 4  LEU A HB3  1  
ATOM   79   H HG   . LEU A 1 5  ? 4.787  -3.034 -4.044 1.00 0.00 ? 4  LEU A HG   1  
ATOM   80   H HD11 . LEU A 1 5  ? 3.731  -4.680 -2.773 1.00 0.00 ? 4  LEU A HD11 1  
ATOM   81   H HD12 . LEU A 1 5  ? 2.326  -3.662 -2.455 1.00 0.00 ? 4  LEU A HD12 1  
ATOM   82   H HD13 . LEU A 1 5  ? 3.873  -3.288 -1.698 1.00 0.00 ? 4  LEU A HD13 1  
ATOM   83   H HD21 . LEU A 1 5  ? 1.992  -3.622 -4.659 1.00 0.00 ? 4  LEU A HD21 1  
ATOM   84   H HD22 . LEU A 1 5  ? 3.454  -3.872 -5.612 1.00 0.00 ? 4  LEU A HD22 1  
ATOM   85   H HD23 . LEU A 1 5  ? 2.685  -2.285 -5.580 1.00 0.00 ? 4  LEU A HD23 1  
ATOM   86   N N    . HIS A 1 6  ? 3.174  0.160  -0.757 1.00 0.00 ? 5  HIS A N    1  
ATOM   87   C CA   . HIS A 1 6  ? 3.198  0.198  0.731  1.00 0.00 ? 5  HIS A CA   1  
ATOM   88   C C    . HIS A 1 6  ? 1.795  0.472  1.299  1.00 0.00 ? 5  HIS A C    1  
ATOM   89   O O    . HIS A 1 6  ? 1.472  0.021  2.411  1.00 0.00 ? 5  HIS A O    1  
ATOM   90   C CB   . HIS A 1 6  ? 4.164  1.279  1.217  1.00 0.00 ? 5  HIS A CB   1  
ATOM   91   C CG   . HIS A 1 6  ? 5.605  0.926  1.014  1.00 0.00 ? 5  HIS A CG   1  
ATOM   92   N ND1  . HIS A 1 6  ? 6.147  0.672  -0.229 1.00 0.00 ? 5  HIS A ND1  1  
ATOM   93   C CD2  . HIS A 1 6  ? 6.621  0.779  1.901  1.00 0.00 ? 5  HIS A CD2  1  
ATOM   94   C CE1  . HIS A 1 6  ? 7.431  0.384  -0.098 1.00 0.00 ? 5  HIS A CE1  1  
ATOM   95   N NE2  . HIS A 1 6  ? 7.742  0.443  1.183  1.00 0.00 ? 5  HIS A NE2  1  
ATOM   96   H H    . HIS A 1 6  ? 3.813  0.734  -1.238 1.00 0.00 ? 5  HIS A H    1  
ATOM   97   H HA   . HIS A 1 6  ? 3.551  -0.761 1.087  1.00 0.00 ? 5  HIS A HA   1  
ATOM   98   H HB2  . HIS A 1 6  ? 3.968  2.194  0.679  1.00 0.00 ? 5  HIS A HB2  1  
ATOM   99   H HB3  . HIS A 1 6  ? 4.005  1.444  2.272  1.00 0.00 ? 5  HIS A HB3  1  
ATOM   100  H HD1  . HIS A 1 6  ? 5.662  0.701  -1.079 1.00 0.00 ? 5  HIS A HD1  1  
ATOM   101  H HD2  . HIS A 1 6  ? 6.562  0.901  2.975  1.00 0.00 ? 5  HIS A HD2  1  
ATOM   102  H HE1  . HIS A 1 6  ? 8.110  0.143  -0.902 1.00 0.00 ? 5  HIS A HE1  1  
ATOM   103  H HE2  . HIS A 1 6  ? 8.643  0.326  1.553  1.00 0.00 ? 5  HIS A HE2  1  
ATOM   104  N N    . GLN A 1 7  ? 0.998  1.256  0.493  1.00 0.00 ? 6  GLN A N    1  
ATOM   105  C CA   . GLN A 1 7  ? -0.380 1.681  0.837  1.00 0.00 ? 6  GLN A CA   1  
ATOM   106  C C    . GLN A 1 7  ? -1.426 0.555  0.823  1.00 0.00 ? 6  GLN A C    1  
ATOM   107  O O    . GLN A 1 7  ? -2.048 0.320  1.874  1.00 0.00 ? 6  GLN A O    1  
ATOM   108  C CB   . GLN A 1 7  ? -0.858 2.827  -0.070 1.00 0.00 ? 6  GLN A CB   1  
ATOM   109  C CG   . GLN A 1 7  ? -0.441 4.228  0.390  1.00 0.00 ? 6  GLN A CG   1  
ATOM   110  C CD   . GLN A 1 7  ? -1.161 4.686  1.647  1.00 0.00 ? 6  GLN A CD   1  
ATOM   111  O OE1  . GLN A 1 7  ? -1.076 4.044  2.693  1.00 0.00 ? 6  GLN A OE1  1  
ATOM   112  N NE2  . GLN A 1 7  ? -1.869 5.803  1.551  1.00 0.00 ? 6  GLN A NE2  1  
ATOM   113  H H    . GLN A 1 7  ? 1.389  1.576  -0.348 1.00 0.00 ? 6  GLN A H    1  
ATOM   114  H HA   . GLN A 1 7  ? -0.335 2.065  1.846  1.00 0.00 ? 6  GLN A HA   1  
ATOM   115  H HB2  . GLN A 1 7  ? -0.468 2.673  -1.061 1.00 0.00 ? 6  GLN A HB2  1  
ATOM   116  H HB3  . GLN A 1 7  ? -1.936 2.798  -0.118 1.00 0.00 ? 6  GLN A HB3  1  
ATOM   117  H HG2  . GLN A 1 7  ? 0.616  4.233  0.588  1.00 0.00 ? 6  GLN A HG2  1  
ATOM   118  H HG3  . GLN A 1 7  ? -0.658 4.928  -0.402 1.00 0.00 ? 6  GLN A HG3  1  
ATOM   119  H HE21 . GLN A 1 7  ? -1.891 6.268  0.689  1.00 0.00 ? 6  GLN A HE21 1  
ATOM   120  H HE22 . GLN A 1 7  ? -2.342 6.117  2.346  1.00 0.00 ? 6  GLN A HE22 1  
HETATM 121  C C    . MK8 A 1 8  ? -2.610 -2.250 0.606  1.00 0.00 ? 7  MK8 A C    1  
HETATM 122  N N    . MK8 A 1 8  ? -1.669 -0.113 -0.387 1.00 0.00 ? 7  MK8 A N    1  
HETATM 123  O O    . MK8 A 1 8  ? -3.587 -2.974 0.911  1.00 0.00 ? 7  MK8 A O    1  
HETATM 124  C CA   . MK8 A 1 8  ? -2.709 -1.197 -0.558 1.00 0.00 ? 7  MK8 A CA   1  
HETATM 125  C CB   . MK8 A 1 8  ? -2.574 -1.992 -1.907 1.00 0.00 ? 7  MK8 A CB   1  
HETATM 126  C CD   . MK8 A 1 8  ? -2.320 -0.095 -3.688 1.00 0.00 ? 7  MK8 A CD   1  
HETATM 127  C CE   . MK8 A 1 8  ? -2.586 -0.038 -5.224 1.00 0.00 ? 7  MK8 A CE   1  
HETATM 128  C CG   . MK8 A 1 8  ? -1.762 -1.396 -3.092 1.00 0.00 ? 7  MK8 A CG   1  
HETATM 129  C CB1  . MK8 A 1 8  ? -4.086 -0.514 -0.617 1.00 0.00 ? 7  MK8 A CB1  1  
HETATM 130  H H    . MK8 A 1 8  ? -1.169 0.148  -1.189 1.00 0.00 ? 7  MK8 A H    1  
HETATM 131  H HB   . MK8 A 1 8  ? -3.577 -2.178 -2.268 1.00 0.00 ? 7  MK8 A HB   1  
HETATM 132  H HBA  . MK8 A 1 8  ? -2.131 -2.948 -1.681 1.00 0.00 ? 7  MK8 A HBA  1  
HETATM 133  H HD   . MK8 A 1 8  ? -1.619 0.695  -3.444 1.00 0.00 ? 7  MK8 A HD   1  
HETATM 134  H HDA  . MK8 A 1 8  ? -3.247 0.120  -3.190 1.00 0.00 ? 7  MK8 A HDA  1  
HETATM 135  H HE   . MK8 A 1 8  ? -3.513 -0.476 -5.557 1.00 0.00 ? 7  MK8 A HE   1  
HETATM 136  H HG   . MK8 A 1 8  ? -1.740 -2.141 -3.875 1.00 0.00 ? 7  MK8 A HG   1  
HETATM 137  H HGA  . MK8 A 1 8  ? -0.763 -1.213 -2.764 1.00 0.00 ? 7  MK8 A HGA  1  
HETATM 138  H HB1  . MK8 A 1 8  ? -4.566 -0.590 0.344  1.00 0.00 ? 7  MK8 A HB1  1  
HETATM 139  H HB1A . MK8 A 1 8  ? -4.695 -1.001 -1.366 1.00 0.00 ? 7  MK8 A HB1A 1  
HETATM 140  H HB1B . MK8 A 1 8  ? -3.959 0.526  -0.879 1.00 0.00 ? 7  MK8 A HB1B 1  
ATOM   141  N N    . LEU A 1 9  ? -1.365 -2.340 1.201  1.00 0.00 ? 8  LEU A N    1  
ATOM   142  C CA   . LEU A 1 9  ? -1.014 -3.291 2.292  1.00 0.00 ? 8  LEU A CA   1  
ATOM   143  C C    . LEU A 1 9  ? -1.795 -3.044 3.593  1.00 0.00 ? 8  LEU A C    1  
ATOM   144  O O    . LEU A 1 9  ? -2.200 -4.026 4.246  1.00 0.00 ? 8  LEU A O    1  
ATOM   145  C CB   . LEU A 1 9  ? 0.524  -3.245 2.604  1.00 0.00 ? 8  LEU A CB   1  
ATOM   146  C CG   . LEU A 1 9  ? 1.307  -4.559 3.017  1.00 0.00 ? 8  LEU A CG   1  
ATOM   147  C CD1  . LEU A 1 9  ? 0.780  -5.271 4.281  1.00 0.00 ? 8  LEU A CD1  1  
ATOM   148  C CD2  . LEU A 1 9  ? 1.418  -5.547 1.852  1.00 0.00 ? 8  LEU A CD2  1  
ATOM   149  H H    . LEU A 1 9  ? -0.658 -1.761 0.861  1.00 0.00 ? 8  LEU A H    1  
ATOM   150  H HA   . LEU A 1 9  ? -1.257 -4.283 1.940  1.00 0.00 ? 8  LEU A HA   1  
ATOM   151  H HB2  . LEU A 1 9  ? 1.013  -2.859 1.726  1.00 0.00 ? 8  LEU A HB2  1  
ATOM   152  H HB3  . LEU A 1 9  ? 0.664  -2.525 3.398  1.00 0.00 ? 8  LEU A HB3  1  
ATOM   153  H HG   . LEU A 1 9  ? 2.318  -4.259 3.252  1.00 0.00 ? 8  LEU A HG   1  
ATOM   154  H HD11 . LEU A 1 9  ? 1.540  -5.256 5.048  1.00 0.00 ? 8  LEU A HD11 1  
ATOM   155  H HD12 . LEU A 1 9  ? 0.532  -6.294 4.041  1.00 0.00 ? 8  LEU A HD12 1  
ATOM   156  H HD13 . LEU A 1 9  ? -0.103 -4.762 4.638  1.00 0.00 ? 8  LEU A HD13 1  
ATOM   157  H HD21 . LEU A 1 9  ? 0.834  -6.428 2.069  1.00 0.00 ? 8  LEU A HD21 1  
ATOM   158  H HD22 . LEU A 1 9  ? 2.452  -5.825 1.715  1.00 0.00 ? 8  LEU A HD22 1  
ATOM   159  H HD23 . LEU A 1 9  ? 1.048  -5.082 0.950  1.00 0.00 ? 8  LEU A HD23 1  
ATOM   160  N N    . GLN A 1 10 ? -1.957 -1.721 3.970  1.00 0.00 ? 9  GLN A N    1  
ATOM   161  C CA   . GLN A 1 10 ? -2.641 -1.291 5.221  1.00 0.00 ? 9  GLN A CA   1  
ATOM   162  C C    . GLN A 1 10 ? -4.167 -1.284 5.097  1.00 0.00 ? 9  GLN A C    1  
ATOM   163  O O    . GLN A 1 10 ? -4.847 -1.671 6.068  1.00 0.00 ? 9  GLN A O    1  
ATOM   164  C CB   . GLN A 1 10 ? -2.151 0.101  5.671  1.00 0.00 ? 9  GLN A CB   1  
ATOM   165  C CG   . GLN A 1 10 ? -0.717 0.139  6.203  1.00 0.00 ? 9  GLN A CG   1  
ATOM   166  C CD   . GLN A 1 10 ? -0.547 -0.562 7.546  1.00 0.00 ? 9  GLN A CD   1  
ATOM   167  O OE1  . GLN A 1 10 ? -0.881 -1.737 7.691  1.00 0.00 ? 9  GLN A OE1  1  
ATOM   168  N NE2  . GLN A 1 10 ? -0.014 0.160  8.530  1.00 0.00 ? 9  GLN A NE2  1  
ATOM   169  H H    . GLN A 1 10 ? -1.571 -1.030 3.396  1.00 0.00 ? 9  GLN A H    1  
ATOM   170  H HA   . GLN A 1 10 ? -2.376 -2.004 5.986  1.00 0.00 ? 9  GLN A HA   1  
ATOM   171  H HB2  . GLN A 1 10 ? -2.208 0.778  4.834  1.00 0.00 ? 9  GLN A HB2  1  
ATOM   172  H HB3  . GLN A 1 10 ? -2.807 0.461  6.451  1.00 0.00 ? 9  GLN A HB3  1  
ATOM   173  H HG2  . GLN A 1 10 ? -0.069 -0.338 5.486  1.00 0.00 ? 9  GLN A HG2  1  
ATOM   174  H HG3  . GLN A 1 10 ? -0.422 1.172  6.317  1.00 0.00 ? 9  GLN A HG3  1  
ATOM   175  H HE21 . GLN A 1 10 ? 0.236  1.089  8.340  1.00 0.00 ? 9  GLN A HE21 1  
ATOM   176  H HE22 . GLN A 1 10 ? 0.109  -0.267 9.405  1.00 0.00 ? 9  GLN A HE22 1  
ATOM   177  N N    . ASP A 1 11 ? -4.682 -0.837 3.894  1.00 0.00 ? 10 ASP A N    1  
ATOM   178  C CA   . ASP A 1 11 ? -6.132 -0.756 3.593  1.00 0.00 ? 10 ASP A CA   1  
ATOM   179  C C    . ASP A 1 11 ? -6.741 -2.163 3.491  1.00 0.00 ? 10 ASP A C    1  
ATOM   180  O O    . ASP A 1 11 ? -7.850 -2.390 4.011  1.00 0.00 ? 10 ASP A O    1  
ATOM   181  C CB   . ASP A 1 11 ? -6.370 0.058  2.300  1.00 0.00 ? 10 ASP A CB   1  
ATOM   182  C CG   . ASP A 1 11 ? -7.841 0.232  1.946  1.00 0.00 ? 10 ASP A CG   1  
ATOM   183  O OD1  . ASP A 1 11 ? -8.586 0.802  2.768  1.00 0.00 ? 10 ASP A OD1  1  
ATOM   184  O OD2  . ASP A 1 11 ? -8.243 -0.208 0.849  1.00 0.00 ? 10 ASP A OD2  1  
ATOM   185  H H    . ASP A 1 11 ? -4.052 -0.560 3.201  1.00 0.00 ? 10 ASP A H    1  
ATOM   186  H HA   . ASP A 1 11 ? -6.605 -0.241 4.421  1.00 0.00 ? 10 ASP A HA   1  
ATOM   187  H HB2  . ASP A 1 11 ? -5.945 1.045  2.423  1.00 0.00 ? 10 ASP A HB2  1  
ATOM   188  H HB3  . ASP A 1 11 ? -5.877 -0.434 1.478  1.00 0.00 ? 10 ASP A HB3  1  
ATOM   189  N N    . SER A 1 12 ? -5.984 -3.083 2.802  1.00 0.00 ? 11 SER A N    1  
ATOM   190  C CA   . SER A 1 12 ? -6.378 -4.492 2.578  1.00 0.00 ? 11 SER A CA   1  
ATOM   191  C C    . SER A 1 12 ? -6.027 -5.363 3.796  1.00 0.00 ? 11 SER A C    1  
ATOM   192  O O    . SER A 1 12 ? -6.185 -6.586 3.766  1.00 0.00 ? 11 SER A O    1  
ATOM   193  C CB   . SER A 1 12 ? -5.697 -5.018 1.298  1.00 0.00 ? 11 SER A CB   1  
ATOM   194  O OG   . SER A 1 12 ? -5.844 -4.091 0.235  1.00 0.00 ? 11 SER A OG   1  
ATOM   195  H H    . SER A 1 12 ? -5.128 -2.784 2.436  1.00 0.00 ? 11 SER A H    1  
ATOM   196  H HA   . SER A 1 12 ? -7.451 -4.517 2.437  1.00 0.00 ? 11 SER A HA   1  
ATOM   197  H HB2  . SER A 1 12 ? -4.642 -5.165 1.481  1.00 0.00 ? 11 SER A HB2  1  
ATOM   198  H HB3  . SER A 1 12 ? -6.144 -5.957 0.998  1.00 0.00 ? 11 SER A HB3  1  
ATOM   199  H HG   . SER A 1 12 ? -6.687 -4.234 -0.202 1.00 0.00 ? 11 SER A HG   1  
HETATM 200  N N    . NH2 A 1 13 ? -5.637 -4.726 4.906  1.00 0.00 ? 12 NH2 A N    1  
HETATM 201  H HN1  . NH2 A 1 13 ? -5.589 -3.747 4.889  1.00 0.00 ? 12 NH2 A HN1  1  
HETATM 202  H HN2  . NH2 A 1 13 ? -5.425 -5.264 5.703  1.00 0.00 ? 12 NH2 A HN2  1  
HETATM 203  C C    . ACE A 1 1  ? 5.804  2.815  -6.765 1.00 0.00 ? 0  ACE A C    2  
HETATM 204  O O    . ACE A 1 1  ? 4.918  1.943  -6.665 1.00 0.00 ? 0  ACE A O    2  
HETATM 205  C CH3  . ACE A 1 1  ? 5.703  3.853  -7.863 1.00 0.00 ? 0  ACE A CH3  2  
HETATM 206  H H1   . ACE A 1 1  ? 4.689  4.219  -7.919 1.00 0.00 ? 0  ACE A H1   2  
HETATM 207  H H2   . ACE A 1 1  ? 5.979  3.406  -8.807 1.00 0.00 ? 0  ACE A H2   2  
HETATM 208  H H3   . ACE A 1 1  ? 6.372  4.673  -7.644 1.00 0.00 ? 0  ACE A H3   2  
ATOM   209  N N    . HIS A 1 2  ? 6.910  2.925  -5.949 1.00 0.00 ? 1  HIS A N    2  
ATOM   210  C CA   . HIS A 1 2  ? 7.207  2.014  -4.824 1.00 0.00 ? 1  HIS A CA   2  
ATOM   211  C C    . HIS A 1 2  ? 6.319  2.336  -3.607 1.00 0.00 ? 1  HIS A C    2  
ATOM   212  O O    . HIS A 1 2  ? 6.066  1.436  -2.786 1.00 0.00 ? 1  HIS A O    2  
ATOM   213  C CB   . HIS A 1 2  ? 8.702  2.110  -4.456 1.00 0.00 ? 1  HIS A CB   2  
ATOM   214  C CG   . HIS A 1 2  ? 9.218  0.957  -3.640 1.00 0.00 ? 1  HIS A CG   2  
ATOM   215  N ND1  . HIS A 1 2  ? 9.213  -0.348 -4.090 1.00 0.00 ? 1  HIS A ND1  2  
ATOM   216  C CD2  . HIS A 1 2  ? 9.763  0.921  -2.399 1.00 0.00 ? 1  HIS A CD2  2  
ATOM   217  C CE1  . HIS A 1 2  ? 9.730  -1.134 -3.162 1.00 0.00 ? 1  HIS A CE1  2  
ATOM   218  N NE2  . HIS A 1 2  ? 10.071 -0.390 -2.128 1.00 0.00 ? 1  HIS A NE2  2  
ATOM   219  H H    . HIS A 1 2  ? 7.546  3.649  -6.134 1.00 0.00 ? 1  HIS A H    2  
ATOM   220  H HA   . HIS A 1 2  ? 6.995  1.009  -5.154 1.00 0.00 ? 1  HIS A HA   2  
ATOM   221  H HB2  . HIS A 1 2  ? 9.284  2.151  -5.365 1.00 0.00 ? 1  HIS A HB2  2  
ATOM   222  H HB3  . HIS A 1 2  ? 8.872  3.015  -3.892 1.00 0.00 ? 1  HIS A HB3  2  
ATOM   223  H HD1  . HIS A 1 2  ? 8.880  -0.651 -4.960 1.00 0.00 ? 1  HIS A HD1  2  
ATOM   224  H HD2  . HIS A 1 2  ? 9.925  1.766  -1.745 1.00 0.00 ? 1  HIS A HD2  2  
ATOM   225  H HE1  . HIS A 1 2  ? 9.855  -2.206 -3.239 1.00 0.00 ? 1  HIS A HE1  2  
ATOM   226  H HE2  . HIS A 1 2  ? 10.403 -0.730 -1.271 1.00 0.00 ? 1  HIS A HE2  2  
ATOM   227  N N    . LYS A 1 3  ? 5.871  3.642  -3.513 1.00 0.00 ? 2  LYS A N    2  
ATOM   228  C CA   . LYS A 1 3  ? 5.015  4.155  -2.406 1.00 0.00 ? 2  LYS A CA   2  
ATOM   229  C C    . LYS A 1 3  ? 3.564  3.628  -2.444 1.00 0.00 ? 2  LYS A C    2  
ATOM   230  O O    . LYS A 1 3  ? 3.014  3.241  -1.392 1.00 0.00 ? 2  LYS A O    2  
ATOM   231  C CB   . LYS A 1 3  ? 4.994  5.697  -2.374 1.00 0.00 ? 2  LYS A CB   2  
ATOM   232  C CG   . LYS A 1 3  ? 6.299  6.348  -1.919 1.00 0.00 ? 2  LYS A CG   2  
ATOM   233  C CD   . LYS A 1 3  ? 6.145  7.860  -1.797 1.00 0.00 ? 2  LYS A CD   2  
ATOM   234  C CE   . LYS A 1 3  ? 7.439  8.540  -1.361 1.00 0.00 ? 2  LYS A CE   2  
ATOM   235  N NZ   . LYS A 1 3  ? 7.902  8.070  -0.024 1.00 0.00 ? 2  LYS A NZ   2  
ATOM   236  H H    . LYS A 1 3  ? 6.142  4.268  -4.216 1.00 0.00 ? 2  LYS A H    2  
ATOM   237  H HA   . LYS A 1 3  ? 5.463  3.811  -1.488 1.00 0.00 ? 2  LYS A HA   2  
ATOM   238  H HB2  . LYS A 1 3  ? 4.761  6.067  -3.359 1.00 0.00 ? 2  LYS A HB2  2  
ATOM   239  H HB3  . LYS A 1 3  ? 4.214  6.012  -1.698 1.00 0.00 ? 2  LYS A HB3  2  
ATOM   240  H HG2  . LYS A 1 3  ? 6.575  5.946  -0.955 1.00 0.00 ? 2  LYS A HG2  2  
ATOM   241  H HG3  . LYS A 1 3  ? 7.075  6.134  -2.636 1.00 0.00 ? 2  LYS A HG3  2  
ATOM   242  H HD2  . LYS A 1 3  ? 5.850  8.258  -2.756 1.00 0.00 ? 2  LYS A HD2  2  
ATOM   243  H HD3  . LYS A 1 3  ? 5.377  8.073  -1.069 1.00 0.00 ? 2  LYS A HD3  2  
ATOM   244  H HE2  . LYS A 1 3  ? 8.207  8.334  -2.091 1.00 0.00 ? 2  LYS A HE2  2  
ATOM   245  H HE3  . LYS A 1 3  ? 7.269  9.608  -1.315 1.00 0.00 ? 2  LYS A HE3  2  
ATOM   246  H HZ1  . LYS A 1 3  ? 8.554  8.765  0.393  1.00 0.00 ? 2  LYS A HZ1  2  
ATOM   247  H HZ2  . LYS A 1 3  ? 8.395  7.159  -0.117 1.00 0.00 ? 2  LYS A HZ2  2  
ATOM   248  H HZ3  . LYS A 1 3  ? 7.087  7.948  0.612  1.00 0.00 ? 2  LYS A HZ3  2  
HETATM 249  C C    . MK8 A 1 4  ? 1.190  1.858  -3.133 1.00 0.00 ? 3  MK8 A C    2  
HETATM 250  N N    . MK8 A 1 4  ? 2.902  3.654  -3.674 1.00 0.00 ? 3  MK8 A N    2  
HETATM 251  O O    . MK8 A 1 4  ? 0.291  1.741  -2.264 1.00 0.00 ? 3  MK8 A O    2  
HETATM 252  C CA   . MK8 A 1 4  ? 1.460  3.231  -3.886 1.00 0.00 ? 3  MK8 A CA   2  
HETATM 253  C CB   . MK8 A 1 4  ? 1.208  3.028  -5.443 1.00 0.00 ? 3  MK8 A CB   2  
HETATM 254  C CD   . MK8 A 1 4  ? -0.547 1.092  -5.695 1.00 0.00 ? 3  MK8 A CD   2  
HETATM 255  C CE   . MK8 A 1 4  ? -1.772 0.477  -6.411 1.00 0.00 ? 3  MK8 A CE   2  
HETATM 256  C CG   . MK8 A 1 4  ? -0.205 2.557  -5.979 1.00 0.00 ? 3  MK8 A CG   2  
HETATM 257  C CB1  . MK8 A 1 4  ? 0.601  4.440  -3.361 1.00 0.00 ? 3  MK8 A CB1  2  
HETATM 258  H H    . MK8 A 1 4  ? 3.386  4.003  -4.448 1.00 0.00 ? 3  MK8 A H    2  
HETATM 259  H HB   . MK8 A 1 4  ? 1.936  2.308  -5.794 1.00 0.00 ? 3  MK8 A HB   2  
HETATM 260  H HBA  . MK8 A 1 4  ? 1.420  3.966  -5.928 1.00 0.00 ? 3  MK8 A HBA  2  
HETATM 261  H HD   . MK8 A 1 4  ? -0.718 1.006  -4.629 1.00 0.00 ? 3  MK8 A HD   2  
HETATM 262  H HDA  . MK8 A 1 4  ? 0.310  0.493  -5.944 1.00 0.00 ? 3  MK8 A HDA  2  
HETATM 263  H HE   . MK8 A 1 4  ? -2.010 0.877  -7.386 1.00 0.00 ? 3  MK8 A HE   2  
HETATM 264  H HG   . MK8 A 1 4  ? -0.233 2.718  -7.049 1.00 0.00 ? 3  MK8 A HG   2  
HETATM 265  H HGA  . MK8 A 1 4  ? -0.962 3.170  -5.517 1.00 0.00 ? 3  MK8 A HGA  2  
HETATM 266  H HB1  . MK8 A 1 4  ? 0.201  4.201  -2.386 1.00 0.00 ? 3  MK8 A HB1  2  
HETATM 267  H HB1A . MK8 A 1 4  ? -0.212 4.628  -4.045 1.00 0.00 ? 3  MK8 A HB1A 2  
HETATM 268  H HB1B . MK8 A 1 4  ? 1.223  5.321  -3.291 1.00 0.00 ? 3  MK8 A HB1B 2  
ATOM   269  N N    . LEU A 1 5  ? 1.993  0.801  -3.559 1.00 0.00 ? 4  LEU A N    2  
ATOM   270  C CA   . LEU A 1 5  ? 1.886  -0.592 -3.042 1.00 0.00 ? 4  LEU A CA   2  
ATOM   271  C C    . LEU A 1 5  ? 1.965  -0.654 -1.518 1.00 0.00 ? 4  LEU A C    2  
ATOM   272  O O    . LEU A 1 5  ? 1.345  -1.560 -0.925 1.00 0.00 ? 4  LEU A O    2  
ATOM   273  C CB   . LEU A 1 5  ? 2.932  -1.530 -3.692 1.00 0.00 ? 4  LEU A CB   2  
ATOM   274  C CG   . LEU A 1 5  ? 2.690  -3.056 -3.524 1.00 0.00 ? 4  LEU A CG   2  
ATOM   275  C CD1  . LEU A 1 5  ? 1.636  -3.591 -4.505 1.00 0.00 ? 4  LEU A CD1  2  
ATOM   276  C CD2  . LEU A 1 5  ? 3.995  -3.818 -3.691 1.00 0.00 ? 4  LEU A CD2  2  
ATOM   277  H H    . LEU A 1 5  ? 2.647  0.979  -4.268 1.00 0.00 ? 4  LEU A H    2  
ATOM   278  H HA   . LEU A 1 5  ? 0.908  -0.944 -3.323 1.00 0.00 ? 4  LEU A HA   2  
ATOM   279  H HB2  . LEU A 1 5  ? 2.964  -1.315 -4.751 1.00 0.00 ? 4  LEU A HB2  2  
ATOM   280  H HB3  . LEU A 1 5  ? 3.899  -1.298 -3.270 1.00 0.00 ? 4  LEU A HB3  2  
ATOM   281  H HG   . LEU A 1 5  ? 2.328  -3.243 -2.525 1.00 0.00 ? 4  LEU A HG   2  
ATOM   282  H HD11 . LEU A 1 5  ? 1.659  -3.009 -5.414 1.00 0.00 ? 4  LEU A HD11 2  
ATOM   283  H HD12 . LEU A 1 5  ? 0.655  -3.513 -4.054 1.00 0.00 ? 4  LEU A HD12 2  
ATOM   284  H HD13 . LEU A 1 5  ? 1.845  -4.626 -4.730 1.00 0.00 ? 4  LEU A HD13 2  
ATOM   285  H HD21 . LEU A 1 5  ? 4.658  -3.578 -2.873 1.00 0.00 ? 4  LEU A HD21 2  
ATOM   286  H HD22 . LEU A 1 5  ? 4.459  -3.539 -4.625 1.00 0.00 ? 4  LEU A HD22 2  
ATOM   287  H HD23 . LEU A 1 5  ? 3.794  -4.879 -3.691 1.00 0.00 ? 4  LEU A HD23 2  
ATOM   288  N N    . HIS A 1 6  ? 2.719  0.332  -0.903 1.00 0.00 ? 5  HIS A N    2  
ATOM   289  C CA   . HIS A 1 6  ? 2.889  0.442  0.563  1.00 0.00 ? 5  HIS A CA   2  
ATOM   290  C C    . HIS A 1 6  ? 1.518  0.689  1.200  1.00 0.00 ? 5  HIS A C    2  
ATOM   291  O O    . HIS A 1 6  ? 1.191  0.091  2.239  1.00 0.00 ? 5  HIS A O    2  
ATOM   292  C CB   . HIS A 1 6  ? 3.876  1.565  0.900  1.00 0.00 ? 5  HIS A CB   2  
ATOM   293  C CG   . HIS A 1 6  ? 4.659  1.343  2.160  1.00 0.00 ? 5  HIS A CG   2  
ATOM   294  N ND1  . HIS A 1 6  ? 4.081  1.271  3.410  1.00 0.00 ? 5  HIS A ND1  2  
ATOM   295  C CD2  . HIS A 1 6  ? 5.992  1.172  2.356  1.00 0.00 ? 5  HIS A CD2  2  
ATOM   296  C CE1  . HIS A 1 6  ? 5.024  1.065  4.317  1.00 0.00 ? 5  HIS A CE1  2  
ATOM   297  N NE2  . HIS A 1 6  ? 6.188  1.001  3.703  1.00 0.00 ? 5  HIS A NE2  2  
ATOM   298  H H    . HIS A 1 6  ? 3.153  1.003  -1.469 1.00 0.00 ? 5  HIS A H    2  
ATOM   299  H HA   . HIS A 1 6  ? 3.279  -0.496 0.923  1.00 0.00 ? 5  HIS A HA   2  
ATOM   300  H HB2  . HIS A 1 6  ? 4.584  1.661  0.089  1.00 0.00 ? 5  HIS A HB2  2  
ATOM   301  H HB3  . HIS A 1 6  ? 3.332  2.491  1.004  1.00 0.00 ? 5  HIS A HB3  2  
ATOM   302  H HD1  . HIS A 1 6  ? 3.124  1.359  3.606  1.00 0.00 ? 5  HIS A HD1  2  
ATOM   303  H HD2  . HIS A 1 6  ? 6.760  1.170  1.593  1.00 0.00 ? 5  HIS A HD2  2  
ATOM   304  H HE1  . HIS A 1 6  ? 4.869  0.966  5.381  1.00 0.00 ? 5  HIS A HE1  2  
ATOM   305  H HE2  . HIS A 1 6  ? 7.032  0.733  4.123  1.00 0.00 ? 5  HIS A HE2  2  
ATOM   306  N N    . GLN A 1 7  ? 0.730  1.584  0.515  1.00 0.00 ? 6  GLN A N    2  
ATOM   307  C CA   . GLN A 1 7  ? -0.644 1.975  0.917  1.00 0.00 ? 6  GLN A CA   2  
ATOM   308  C C    . GLN A 1 7  ? -1.651 0.815  0.832  1.00 0.00 ? 6  GLN A C    2  
ATOM   309  O O    . GLN A 1 7  ? -2.340 0.536  1.824  1.00 0.00 ? 6  GLN A O    2  
ATOM   310  C CB   . GLN A 1 7  ? -1.144 3.145  0.058  1.00 0.00 ? 6  GLN A CB   2  
ATOM   311  C CG   . GLN A 1 7  ? -0.590 4.502  0.473  1.00 0.00 ? 6  GLN A CG   2  
ATOM   312  C CD   . GLN A 1 7  ? -1.235 5.034  1.737  1.00 0.00 ? 6  GLN A CD   2  
ATOM   313  O OE1  . GLN A 1 7  ? -1.214 4.381  2.779  1.00 0.00 ? 6  GLN A OE1  2  
ATOM   314  N NE2  . GLN A 1 7  ? -1.812 6.225  1.652  1.00 0.00 ? 6  GLN A NE2  2  
ATOM   315  H H    . GLN A 1 7  ? 1.118  1.993  -0.293 1.00 0.00 ? 6  GLN A H    2  
ATOM   316  H HA   . GLN A 1 7  ? -0.601 2.301  1.945  1.00 0.00 ? 6  GLN A HA   2  
ATOM   317  H HB2  . GLN A 1 7  ? -0.871 2.970  -0.969 1.00 0.00 ? 6  GLN A HB2  2  
ATOM   318  H HB3  . GLN A 1 7  ? -2.220 3.188  0.127  1.00 0.00 ? 6  GLN A HB3  2  
ATOM   319  H HG2  . GLN A 1 7  ? 0.468  4.409  0.647  1.00 0.00 ? 6  GLN A HG2  2  
ATOM   320  H HG3  . GLN A 1 7  ? -0.759 5.207  -0.327 1.00 0.00 ? 6  GLN A HG3  2  
ATOM   321  H HE21 . GLN A 1 7  ? -1.790 6.692  0.790  1.00 0.00 ? 6  GLN A HE21 2  
ATOM   322  H HE22 . GLN A 1 7  ? -2.235 6.589  2.454  1.00 0.00 ? 6  GLN A HE22 2  
HETATM 323  C C    . MK8 A 1 8  ? -2.494 -2.098 0.426  1.00 0.00 ? 7  MK8 A C    2  
HETATM 324  N N    . MK8 A 1 8  ? -1.746 0.156  -0.387 1.00 0.00 ? 7  MK8 A N    2  
HETATM 325  O O    . MK8 A 1 8  ? -3.452 -2.828 0.818  1.00 0.00 ? 7  MK8 A O    2  
HETATM 326  C CA   . MK8 A 1 8  ? -2.685 -0.981 -0.677 1.00 0.00 ? 7  MK8 A CA   2  
HETATM 327  C CB   . MK8 A 1 8  ? -2.328 -1.636 -2.062 1.00 0.00 ? 7  MK8 A CB   2  
HETATM 328  C CD   . MK8 A 1 8  ? -2.549 -1.318 -4.585 1.00 0.00 ? 7  MK8 A CD   2  
HETATM 329  C CE   . MK8 A 1 8  ? -2.605 -0.523 -5.944 1.00 0.00 ? 7  MK8 A CE   2  
HETATM 330  C CG   . MK8 A 1 8  ? -2.025 -0.697 -3.272 1.00 0.00 ? 7  MK8 A CG   2  
HETATM 331  C CB1  . MK8 A 1 8  ? -4.157 -0.440 -0.727 1.00 0.00 ? 7  MK8 A CB1  2  
HETATM 332  H H    . MK8 A 1 8  ? -1.178 0.453  -1.111 1.00 0.00 ? 7  MK8 A H    2  
HETATM 333  H HB   . MK8 A 1 8  ? -3.146 -2.283 -2.343 1.00 0.00 ? 7  MK8 A HB   2  
HETATM 334  H HBA  . MK8 A 1 8  ? -1.453 -2.251 -1.916 1.00 0.00 ? 7  MK8 A HBA  2  
HETATM 335  H HD   . MK8 A 1 8  ? -3.558 -1.659 -4.374 1.00 0.00 ? 7  MK8 A HD   2  
HETATM 336  H HDA  . MK8 A 1 8  ? -1.955 -2.193 -4.777 1.00 0.00 ? 7  MK8 A HDA  2  
HETATM 337  H HE   . MK8 A 1 8  ? -3.405 -0.804 -6.617 1.00 0.00 ? 7  MK8 A HE   2  
HETATM 338  H HG   . MK8 A 1 8  ? -0.955 -0.560 -3.357 1.00 0.00 ? 7  MK8 A HG   2  
HETATM 339  H HGA  . MK8 A 1 8  ? -2.502 0.257  -3.101 1.00 0.00 ? 7  MK8 A HGA  2  
HETATM 340  H HB1  . MK8 A 1 8  ? -4.846 -1.254 -0.555 1.00 0.00 ? 7  MK8 A HB1  2  
HETATM 341  H HB1A . MK8 A 1 8  ? -4.347 -0.011 -1.700 1.00 0.00 ? 7  MK8 A HB1A 2  
HETATM 342  H HB1B . MK8 A 1 8  ? -4.291 0.315  0.031  1.00 0.00 ? 7  MK8 A HB1B 2  
ATOM   343  N N    . LEU A 1 9  ? -1.192 -2.229 0.881  1.00 0.00 ? 8  LEU A N    2  
ATOM   344  C CA   . LEU A 1 9  ? -0.753 -3.224 1.897  1.00 0.00 ? 8  LEU A CA   2  
ATOM   345  C C    . LEU A 1 9  ? -1.409 -2.982 3.270  1.00 0.00 ? 8  LEU A C    2  
ATOM   346  O O    . LEU A 1 9  ? -1.602 -3.954 4.026  1.00 0.00 ? 8  LEU A O    2  
ATOM   347  C CB   . LEU A 1 9  ? 0.790  -3.223 2.026  1.00 0.00 ? 8  LEU A CB   2  
ATOM   348  C CG   . LEU A 1 9  ? 1.427  -4.408 2.797  1.00 0.00 ? 8  LEU A CG   2  
ATOM   349  C CD1  . LEU A 1 9  ? 1.549  -5.659 1.925  1.00 0.00 ? 8  LEU A CD1  2  
ATOM   350  C CD2  . LEU A 1 9  ? 2.792  -4.011 3.337  1.00 0.00 ? 8  LEU A CD2  2  
ATOM   351  H H    . LEU A 1 9  ? -0.509 -1.640 0.490  1.00 0.00 ? 8  LEU A H    2  
ATOM   352  H HA   . LEU A 1 9  ? -1.063 -4.196 1.544  1.00 0.00 ? 8  LEU A HA   2  
ATOM   353  H HB2  . LEU A 1 9  ? 1.206  -3.213 1.030  1.00 0.00 ? 8  LEU A HB2  2  
ATOM   354  H HB3  . LEU A 1 9  ? 1.081  -2.311 2.524  1.00 0.00 ? 8  LEU A HB3  2  
ATOM   355  H HG   . LEU A 1 9  ? 0.798  -4.654 3.639  1.00 0.00 ? 8  LEU A HG   2  
ATOM   356  H HD11 . LEU A 1 9  ? 1.468  -5.384 0.885  1.00 0.00 ? 8  LEU A HD11 2  
ATOM   357  H HD12 . LEU A 1 9  ? 0.758  -6.351 2.178  1.00 0.00 ? 8  LEU A HD12 2  
ATOM   358  H HD13 . LEU A 1 9  ? 2.506  -6.129 2.101  1.00 0.00 ? 8  LEU A HD13 2  
ATOM   359  H HD21 . LEU A 1 9  ? 3.562  -4.519 2.775  1.00 0.00 ? 8  LEU A HD21 2  
ATOM   360  H HD22 . LEU A 1 9  ? 2.862  -4.291 4.378  1.00 0.00 ? 8  LEU A HD22 2  
ATOM   361  H HD23 . LEU A 1 9  ? 2.921  -2.943 3.243  1.00 0.00 ? 8  LEU A HD23 2  
ATOM   362  N N    . GLN A 1 10 ? -1.711 -1.665 3.578  1.00 0.00 ? 9  GLN A N    2  
ATOM   363  C CA   . GLN A 1 10 ? -2.311 -1.233 4.872  1.00 0.00 ? 9  GLN A CA   2  
ATOM   364  C C    . GLN A 1 10 ? -3.839 -1.411 4.950  1.00 0.00 ? 9  GLN A C    2  
ATOM   365  O O    . GLN A 1 10 ? -4.317 -2.002 5.938  1.00 0.00 ? 9  GLN A O    2  
ATOM   366  C CB   . GLN A 1 10 ? -1.940 0.220  5.201  1.00 0.00 ? 9  GLN A CB   2  
ATOM   367  C CG   . GLN A 1 10 ? -0.662 0.342  6.023  1.00 0.00 ? 9  GLN A CG   2  
ATOM   368  C CD   . GLN A 1 10 ? -0.578 1.647  6.799  1.00 0.00 ? 9  GLN A CD   2  
ATOM   369  O OE1  . GLN A 1 10 ? -1.472 1.974  7.577  1.00 0.00 ? 9  GLN A OE1  2  
ATOM   370  N NE2  . GLN A 1 10 ? 0.508  2.392  6.608  1.00 0.00 ? 9  GLN A NE2  2  
ATOM   371  H H    . GLN A 1 10 ? -1.491 -0.977 2.915  1.00 0.00 ? 9  GLN A H    2  
ATOM   372  H HA   . GLN A 1 10 ? -1.869 -1.859 5.636  1.00 0.00 ? 9  GLN A HA   2  
ATOM   373  H HB2  . GLN A 1 10 ? -1.802 0.765  4.279  1.00 0.00 ? 9  GLN A HB2  2  
ATOM   374  H HB3  . GLN A 1 10 ? -2.748 0.671  5.760  1.00 0.00 ? 9  GLN A HB3  2  
ATOM   375  H HG2  . GLN A 1 10 ? -0.625 -0.477 6.726  1.00 0.00 ? 9  GLN A HG2  2  
ATOM   376  H HG3  . GLN A 1 10 ? 0.185  0.281  5.357  1.00 0.00 ? 9  GLN A HG3  2  
ATOM   377  H HE21 . GLN A 1 10 ? 1.190  2.067  5.986  1.00 0.00 ? 9  GLN A HE21 2  
ATOM   378  H HE22 . GLN A 1 10 ? 0.584  3.238  7.102  1.00 0.00 ? 9  GLN A HE22 2  
ATOM   379  N N    . ASP A 1 11 ? -4.590 -0.851 3.926  1.00 0.00 ? 10 ASP A N    2  
ATOM   380  C CA   . ASP A 1 11 ? -6.084 -0.887 3.875  1.00 0.00 ? 10 ASP A CA   2  
ATOM   381  C C    . ASP A 1 11 ? -6.657 -2.312 3.667  1.00 0.00 ? 10 ASP A C    2  
ATOM   382  O O    . ASP A 1 11 ? -7.822 -2.547 4.038  1.00 0.00 ? 10 ASP A O    2  
ATOM   383  C CB   . ASP A 1 11 ? -6.610 0.074  2.782  1.00 0.00 ? 10 ASP A CB   2  
ATOM   384  C CG   . ASP A 1 11 ? -8.124 0.233  2.810  1.00 0.00 ? 10 ASP A CG   2  
ATOM   385  O OD1  . ASP A 1 11 ? -8.652 0.712  3.835  1.00 0.00 ? 10 ASP A OD1  2  
ATOM   386  O OD2  . ASP A 1 11 ? -8.778 -0.124 1.808  1.00 0.00 ? 10 ASP A OD2  2  
ATOM   387  H H    . ASP A 1 11 ? -4.114 -0.373 3.212  1.00 0.00 ? 10 ASP A H    2  
ATOM   388  H HA   . ASP A 1 11 ? -6.439 -0.523 4.832  1.00 0.00 ? 10 ASP A HA   2  
ATOM   389  H HB2  . ASP A 1 11 ? -6.173 1.051  2.931  1.00 0.00 ? 10 ASP A HB2  2  
ATOM   390  H HB3  . ASP A 1 11 ? -6.326 -0.293 1.808  1.00 0.00 ? 10 ASP A HB3  2  
ATOM   391  N N    . SER A 1 12 ? -5.830 -3.231 3.047  1.00 0.00 ? 11 SER A N    2  
ATOM   392  C CA   . SER A 1 12 ? -6.218 -4.637 2.736  1.00 0.00 ? 11 SER A CA   2  
ATOM   393  C C    . SER A 1 12 ? -6.039 -5.603 3.948  1.00 0.00 ? 11 SER A C    2  
ATOM   394  O O    . SER A 1 12 ? -6.074 -6.834 3.786  1.00 0.00 ? 11 SER A O    2  
ATOM   395  C CB   . SER A 1 12 ? -5.414 -5.103 1.501  1.00 0.00 ? 11 SER A CB   2  
ATOM   396  O OG   . SER A 1 12 ? -5.593 -4.213 0.411  1.00 0.00 ? 11 SER A OG   2  
ATOM   397  H H    . SER A 1 12 ? -4.939 -2.934 2.775  1.00 0.00 ? 11 SER A H    2  
ATOM   398  H HA   . SER A 1 12 ? -7.268 -4.627 2.472  1.00 0.00 ? 11 SER A HA   2  
ATOM   399  H HB2  . SER A 1 12 ? -4.364 -5.144 1.748  1.00 0.00 ? 11 SER A HB2  2  
ATOM   400  H HB3  . SER A 1 12 ? -5.751 -6.086 1.204  1.00 0.00 ? 11 SER A HB3  2  
ATOM   401  H HG   . SER A 1 12 ? -6.079 -4.655 -0.288 1.00 0.00 ? 11 SER A HG   2  
HETATM 402  N N    . NH2 A 1 13 ? -6.282 -5.093 5.155  1.00 0.00 ? 12 NH2 A N    2  
HETATM 403  H HN1  . NH2 A 1 13 ? -6.556 -4.165 5.223  1.00 0.00 ? 12 NH2 A HN1  2  
HETATM 404  H HN2  . NH2 A 1 13 ? -6.176 -5.683 5.933  1.00 0.00 ? 12 NH2 A HN2  2  
HETATM 405  C C    . ACE A 1 1  ? 5.750  2.982  -6.721 1.00 0.00 ? 0  ACE A C    3  
HETATM 406  O O    . ACE A 1 1  ? 4.896  2.078  -6.659 1.00 0.00 ? 0  ACE A O    3  
HETATM 407  C CH3  . ACE A 1 1  ? 5.635  4.041  -7.801 1.00 0.00 ? 0  ACE A CH3  3  
HETATM 408  H H1   . ACE A 1 1  ? 5.314  3.580  -8.725 1.00 0.00 ? 0  ACE A H1   3  
HETATM 409  H H2   . ACE A 1 1  ? 6.597  4.510  -7.951 1.00 0.00 ? 0  ACE A H2   3  
HETATM 410  H H3   . ACE A 1 1  ? 4.914  4.787  -7.502 1.00 0.00 ? 0  ACE A H3   3  
ATOM   411  N N    . HIS A 1 2  ? 6.836  3.111  -5.882 1.00 0.00 ? 1  HIS A N    3  
ATOM   412  C CA   . HIS A 1 2  ? 7.147  2.183  -4.772 1.00 0.00 ? 1  HIS A CA   3  
ATOM   413  C C    . HIS A 1 2  ? 6.238  2.434  -3.556 1.00 0.00 ? 1  HIS A C    3  
ATOM   414  O O    . HIS A 1 2  ? 5.955  1.480  -2.807 1.00 0.00 ? 1  HIS A O    3  
ATOM   415  C CB   . HIS A 1 2  ? 8.633  2.312  -4.382 1.00 0.00 ? 1  HIS A CB   3  
ATOM   416  C CG   . HIS A 1 2  ? 9.178  1.141  -3.613 1.00 0.00 ? 1  HIS A CG   3  
ATOM   417  N ND1  . HIS A 1 2  ? 8.651  0.720  -2.410 1.00 0.00 ? 1  HIS A ND1  3  
ATOM   418  C CD2  . HIS A 1 2  ? 10.216 0.311  -3.878 1.00 0.00 ? 1  HIS A CD2  3  
ATOM   419  C CE1  . HIS A 1 2  ? 9.340  -0.318 -1.969 1.00 0.00 ? 1  HIS A CE1  3  
ATOM   420  N NE2  . HIS A 1 2  ? 10.294 -0.586 -2.840 1.00 0.00 ? 1  HIS A NE2  3  
ATOM   421  H H    . HIS A 1 2  ? 7.449  3.859  -6.039 1.00 0.00 ? 1  HIS A H    3  
ATOM   422  H HA   . HIS A 1 2  ? 6.968  1.179  -5.130 1.00 0.00 ? 1  HIS A HA   3  
ATOM   423  H HB2  . HIS A 1 2  ? 9.222  2.417  -5.280 1.00 0.00 ? 1  HIS A HB2  3  
ATOM   424  H HB3  . HIS A 1 2  ? 8.765  3.195  -3.775 1.00 0.00 ? 1  HIS A HB3  3  
ATOM   425  H HD1  . HIS A 1 2  ? 7.885  1.121  -1.949 1.00 0.00 ? 1  HIS A HD1  3  
ATOM   426  H HD2  . HIS A 1 2  ? 10.865 0.348  -4.741 1.00 0.00 ? 1  HIS A HD2  3  
ATOM   427  H HE1  . HIS A 1 2  ? 9.155  -0.855 -1.050 1.00 0.00 ? 1  HIS A HE1  3  
ATOM   428  H HE2  . HIS A 1 2  ? 11.019 -1.230 -2.701 1.00 0.00 ? 1  HIS A HE2  3  
ATOM   429  N N    . LYS A 1 3  ? 5.800  3.737  -3.385 1.00 0.00 ? 2  LYS A N    3  
ATOM   430  C CA   . LYS A 1 3  ? 4.921  4.176  -2.267 1.00 0.00 ? 2  LYS A CA   3  
ATOM   431  C C    . LYS A 1 3  ? 3.490  3.644  -2.416 1.00 0.00 ? 2  LYS A C    3  
ATOM   432  O O    . LYS A 1 3  ? 2.868  3.254  -1.419 1.00 0.00 ? 2  LYS A O    3  
ATOM   433  C CB   . LYS A 1 3  ? 4.891  5.712  -2.126 1.00 0.00 ? 2  LYS A CB   3  
ATOM   434  C CG   . LYS A 1 3  ? 6.212  6.335  -1.675 1.00 0.00 ? 2  LYS A CG   3  
ATOM   435  C CD   . LYS A 1 3  ? 6.077  7.842  -1.487 1.00 0.00 ? 2  LYS A CD   3  
ATOM   436  C CE   . LYS A 1 3  ? 7.412  8.509  -1.158 1.00 0.00 ? 2  LYS A CE   3  
ATOM   437  N NZ   . LYS A 1 3  ? 8.417  8.326  -2.244 1.00 0.00 ? 2  LYS A NZ   3  
ATOM   438  H H    . LYS A 1 3  ? 6.087  4.404  -4.040 1.00 0.00 ? 2  LYS A H    3  
ATOM   439  H HA   . LYS A 1 3  ? 5.336  3.761  -1.363 1.00 0.00 ? 2  LYS A HA   3  
ATOM   440  H HB2  . LYS A 1 3  ? 4.617  6.149  -3.072 1.00 0.00 ? 2  LYS A HB2  3  
ATOM   441  H HB3  . LYS A 1 3  ? 4.137  5.971  -1.398 1.00 0.00 ? 2  LYS A HB3  3  
ATOM   442  H HG2  . LYS A 1 3  ? 6.504  5.890  -0.736 1.00 0.00 ? 2  LYS A HG2  3  
ATOM   443  H HG3  . LYS A 1 3  ? 6.970  6.143  -2.417 1.00 0.00 ? 2  LYS A HG3  3  
ATOM   444  H HD2  . LYS A 1 3  ? 5.691  8.273  -2.398 1.00 0.00 ? 2  LYS A HD2  3  
ATOM   445  H HD3  . LYS A 1 3  ? 5.386  8.030  -0.679 1.00 0.00 ? 2  LYS A HD3  3  
ATOM   446  H HE2  . LYS A 1 3  ? 7.242  9.566  -1.017 1.00 0.00 ? 2  LYS A HE2  3  
ATOM   447  H HE3  . LYS A 1 3  ? 7.802  8.087  -0.243 1.00 0.00 ? 2  LYS A HE3  3  
ATOM   448  H HZ1  . LYS A 1 3  ? 8.425  9.161  -2.865 1.00 0.00 ? 2  LYS A HZ1  3  
ATOM   449  H HZ2  . LYS A 1 3  ? 8.183  7.488  -2.811 1.00 0.00 ? 2  LYS A HZ2  3  
ATOM   450  H HZ3  . LYS A 1 3  ? 9.365  8.202  -1.837 1.00 0.00 ? 2  LYS A HZ3  3  
HETATM 451  C C    . MK8 A 1 4  ? 1.299  1.758  -3.380 1.00 0.00 ? 3  MK8 A C    3  
HETATM 452  N N    . MK8 A 1 4  ? 2.968  3.640  -3.698 1.00 0.00 ? 3  MK8 A N    3  
HETATM 453  O O    . MK8 A 1 4  ? 0.281  1.560  -2.654 1.00 0.00 ? 3  MK8 A O    3  
HETATM 454  C CA   . MK8 A 1 4  ? 1.590  3.177  -4.071 1.00 0.00 ? 3  MK8 A CA   3  
HETATM 455  C CB   . MK8 A 1 4  ? 1.569  3.116  -5.648 1.00 0.00 ? 3  MK8 A CB   3  
HETATM 456  C CD   . MK8 A 1 4  ? 0.724  0.861  -6.413 1.00 0.00 ? 3  MK8 A CD   3  
HETATM 457  C CE   . MK8 A 1 4  ? -0.432 -0.164 -6.641 1.00 0.00 ? 3  MK8 A CE   3  
HETATM 458  C CG   . MK8 A 1 4  ? 0.424  2.356  -6.379 1.00 0.00 ? 3  MK8 A CG   3  
HETATM 459  C CB1  . MK8 A 1 4  ? 0.598  4.298  -3.651 1.00 0.00 ? 3  MK8 A CB1  3  
HETATM 460  H H    . MK8 A 1 4  ? 3.536  3.972  -4.421 1.00 0.00 ? 3  MK8 A H    3  
HETATM 461  H HB   . MK8 A 1 4  ? 2.503  2.679  -5.969 1.00 0.00 ? 3  MK8 A HB   3  
HETATM 462  H HBA  . MK8 A 1 4  ? 1.543  4.131  -6.009 1.00 0.00 ? 3  MK8 A HBA  3  
HETATM 463  H HD   . MK8 A 1 4  ? 1.207  0.616  -5.479 1.00 0.00 ? 3  MK8 A HD   3  
HETATM 464  H HDA  . MK8 A 1 4  ? 1.441  0.701  -7.204 1.00 0.00 ? 3  MK8 A HDA  3  
HETATM 465  H HE   . MK8 A 1 4  ? -0.688 -0.385 -7.671 1.00 0.00 ? 3  MK8 A HE   3  
HETATM 466  H HG   . MK8 A 1 4  ? 0.353  2.731  -7.391 1.00 0.00 ? 3  MK8 A HG   3  
HETATM 467  H HGA  . MK8 A 1 4  ? -0.507 2.524  -5.859 1.00 0.00 ? 3  MK8 A HGA  3  
HETATM 468  H HB1  . MK8 A 1 4  ? 0.192  4.770  -4.535 1.00 0.00 ? 3  MK8 A HB1  3  
HETATM 469  H HB1A . MK8 A 1 4  ? 1.117  5.034  -3.057 1.00 0.00 ? 3  MK8 A HB1A 3  
HETATM 470  H HB1B . MK8 A 1 4  ? -0.206 3.869  -3.070 1.00 0.00 ? 3  MK8 A HB1B 3  
ATOM   471  N N    . LEU A 1 5  ? 2.234  0.778  -3.682 1.00 0.00 ? 4  LEU A N    3  
ATOM   472  C CA   . LEU A 1 5  ? 2.165  -0.625 -3.195 1.00 0.00 ? 4  LEU A CA   3  
ATOM   473  C C    . LEU A 1 5  ? 2.097  -0.700 -1.668 1.00 0.00 ? 4  LEU A C    3  
ATOM   474  O O    . LEU A 1 5  ? 1.434  -1.612 -1.134 1.00 0.00 ? 4  LEU A O    3  
ATOM   475  C CB   . LEU A 1 5  ? 3.361  -1.458 -3.717 1.00 0.00 ? 4  LEU A CB   3  
ATOM   476  C CG   . LEU A 1 5  ? 3.228  -3.002 -3.619 1.00 0.00 ? 4  LEU A CG   3  
ATOM   477  C CD1  . LEU A 1 5  ? 2.364  -3.585 -4.742 1.00 0.00 ? 4  LEU A CD1  3  
ATOM   478  C CD2  . LEU A 1 5  ? 4.601  -3.650 -3.641 1.00 0.00 ? 4  LEU A CD2  3  
ATOM   479  H H    . LEU A 1 5  ? 2.977  1.022  -4.275 1.00 0.00 ? 4  LEU A H    3  
ATOM   480  H HA   . LEU A 1 5  ? 1.258  -1.054 -3.591 1.00 0.00 ? 4  LEU A HA   3  
ATOM   481  H HB2  . LEU A 1 5  ? 3.521  -1.202 -4.753 1.00 0.00 ? 4  LEU A HB2  3  
ATOM   482  H HB3  . LEU A 1 5  ? 4.237  -1.166 -3.158 1.00 0.00 ? 4  LEU A HB3  3  
ATOM   483  H HG   . LEU A 1 5  ? 2.759  -3.257 -2.680 1.00 0.00 ? 4  LEU A HG   3  
ATOM   484  H HD11 . LEU A 1 5  ? 1.840  -4.455 -4.377 1.00 0.00 ? 4  LEU A HD11 3  
ATOM   485  H HD12 . LEU A 1 5  ? 2.996  -3.866 -5.569 1.00 0.00 ? 4  LEU A HD12 3  
ATOM   486  H HD13 . LEU A 1 5  ? 1.650  -2.843 -5.068 1.00 0.00 ? 4  LEU A HD13 3  
ATOM   487  H HD21 . LEU A 1 5  ? 4.708  -4.299 -2.784 1.00 0.00 ? 4  LEU A HD21 3  
ATOM   488  H HD22 . LEU A 1 5  ? 5.360  -2.884 -3.611 1.00 0.00 ? 4  LEU A HD22 3  
ATOM   489  H HD23 . LEU A 1 5  ? 4.708  -4.229 -4.547 1.00 0.00 ? 4  LEU A HD23 3  
ATOM   490  N N    . HIS A 1 6  ? 2.804  0.270  -0.994 1.00 0.00 ? 5  HIS A N    3  
ATOM   491  C CA   . HIS A 1 6  ? 2.882  0.368  0.479  1.00 0.00 ? 5  HIS A CA   3  
ATOM   492  C C    . HIS A 1 6  ? 1.501  0.648  1.092  1.00 0.00 ? 5  HIS A C    3  
ATOM   493  O O    . HIS A 1 6  ? 1.163  0.048  2.130  1.00 0.00 ? 5  HIS A O    3  
ATOM   494  C CB   . HIS A 1 6  ? 3.899  1.456  0.874  1.00 0.00 ? 5  HIS A CB   3  
ATOM   495  C CG   . HIS A 1 6  ? 4.384  1.382  2.297  1.00 0.00 ? 5  HIS A CG   3  
ATOM   496  N ND1  . HIS A 1 6  ? 3.575  1.621  3.387  1.00 0.00 ? 5  HIS A ND1  3  
ATOM   497  C CD2  . HIS A 1 6  ? 5.613  1.103  2.799  1.00 0.00 ? 5  HIS A CD2  3  
ATOM   498  C CE1  . HIS A 1 6  ? 4.285  1.496  4.496  1.00 0.00 ? 5  HIS A CE1  3  
ATOM   499  N NE2  . HIS A 1 6  ? 5.523  1.181  4.166  1.00 0.00 ? 5  HIS A NE2  3  
ATOM   500  H H    . HIS A 1 6  ? 3.295  0.932  -1.524 1.00 0.00 ? 5  HIS A H    3  
ATOM   501  H HA   . HIS A 1 6  ? 3.232  -0.580 0.849  1.00 0.00 ? 5  HIS A HA   3  
ATOM   502  H HB2  . HIS A 1 6  ? 4.763  1.372  0.233  1.00 0.00 ? 5  HIS A HB2  3  
ATOM   503  H HB3  . HIS A 1 6  ? 3.448  2.425  0.729  1.00 0.00 ? 5  HIS A HB3  3  
ATOM   504  H HD1  . HIS A 1 6  ? 2.622  1.848  3.356  1.00 0.00 ? 5  HIS A HD1  3  
ATOM   505  H HD2  . HIS A 1 6  ? 6.501  0.859  2.229  1.00 0.00 ? 5  HIS A HD2  3  
ATOM   506  H HE1  . HIS A 1 6  ? 3.920  1.635  5.501  1.00 0.00 ? 5  HIS A HE1  3  
ATOM   507  H HE2  . HIS A 1 6  ? 6.282  1.158  4.785  1.00 0.00 ? 5  HIS A HE2  3  
ATOM   508  N N    . GLN A 1 7  ? 0.734  1.588  0.431  1.00 0.00 ? 6  GLN A N    3  
ATOM   509  C CA   . GLN A 1 7  ? -0.614 2.020  0.871  1.00 0.00 ? 6  GLN A CA   3  
ATOM   510  C C    . GLN A 1 7  ? -1.678 0.912  0.765  1.00 0.00 ? 6  GLN A C    3  
ATOM   511  O O    . GLN A 1 7  ? -2.454 0.737  1.716  1.00 0.00 ? 6  GLN A O    3  
ATOM   512  C CB   . GLN A 1 7  ? -1.092 3.276  0.111  1.00 0.00 ? 6  GLN A CB   3  
ATOM   513  C CG   . GLN A 1 7  ? -0.875 4.586  0.867  1.00 0.00 ? 6  GLN A CG   3  
ATOM   514  C CD   . GLN A 1 7  ? -2.060 5.531  0.760  1.00 0.00 ? 6  GLN A CD   3  
ATOM   515  O OE1  . GLN A 1 7  ? -3.197 5.157  1.048  1.00 0.00 ? 6  GLN A OE1  3  
ATOM   516  N NE2  . GLN A 1 7  ? -1.797 6.772  0.363  1.00 0.00 ? 6  GLN A NE2  3  
ATOM   517  H H    . GLN A 1 7  ? 1.118  2.008  -0.360 1.00 0.00 ? 6  GLN A H    3  
ATOM   518  H HA   . GLN A 1 7  ? -0.523 2.282  1.916  1.00 0.00 ? 6  GLN A HA   3  
ATOM   519  H HB2  . GLN A 1 7  ? -0.566 3.347  -0.825 1.00 0.00 ? 6  GLN A HB2  3  
ATOM   520  H HB3  . GLN A 1 7  ? -2.147 3.177  -0.090 1.00 0.00 ? 6  GLN A HB3  3  
ATOM   521  H HG2  . GLN A 1 7  ? -0.701 4.366  1.906  1.00 0.00 ? 6  GLN A HG2  3  
ATOM   522  H HG3  . GLN A 1 7  ? -0.009 5.084  0.456  1.00 0.00 ? 6  GLN A HG3  3  
ATOM   523  H HE21 . GLN A 1 7  ? -0.868 7.010  0.164  1.00 0.00 ? 6  GLN A HE21 3  
ATOM   524  H HE22 . GLN A 1 7  ? -2.545 7.401  0.284  1.00 0.00 ? 6  GLN A HE22 3  
HETATM 525  C C    . MK8 A 1 8  ? -2.495 -2.096 0.371  1.00 0.00 ? 7  MK8 A C    3  
HETATM 526  N N    . MK8 A 1 8  ? -1.731 0.162  -0.416 1.00 0.00 ? 7  MK8 A N    3  
HETATM 527  O O    . MK8 A 1 8  ? -3.412 -2.923 0.661  1.00 0.00 ? 7  MK8 A O    3  
HETATM 528  C CA   . MK8 A 1 8  ? -2.730 -0.949 -0.686 1.00 0.00 ? 7  MK8 A CA   3  
HETATM 529  C CB   . MK8 A 1 8  ? -2.450 -1.587 -2.109 1.00 0.00 ? 7  MK8 A CB   3  
HETATM 530  C CD   . MK8 A 1 8  ? -1.065 -0.747 -4.128 1.00 0.00 ? 7  MK8 A CD   3  
HETATM 531  C CE   . MK8 A 1 8  ? -1.172 -0.834 -5.681 1.00 0.00 ? 7  MK8 A CE   3  
HETATM 532  C CG   . MK8 A 1 8  ? -2.379 -0.659 -3.368 1.00 0.00 ? 7  MK8 A CG   3  
HETATM 533  C CB1  . MK8 A 1 8  ? -4.223 -0.412 -0.618 1.00 0.00 ? 7  MK8 A CB1  3  
HETATM 534  H H    . MK8 A 1 8  ? -1.076 0.353  -1.116 1.00 0.00 ? 7  MK8 A H    3  
HETATM 535  H HB   . MK8 A 1 8  ? -3.225 -2.318 -2.293 1.00 0.00 ? 7  MK8 A HB   3  
HETATM 536  H HBA  . MK8 A 1 8  ? -1.510 -2.115 -2.056 1.00 0.00 ? 7  MK8 A HBA  3  
HETATM 537  H HD   . MK8 A 1 8  ? -0.535 -1.620 -3.773 1.00 0.00 ? 7  MK8 A HD   3  
HETATM 538  H HDA  . MK8 A 1 8  ? -0.478 0.130  -3.883 1.00 0.00 ? 7  MK8 A HDA  3  
HETATM 539  H HE   . MK8 A 1 8  ? -1.929 -1.504 -6.056 1.00 0.00 ? 7  MK8 A HE   3  
HETATM 540  H HG   . MK8 A 1 8  ? -2.544 0.361  -3.055 1.00 0.00 ? 7  MK8 A HG   3  
HETATM 541  H HGA  . MK8 A 1 8  ? -3.174 -0.953 -4.043 1.00 0.00 ? 7  MK8 A HGA  3  
HETATM 542  H HB1  . MK8 A 1 8  ? -4.756 -0.929 0.163  1.00 0.00 ? 7  MK8 A HB1  3  
HETATM 543  H HB1A . MK8 A 1 8  ? -4.711 -0.588 -1.566 1.00 0.00 ? 7  MK8 A HB1A 3  
HETATM 544  H HB1B . MK8 A 1 8  ? -4.211 0.648  -0.414 1.00 0.00 ? 7  MK8 A HB1B 3  
ATOM   545  N N    . LEU A 1 9  ? -1.211 -2.159 0.889  1.00 0.00 ? 8  LEU A N    3  
ATOM   546  C CA   . LEU A 1 9  ? -0.753 -3.185 1.867  1.00 0.00 ? 8  LEU A CA   3  
ATOM   547  C C    . LEU A 1 9  ? -1.483 -3.086 3.218  1.00 0.00 ? 8  LEU A C    3  
ATOM   548  O O    . LEU A 1 9  ? -1.801 -4.135 3.810  1.00 0.00 ? 8  LEU A O    3  
ATOM   549  C CB   . LEU A 1 9  ? 0.782  -3.116 2.071  1.00 0.00 ? 8  LEU A CB   3  
ATOM   550  C CG   . LEU A 1 9  ? 1.445  -4.325 2.787  1.00 0.00 ? 8  LEU A CG   3  
ATOM   551  C CD1  . LEU A 1 9  ? 1.641  -5.526 1.853  1.00 0.00 ? 8  LEU A CD1  3  
ATOM   552  C CD2  . LEU A 1 9  ? 2.778  -3.913 3.387  1.00 0.00 ? 8  LEU A CD2  3  
ATOM   553  H H    . LEU A 1 9  ? -0.555 -1.505 0.568  1.00 0.00 ? 8  LEU A H    3  
ATOM   554  H HA   . LEU A 1 9  ? -0.989 -4.148 1.437  1.00 0.00 ? 8  LEU A HA   3  
ATOM   555  H HB2  . LEU A 1 9  ? 1.244  -3.011 1.100  1.00 0.00 ? 8  LEU A HB2  3  
ATOM   556  H HB3  . LEU A 1 9  ? 1.000  -2.231 2.647  1.00 0.00 ? 8  LEU A HB3  3  
ATOM   557  H HG   . LEU A 1 9  ? 0.805  -4.643 3.598  1.00 0.00 ? 8  LEU A HG   3  
ATOM   558  H HD11 . LEU A 1 9  ? 0.709  -6.065 1.761  1.00 0.00 ? 8  LEU A HD11 3  
ATOM   559  H HD12 . LEU A 1 9  ? 2.396  -6.181 2.262  1.00 0.00 ? 8  LEU A HD12 3  
ATOM   560  H HD13 . LEU A 1 9  ? 1.955  -5.179 0.880  1.00 0.00 ? 8  LEU A HD13 3  
ATOM   561  H HD21 . LEU A 1 9  ? 2.745  -2.867 3.655  1.00 0.00 ? 8  LEU A HD21 3  
ATOM   562  H HD22 . LEU A 1 9  ? 3.563  -4.074 2.664  1.00 0.00 ? 8  LEU A HD22 3  
ATOM   563  H HD23 . LEU A 1 9  ? 2.974  -4.505 4.269  1.00 0.00 ? 8  LEU A HD23 3  
ATOM   564  N N    . GLN A 1 10 ? -1.703 -1.808 3.699  1.00 0.00 ? 9  GLN A N    3  
ATOM   565  C CA   . GLN A 1 10 ? -2.355 -1.510 5.005  1.00 0.00 ? 9  GLN A CA   3  
ATOM   566  C C    . GLN A 1 10 ? -3.888 -1.570 4.952  1.00 0.00 ? 9  GLN A C    3  
ATOM   567  O O    . GLN A 1 10 ? -4.500 -2.093 5.905  1.00 0.00 ? 9  GLN A O    3  
ATOM   568  C CB   . GLN A 1 10 ? -1.923 -0.127 5.527  1.00 0.00 ? 9  GLN A CB   3  
ATOM   569  C CG   . GLN A 1 10 ? -0.470 -0.038 5.987  1.00 0.00 ? 9  GLN A CG   3  
ATOM   570  C CD   . GLN A 1 10 ? -0.201 -0.781 7.286  1.00 0.00 ? 9  GLN A CD   3  
ATOM   571  O OE1  . GLN A 1 10 ? -0.388 -1.993 7.371  1.00 0.00 ? 9  GLN A OE1  3  
ATOM   572  N NE2  . GLN A 1 10 ? 0.241  -0.048 8.307  1.00 0.00 ? 9  GLN A NE2  3  
ATOM   573  H H    . GLN A 1 10 ? -1.388 -1.056 3.159  1.00 0.00 ? 9  GLN A H    3  
ATOM   574  H HA   . GLN A 1 10 ? -2.015 -2.257 5.706  1.00 0.00 ? 9  GLN A HA   3  
ATOM   575  H HB2  . GLN A 1 10 ? -2.065 0.602  4.744  1.00 0.00 ? 9  GLN A HB2  3  
ATOM   576  H HB3  . GLN A 1 10 ? -2.555 0.138  6.363  1.00 0.00 ? 9  GLN A HB3  3  
ATOM   577  H HG2  . GLN A 1 10 ? 0.162  -0.452 5.218  1.00 0.00 ? 9  GLN A HG2  3  
ATOM   578  H HG3  . GLN A 1 10 ? -0.221 1.004  6.130  1.00 0.00 ? 9  GLN A HG3  3  
ATOM   579  H HE21 . GLN A 1 10 ? 0.364  0.915  8.167  1.00 0.00 ? 9  GLN A HE21 3  
ATOM   580  H HE22 . GLN A 1 10 ? 0.430  -0.502 9.157  1.00 0.00 ? 9  GLN A HE22 3  
ATOM   581  N N    . ASP A 1 11 ? -4.487 -1.001 3.843  1.00 0.00 ? 10 ASP A N    3  
ATOM   582  C CA   . ASP A 1 11 ? -5.956 -0.933 3.634  1.00 0.00 ? 10 ASP A CA   3  
ATOM   583  C C    . ASP A 1 11 ? -6.566 -2.322 3.396  1.00 0.00 ? 10 ASP A C    3  
ATOM   584  O O    . ASP A 1 11 ? -7.803 -2.430 3.289  1.00 0.00 ? 10 ASP A O    3  
ATOM   585  C CB   . ASP A 1 11 ? -6.291 0.029  2.476  1.00 0.00 ? 10 ASP A CB   3  
ATOM   586  C CG   . ASP A 1 11 ? -7.784 0.259  2.298  1.00 0.00 ? 10 ASP A CG   3  
ATOM   587  O OD1  . ASP A 1 11 ? -8.427 0.737  3.255  1.00 0.00 ? 10 ASP A OD1  3  
ATOM   588  O OD2  . ASP A 1 11 ? -8.304 -0.039 1.204  1.00 0.00 ? 10 ASP A OD2  3  
ATOM   589  H H    . ASP A 1 11 ? -3.907 -0.604 3.164  1.00 0.00 ? 10 ASP A H    3  
ATOM   590  H HA   . ASP A 1 11 ? -6.385 -0.534 4.543  1.00 0.00 ? 10 ASP A HA   3  
ATOM   591  H HB2  . ASP A 1 11 ? -5.831 0.987  2.668  1.00 0.00 ? 10 ASP A HB2  3  
ATOM   592  H HB3  . ASP A 1 11 ? -5.895 -0.372 1.556  1.00 0.00 ? 10 ASP A HB3  3  
ATOM   593  N N    . SER A 1 12 ? -5.668 -3.368 3.331  1.00 0.00 ? 11 SER A N    3  
ATOM   594  C CA   . SER A 1 12 ? -6.051 -4.781 3.121  1.00 0.00 ? 11 SER A CA   3  
ATOM   595  C C    . SER A 1 12 ? -6.475 -5.440 4.443  1.00 0.00 ? 11 SER A C    3  
ATOM   596  O O    . SER A 1 12 ? -7.592 -5.947 4.552  1.00 0.00 ? 11 SER A O    3  
ATOM   597  C CB   . SER A 1 12 ? -4.897 -5.545 2.434  1.00 0.00 ? 11 SER A CB   3  
ATOM   598  O OG   . SER A 1 12 ? -5.014 -6.954 2.584  1.00 0.00 ? 11 SER A OG   3  
ATOM   599  H H    . SER A 1 12 ? -4.718 -3.162 3.439  1.00 0.00 ? 11 SER A H    3  
ATOM   600  H HA   . SER A 1 12 ? -6.908 -4.787 2.459  1.00 0.00 ? 11 SER A HA   3  
ATOM   601  H HB2  . SER A 1 12 ? -4.916 -5.320 1.377  1.00 0.00 ? 11 SER A HB2  3  
ATOM   602  H HB3  . SER A 1 12 ? -3.950 -5.221 2.843  1.00 0.00 ? 11 SER A HB3  3  
ATOM   603  H HG   . SER A 1 12 ? -5.873 -7.242 2.263  1.00 0.00 ? 11 SER A HG   3  
HETATM 604  N N    . NH2 A 1 13 ? -5.680 -5.248 5.494  1.00 0.00 ? 12 NH2 A N    3  
HETATM 605  H HN1  . NH2 A 1 13 ? -4.873 -4.709 5.376  1.00 0.00 ? 12 NH2 A HN1  3  
HETATM 606  H HN2  . NH2 A 1 13 ? -5.943 -5.649 6.352  1.00 0.00 ? 12 NH2 A HN2  3  
HETATM 607  C C    . ACE A 1 1  ? 5.972  2.955  -6.679 1.00 0.00 ? 0  ACE A C    4  
HETATM 608  O O    . ACE A 1 1  ? 5.098  2.068  -6.619 1.00 0.00 ? 0  ACE A O    4  
HETATM 609  C CH3  . ACE A 1 1  ? 5.900  3.994  -7.778 1.00 0.00 ? 0  ACE A CH3  4  
HETATM 610  H H1   . ACE A 1 1  ? 5.939  3.503  -8.739 1.00 0.00 ? 0  ACE A H1   4  
HETATM 611  H H2   . ACE A 1 1  ? 6.735  4.673  -7.687 1.00 0.00 ? 0  ACE A H2   4  
HETATM 612  H H3   . ACE A 1 1  ? 4.976  4.545  -7.693 1.00 0.00 ? 0  ACE A H3   4  
ATOM   613  N N    . HIS A 1 2  ? 7.040  3.081  -5.813 1.00 0.00 ? 1  HIS A N    4  
ATOM   614  C CA   . HIS A 1 2  ? 7.303  2.168  -4.681 1.00 0.00 ? 1  HIS A CA   4  
ATOM   615  C C    . HIS A 1 2  ? 6.353  2.461  -3.503 1.00 0.00 ? 1  HIS A C    4  
ATOM   616  O O    . HIS A 1 2  ? 6.102  1.554  -2.687 1.00 0.00 ? 1  HIS A O    4  
ATOM   617  C CB   . HIS A 1 2  ? 8.775  2.289  -4.240 1.00 0.00 ? 1  HIS A CB   4  
ATOM   618  C CG   . HIS A 1 2  ? 9.272  1.127  -3.424 1.00 0.00 ? 1  HIS A CG   4  
ATOM   619  N ND1  . HIS A 1 2  ? 8.702  0.755  -2.225 1.00 0.00 ? 1  HIS A ND1  4  
ATOM   620  C CD2  . HIS A 1 2  ? 10.286 0.256  -3.643 1.00 0.00 ? 1  HIS A CD2  4  
ATOM   621  C CE1  . HIS A 1 2  ? 9.344  -0.294 -1.742 1.00 0.00 ? 1  HIS A CE1  4  
ATOM   622  N NE2  . HIS A 1 2  ? 10.308 -0.617 -2.583 1.00 0.00 ? 1  HIS A NE2  4  
ATOM   623  H H    . HIS A 1 2  ? 7.674  3.815  -5.970 1.00 0.00 ? 1  HIS A H    4  
ATOM   624  H HA   . HIS A 1 2  ? 7.130  1.159  -5.028 1.00 0.00 ? 1  HIS A HA   4  
ATOM   625  H HB2  . HIS A 1 2  ? 9.399  2.366  -5.117 1.00 0.00 ? 1  HIS A HB2  4  
ATOM   626  H HB3  . HIS A 1 2  ? 8.895  3.183  -3.646 1.00 0.00 ? 1  HIS A HB3  4  
ATOM   627  H HD1  . HIS A 1 2  ? 7.941  1.196  -1.791 1.00 0.00 ? 1  HIS A HD1  4  
ATOM   628  H HD2  . HIS A 1 2  ? 10.958 0.250  -4.491 1.00 0.00 ? 1  HIS A HD2  4  
ATOM   629  H HE1  . HIS A 1 2  ? 9.119  -0.800 -0.815 1.00 0.00 ? 1  HIS A HE1  4  
ATOM   630  H HE2  . HIS A 1 2  ? 10.854 -1.428 -2.528 1.00 0.00 ? 1  HIS A HE2  4  
ATOM   631  N N    . LYS A 1 3  ? 5.848  3.748  -3.435 1.00 0.00 ? 2  LYS A N    4  
ATOM   632  C CA   . LYS A 1 3  ? 4.927  4.229  -2.367 1.00 0.00 ? 2  LYS A CA   4  
ATOM   633  C C    . LYS A 1 3  ? 3.507  3.639  -2.462 1.00 0.00 ? 2  LYS A C    4  
ATOM   634  O O    . LYS A 1 3  ? 2.944  3.205  -1.437 1.00 0.00 ? 2  LYS A O    4  
ATOM   635  C CB   . LYS A 1 3  ? 4.840  5.767  -2.343 1.00 0.00 ? 2  LYS A CB   4  
ATOM   636  C CG   . LYS A 1 3  ? 6.073  6.462  -1.766 1.00 0.00 ? 2  LYS A CG   4  
ATOM   637  C CD   . LYS A 1 3  ? 5.864  7.969  -1.668 1.00 0.00 ? 2  LYS A CD   4  
ATOM   638  C CE   . LYS A 1 3  ? 7.119  8.691  -1.187 1.00 0.00 ? 2  LYS A CE   4  
ATOM   639  N NZ   . LYS A 1 3  ? 6.893  10.156 -1.038 1.00 0.00 ? 2  LYS A NZ   4  
ATOM   640  H H    . LYS A 1 3  ? 6.121  4.382  -4.130 1.00 0.00 ? 2  LYS A H    4  
ATOM   641  H HA   . LYS A 1 3  ? 5.351  3.906  -1.429 1.00 0.00 ? 2  LYS A HA   4  
ATOM   642  H HB2  . LYS A 1 3  ? 4.690  6.127  -3.346 1.00 0.00 ? 2  LYS A HB2  4  
ATOM   643  H HB3  . LYS A 1 3  ? 3.988  6.051  -1.745 1.00 0.00 ? 2  LYS A HB3  4  
ATOM   644  H HG2  . LYS A 1 3  ? 6.263  6.070  -0.778 1.00 0.00 ? 2  LYS A HG2  4  
ATOM   645  H HG3  . LYS A 1 3  ? 6.921  6.269  -2.402 1.00 0.00 ? 2  LYS A HG3  4  
ATOM   646  H HD2  . LYS A 1 3  ? 5.598  8.349  -2.642 1.00 0.00 ? 2  LYS A HD2  4  
ATOM   647  H HD3  . LYS A 1 3  ? 5.060  8.164  -0.974 1.00 0.00 ? 2  LYS A HD3  4  
ATOM   648  H HE2  . LYS A 1 3  ? 7.412  8.286  -0.230 1.00 0.00 ? 2  LYS A HE2  4  
ATOM   649  H HE3  . LYS A 1 3  ? 7.912  8.532  -1.904 1.00 0.00 ? 2  LYS A HE3  4  
ATOM   650  H HZ1  . LYS A 1 3  ? 6.454  10.358 -0.116 1.00 0.00 ? 2  LYS A HZ1  4  
ATOM   651  H HZ2  . LYS A 1 3  ? 6.264  10.501 -1.791 1.00 0.00 ? 2  LYS A HZ2  4  
ATOM   652  H HZ3  . LYS A 1 3  ? 7.799  10.665 -1.096 1.00 0.00 ? 2  LYS A HZ3  4  
HETATM 653  C C    . MK8 A 1 4  ? 1.210  1.805  -3.217 1.00 0.00 ? 3  MK8 A C    4  
HETATM 654  N N    . MK8 A 1 4  ? 2.880  3.660  -3.713 1.00 0.00 ? 3  MK8 A N    4  
HETATM 655  O O    . MK8 A 1 4  ? 0.277  1.666  -2.390 1.00 0.00 ? 3  MK8 A O    4  
HETATM 656  C CA   . MK8 A 1 4  ? 1.468  3.174  -3.978 1.00 0.00 ? 3  MK8 A CA   4  
HETATM 657  C CB   . MK8 A 1 4  ? 1.283  2.942  -5.541 1.00 0.00 ? 3  MK8 A CB   4  
HETATM 658  C CD   . MK8 A 1 4  ? -0.387 0.928  -5.830 1.00 0.00 ? 3  MK8 A CD   4  
HETATM 659  C CE   . MK8 A 1 4  ? -1.540 0.237  -6.598 1.00 0.00 ? 3  MK8 A CE   4  
HETATM 660  C CG   . MK8 A 1 4  ? -0.087 2.404  -6.124 1.00 0.00 ? 3  MK8 A CG   4  
HETATM 661  C CB1  . MK8 A 1 4  ? 0.554  4.360  -3.511 1.00 0.00 ? 3  MK8 A CB1  4  
HETATM 662  H H    . MK8 A 1 4  ? 3.368  4.049  -4.463 1.00 0.00 ? 3  MK8 A H    4  
HETATM 663  H HB   . MK8 A 1 4  ? 2.053  2.251  -5.856 1.00 0.00 ? 3  MK8 A HB   4  
HETATM 664  H HBA  . MK8 A 1 4  ? 1.471  3.882  -6.030 1.00 0.00 ? 3  MK8 A HBA  4  
HETATM 665  H HD   . MK8 A 1 4  ? -0.620 0.860  -4.773 1.00 0.00 ? 3  MK8 A HD   4  
HETATM 666  H HDA  . MK8 A 1 4  ? 0.510  0.361  -6.007 1.00 0.00 ? 3  MK8 A HDA  4  
HETATM 667  H HE   . MK8 A 1 4  ? -1.739 0.599  -7.598 1.00 0.00 ? 3  MK8 A HE   4  
HETATM 668  H HG   . MK8 A 1 4  ? -0.077 2.548  -7.197 1.00 0.00 ? 3  MK8 A HG   4  
HETATM 669  H HGA  . MK8 A 1 4  ? -0.887 2.993  -5.705 1.00 0.00 ? 3  MK8 A HGA  4  
HETATM 670  H HB1  . MK8 A 1 4  ? 0.263  4.950  -4.368 1.00 0.00 ? 3  MK8 A HB1  4  
HETATM 671  H HB1A . MK8 A 1 4  ? 1.098  4.981  -2.816 1.00 0.00 ? 3  MK8 A HB1A 4  
HETATM 672  H HB1B . MK8 A 1 4  ? -0.327 3.965  -3.026 1.00 0.00 ? 3  MK8 A HB1B 4  
ATOM   673  N N    . LEU A 1 5  ? 2.073  0.772  -3.586 1.00 0.00 ? 4  LEU A N    4  
ATOM   674  C CA   . LEU A 1 5  ? 1.995  -0.617 -3.052 1.00 0.00 ? 4  LEU A CA   4  
ATOM   675  C C    . LEU A 1 5  ? 1.965  -0.641 -1.525 1.00 0.00 ? 4  LEU A C    4  
ATOM   676  O O    . LEU A 1 5  ? 1.259  -1.495 -0.952 1.00 0.00 ? 4  LEU A O    4  
ATOM   677  C CB   . LEU A 1 5  ? 3.137  -1.511 -3.599 1.00 0.00 ? 4  LEU A CB   4  
ATOM   678  C CG   . LEU A 1 5  ? 2.976  -3.044 -3.396 1.00 0.00 ? 4  LEU A CG   4  
ATOM   679  C CD1  . LEU A 1 5  ? 2.023  -3.670 -4.423 1.00 0.00 ? 4  LEU A CD1  4  
ATOM   680  C CD2  . LEU A 1 5  ? 4.332  -3.731 -3.454 1.00 0.00 ? 4  LEU A CD2  4  
ATOM   681  H H    . LEU A 1 5  ? 2.754  0.966  -4.265 1.00 0.00 ? 4  LEU A H    4  
ATOM   682  H HA   . LEU A 1 5  ? 1.061  -1.023 -3.397 1.00 0.00 ? 4  LEU A HA   4  
ATOM   683  H HB2  . LEU A 1 5  ? 3.225  -1.328 -4.659 1.00 0.00 ? 4  LEU A HB2  4  
ATOM   684  H HB3  . LEU A 1 5  ? 4.058  -1.207 -3.124 1.00 0.00 ? 4  LEU A HB3  4  
ATOM   685  H HG   . LEU A 1 5  ? 2.560  -3.221 -2.415 1.00 0.00 ? 4  LEU A HG   4  
ATOM   686  H HD11 . LEU A 1 5  ? 1.061  -3.179 -4.367 1.00 0.00 ? 4  LEU A HD11 4  
ATOM   687  H HD12 . LEU A 1 5  ? 1.901  -4.721 -4.207 1.00 0.00 ? 4  LEU A HD12 4  
ATOM   688  H HD13 . LEU A 1 5  ? 2.430  -3.549 -5.415 1.00 0.00 ? 4  LEU A HD13 4  
ATOM   689  H HD21 . LEU A 1 5  ? 4.396  -4.467 -2.666 1.00 0.00 ? 4  LEU A HD21 4  
ATOM   690  H HD22 . LEU A 1 5  ? 5.113  -2.997 -3.324 1.00 0.00 ? 4  LEU A HD22 4  
ATOM   691  H HD23 . LEU A 1 5  ? 4.449  -4.217 -4.411 1.00 0.00 ? 4  LEU A HD23 4  
ATOM   692  N N    . HIS A 1 6  ? 2.724  0.325  -0.887 1.00 0.00 ? 5  HIS A N    4  
ATOM   693  C CA   . HIS A 1 6  ? 2.804  0.474  0.583  1.00 0.00 ? 5  HIS A CA   4  
ATOM   694  C C    . HIS A 1 6  ? 1.394  0.734  1.147  1.00 0.00 ? 5  HIS A C    4  
ATOM   695  O O    . HIS A 1 6  ? 1.034  0.178  2.199  1.00 0.00 ? 5  HIS A O    4  
ATOM   696  C CB   . HIS A 1 6  ? 3.787  1.602  0.942  1.00 0.00 ? 5  HIS A CB   4  
ATOM   697  C CG   . HIS A 1 6  ? 4.228  1.608  2.379  1.00 0.00 ? 5  HIS A CG   4  
ATOM   698  N ND1  . HIS A 1 6  ? 4.845  0.530  2.978  1.00 0.00 ? 5  HIS A ND1  4  
ATOM   699  C CD2  . HIS A 1 6  ? 4.143  2.567  3.334  1.00 0.00 ? 5  HIS A CD2  4  
ATOM   700  C CE1  . HIS A 1 6  ? 5.119  0.823  4.237  1.00 0.00 ? 5  HIS A CE1  4  
ATOM   701  N NE2  . HIS A 1 6  ? 4.704  2.053  4.478  1.00 0.00 ? 5  HIS A NE2  4  
ATOM   702  H H    . HIS A 1 6  ? 3.230  0.955  -1.440 1.00 0.00 ? 5  HIS A H    4  
ATOM   703  H HA   . HIS A 1 6  ? 3.171  -0.454 0.987  1.00 0.00 ? 5  HIS A HA   4  
ATOM   704  H HB2  . HIS A 1 6  ? 4.673  1.495  0.330  1.00 0.00 ? 5  HIS A HB2  4  
ATOM   705  H HB3  . HIS A 1 6  ? 3.324  2.551  0.729  1.00 0.00 ? 5  HIS A HB3  4  
ATOM   706  H HD1  . HIS A 1 6  ? 5.056  -0.322 2.543  1.00 0.00 ? 5  HIS A HD1  4  
ATOM   707  H HD2  . HIS A 1 6  ? 3.722  3.555  3.216  1.00 0.00 ? 5  HIS A HD2  4  
ATOM   708  H HE1  . HIS A 1 6  ? 5.600  0.169  4.949  1.00 0.00 ? 5  HIS A HE1  4  
ATOM   709  H HE2  . HIS A 1 6  ? 4.688  2.480  5.359  1.00 0.00 ? 5  HIS A HE2  4  
ATOM   710  N N    . GLN A 1 7  ? 0.621  1.588  0.391  1.00 0.00 ? 6  GLN A N    4  
ATOM   711  C CA   . GLN A 1 7  ? -0.773 1.972  0.728  1.00 0.00 ? 6  GLN A CA   4  
ATOM   712  C C    . GLN A 1 7  ? -1.754 0.785  0.632  1.00 0.00 ? 6  GLN A C    4  
ATOM   713  O O    . GLN A 1 7  ? -2.484 0.525  1.600  1.00 0.00 ? 6  GLN A O    4  
ATOM   714  C CB   . GLN A 1 7  ? -1.276 3.120  -0.170 1.00 0.00 ? 6  GLN A CB   4  
ATOM   715  C CG   . GLN A 1 7  ? -0.863 4.519  0.287  1.00 0.00 ? 6  GLN A CG   4  
ATOM   716  C CD   . GLN A 1 7  ? -1.605 5.617  -0.455 1.00 0.00 ? 6  GLN A CD   4  
ATOM   717  O OE1  . GLN A 1 7  ? -1.582 5.673  -1.683 1.00 0.00 ? 6  GLN A OE1  4  
ATOM   718  N NE2  . GLN A 1 7  ? -2.257 6.508  0.288  1.00 0.00 ? 6  GLN A NE2  4  
ATOM   719  H H    . GLN A 1 7  ? 1.032  1.968  -0.415 1.00 0.00 ? 6  GLN A H    4  
ATOM   720  H HA   . GLN A 1 7  ? -0.769 2.316  1.752  1.00 0.00 ? 6  GLN A HA   4  
ATOM   721  H HB2  . GLN A 1 7  ? -0.898 2.975  -1.168 1.00 0.00 ? 6  GLN A HB2  4  
ATOM   722  H HB3  . GLN A 1 7  ? -2.354 3.083  -0.201 1.00 0.00 ? 6  GLN A HB3  4  
ATOM   723  H HG2  . GLN A 1 7  ? -1.067 4.614  1.340  1.00 0.00 ? 6  GLN A HG2  4  
ATOM   724  H HG3  . GLN A 1 7  ? 0.190  4.654  0.115  1.00 0.00 ? 6  GLN A HG3  4  
ATOM   725  H HE21 . GLN A 1 7  ? -2.224 6.412  1.262  1.00 0.00 ? 6  GLN A HE21 4  
ATOM   726  H HE22 . GLN A 1 7  ? -2.743 7.225  -0.170 1.00 0.00 ? 6  GLN A HE22 4  
HETATM 727  C C    . MK8 A 1 8  ? -2.490 -2.176 0.255  1.00 0.00 ? 7  MK8 A C    4  
HETATM 728  N N    . MK8 A 1 8  ? -1.780 0.084  -0.568 1.00 0.00 ? 7  MK8 A N    4  
HETATM 729  O O    . MK8 A 1 8  ? -3.446 -2.911 0.651  1.00 0.00 ? 7  MK8 A O    4  
HETATM 730  C CA   . MK8 A 1 8  ? -2.684 -1.077 -0.862 1.00 0.00 ? 7  MK8 A CA   4  
HETATM 731  C CB   . MK8 A 1 8  ? -2.281 -1.751 -2.223 1.00 0.00 ? 7  MK8 A CB   4  
HETATM 732  C CD   . MK8 A 1 8  ? -2.335 -1.541 -4.759 1.00 0.00 ? 7  MK8 A CD   4  
HETATM 733  C CE   . MK8 A 1 8  ? -2.352 -0.790 -6.146 1.00 0.00 ? 7  MK8 A CE   4  
HETATM 734  C CG   . MK8 A 1 8  ? -1.948 -0.839 -3.440 1.00 0.00 ? 7  MK8 A CG   4  
HETATM 735  C CB1  . MK8 A 1 8  ? -4.168 -0.579 -0.967 1.00 0.00 ? 7  MK8 A CB1  4  
HETATM 736  H H    . MK8 A 1 8  ? -1.184 0.367  -1.274 1.00 0.00 ? 7  MK8 A H    4  
HETATM 737  H HB   . MK8 A 1 8  ? -3.088 -2.407 -2.518 1.00 0.00 ? 7  MK8 A HB   4  
HETATM 738  H HBA  . MK8 A 1 8  ? -1.410 -2.359 -2.041 1.00 0.00 ? 7  MK8 A HBA  4  
HETATM 739  H HD   . MK8 A 1 8  ? -3.329 -1.949 -4.607 1.00 0.00 ? 7  MK8 A HD   4  
HETATM 740  H HDA  . MK8 A 1 8  ? -1.666 -2.374 -4.880 1.00 0.00 ? 7  MK8 A HDA  4  
HETATM 741  H HE   . MK8 A 1 8  ? -3.100 -1.130 -6.851 1.00 0.00 ? 7  MK8 A HE   4  
HETATM 742  H HG   . MK8 A 1 8  ? -0.883 -0.642 -3.452 1.00 0.00 ? 7  MK8 A HG   4  
HETATM 743  H HGA  . MK8 A 1 8  ? -2.490 0.092  -3.342 1.00 0.00 ? 7  MK8 A HGA  4  
HETATM 744  H HB1  . MK8 A 1 8  ? -4.348 -0.197 -1.963 1.00 0.00 ? 7  MK8 A HB1  4  
HETATM 745  H HB1A . MK8 A 1 8  ? -4.339 0.206  -0.247 1.00 0.00 ? 7  MK8 A HB1A 4  
HETATM 746  H HB1B . MK8 A 1 8  ? -4.838 -1.402 -0.771 1.00 0.00 ? 7  MK8 A HB1B 4  
ATOM   747  N N    . LEU A 1 9  ? -1.185 -2.309 0.704  1.00 0.00 ? 8  LEU A N    4  
ATOM   748  C CA   . LEU A 1 9  ? -0.741 -3.310 1.714  1.00 0.00 ? 8  LEU A CA   4  
ATOM   749  C C    . LEU A 1 9  ? -1.382 -3.095 3.099  1.00 0.00 ? 8  LEU A C    4  
ATOM   750  O O    . LEU A 1 9  ? -1.623 -4.092 3.806  1.00 0.00 ? 8  LEU A O    4  
ATOM   751  C CB   . LEU A 1 9  ? 0.801  -3.323 1.838  1.00 0.00 ? 8  LEU A CB   4  
ATOM   752  C CG   . LEU A 1 9  ? 1.426  -4.550 2.552  1.00 0.00 ? 8  LEU A CG   4  
ATOM   753  C CD1  . LEU A 1 9  ? 1.545  -5.756 1.618  1.00 0.00 ? 8  LEU A CD1  4  
ATOM   754  C CD2  . LEU A 1 9  ? 2.788  -4.195 3.128  1.00 0.00 ? 8  LEU A CD2  4  
ATOM   755  H H    . LEU A 1 9  ? -0.502 -1.729 0.301  1.00 0.00 ? 8  LEU A H    4  
ATOM   756  H HA   . LEU A 1 9  ? -1.052 -4.278 1.349  1.00 0.00 ? 8  LEU A HA   4  
ATOM   757  H HB2  . LEU A 1 9  ? 1.218  -3.268 0.842  1.00 0.00 ? 8  LEU A HB2  4  
ATOM   758  H HB3  . LEU A 1 9  ? 1.097  -2.438 2.378  1.00 0.00 ? 8  LEU A HB3  4  
ATOM   759  H HG   . LEU A 1 9  ? 0.785  -4.837 3.374  1.00 0.00 ? 8  LEU A HG   4  
ATOM   760  H HD11 . LEU A 1 9  ? 1.153  -6.635 2.111  1.00 0.00 ? 8  LEU A HD11 4  
ATOM   761  H HD12 . LEU A 1 9  ? 2.583  -5.918 1.369  1.00 0.00 ? 8  LEU A HD12 4  
ATOM   762  H HD13 . LEU A 1 9  ? 0.982  -5.569 0.716  1.00 0.00 ? 8  LEU A HD13 4  
ATOM   763  H HD21 . LEU A 1 9  ? 2.722  -4.150 4.205  1.00 0.00 ? 8  LEU A HD21 4  
ATOM   764  H HD22 . LEU A 1 9  ? 3.103  -3.237 2.745  1.00 0.00 ? 8  LEU A HD22 4  
ATOM   765  H HD23 . LEU A 1 9  ? 3.506  -4.952 2.844  1.00 0.00 ? 8  LEU A HD23 4  
ATOM   766  N N    . GLN A 1 10 ? -1.606 -1.782 3.477  1.00 0.00 ? 9  GLN A N    4  
ATOM   767  C CA   . GLN A 1 10 ? -2.169 -1.384 4.801  1.00 0.00 ? 9  GLN A CA   4  
ATOM   768  C C    . GLN A 1 10 ? -3.703 -1.486 4.893  1.00 0.00 ? 9  GLN A C    4  
ATOM   769  O O    . GLN A 1 10 ? -4.203 -2.031 5.898  1.00 0.00 ? 9  GLN A O    4  
ATOM   770  C CB   . GLN A 1 10 ? -1.725 0.043  5.178  1.00 0.00 ? 9  GLN A CB   4  
ATOM   771  C CG   . GLN A 1 10 ? -0.267 0.159  5.638  1.00 0.00 ? 9  GLN A CG   4  
ATOM   772  C CD   . GLN A 1 10 ? 0.013  -0.511 6.982  1.00 0.00 ? 9  GLN A CD   4  
ATOM   773  O OE1  . GLN A 1 10 ? -0.277 -1.691 7.169  1.00 0.00 ? 9  GLN A OE1  4  
ATOM   774  N NE2  . GLN A 1 10 ? 0.594  0.241  7.915  1.00 0.00 ? 9  GLN A NE2  4  
ATOM   775  H H    . GLN A 1 10 ? -1.344 -1.074 2.852  1.00 0.00 ? 9  GLN A H    4  
ATOM   776  H HA   . GLN A 1 10 ? -1.747 -2.057 5.532  1.00 0.00 ? 9  GLN A HA   4  
ATOM   777  H HB2  . GLN A 1 10 ? -1.853 0.684  4.320  1.00 0.00 ? 9  GLN A HB2  4  
ATOM   778  H HB3  . GLN A 1 10 ? -2.360 0.402  5.975  1.00 0.00 ? 9  GLN A HB3  4  
ATOM   779  H HG2  . GLN A 1 10 ? 0.365  -0.297 4.894  1.00 0.00 ? 9  GLN A HG2  4  
ATOM   780  H HG3  . GLN A 1 10 ? -0.020 1.208  5.721  1.00 0.00 ? 9  GLN A HG3  4  
ATOM   781  H HE21 . GLN A 1 10 ? 0.809  1.172  7.695  1.00 0.00 ? 9  GLN A HE21 4  
ATOM   782  H HE22 . GLN A 1 10 ? 0.786  -0.168 8.788  1.00 0.00 ? 9  GLN A HE22 4  
ATOM   783  N N    . ASP A 1 11 ? -4.428 -0.913 3.864  1.00 0.00 ? 10 ASP A N    4  
ATOM   784  C CA   . ASP A 1 11 ? -5.917 -0.867 3.816  1.00 0.00 ? 10 ASP A CA   4  
ATOM   785  C C    . ASP A 1 11 ? -6.582 -2.250 3.636  1.00 0.00 ? 10 ASP A C    4  
ATOM   786  O O    . ASP A 1 11 ? -7.824 -2.315 3.747  1.00 0.00 ? 10 ASP A O    4  
ATOM   787  C CB   . ASP A 1 11 ? -6.388 0.106  2.712  1.00 0.00 ? 10 ASP A CB   4  
ATOM   788  C CG   . ASP A 1 11 ? -7.885 0.373  2.753  1.00 0.00 ? 10 ASP A CG   4  
ATOM   789  O OD1  . ASP A 1 11 ? -8.370 0.866  3.792  1.00 0.00 ? 10 ASP A OD1  4  
ATOM   790  O OD2  . ASP A 1 11 ? -8.567 0.088  1.748  1.00 0.00 ? 10 ASP A OD2  4  
ATOM   791  H H    . ASP A 1 11 ? -3.933 -0.473 3.142  1.00 0.00 ? 10 ASP A H    4  
ATOM   792  H HA   . ASP A 1 11 ? -6.244 -0.471 4.767  1.00 0.00 ? 10 ASP A HA   4  
ATOM   793  H HB2  . ASP A 1 11 ? -5.878 1.052  2.830  1.00 0.00 ? 10 ASP A HB2  4  
ATOM   794  H HB3  . ASP A 1 11 ? -6.145 -0.303 1.742  1.00 0.00 ? 10 ASP A HB3  4  
ATOM   795  N N    . SER A 1 12 ? -5.756 -3.337 3.363  1.00 0.00 ? 11 SER A N    4  
ATOM   796  C CA   . SER A 1 12 ? -6.262 -4.728 3.163  1.00 0.00 ? 11 SER A CA   4  
ATOM   797  C C    . SER A 1 12 ? -6.504 -5.460 4.523  1.00 0.00 ? 11 SER A C    4  
ATOM   798  O O    . SER A 1 12 ? -7.596 -5.337 5.075  1.00 0.00 ? 11 SER A O    4  
ATOM   799  C CB   . SER A 1 12 ? -5.353 -5.509 2.180  1.00 0.00 ? 11 SER A CB   4  
ATOM   800  O OG   . SER A 1 12 ? -3.986 -5.362 2.520  1.00 0.00 ? 11 SER A OG   4  
ATOM   801  H H    . SER A 1 12 ? -4.791 -3.180 3.293  1.00 0.00 ? 11 SER A H    4  
ATOM   802  H HA   . SER A 1 12 ? -7.235 -4.624 2.696  1.00 0.00 ? 11 SER A HA   4  
ATOM   803  H HB2  . SER A 1 12 ? -5.607 -6.557 2.221  1.00 0.00 ? 11 SER A HB2  4  
ATOM   804  H HB3  . SER A 1 12 ? -5.510 -5.145 1.174  1.00 0.00 ? 11 SER A HB3  4  
ATOM   805  H HG   . SER A 1 12 ? -3.724 -6.071 3.112  1.00 0.00 ? 11 SER A HG   4  
HETATM 806  N N    . NH2 A 1 13 ? -5.541 -6.230 5.072  1.00 0.00 ? 12 NH2 A N    4  
HETATM 807  H HN1  . NH2 A 1 13 ? -4.690 -6.327 4.603  1.00 0.00 ? 12 NH2 A HN1  4  
HETATM 808  H HN2  . NH2 A 1 13 ? -5.737 -6.670 5.927  1.00 0.00 ? 12 NH2 A HN2  4  
HETATM 809  C C    . ACE A 1 1  ? 5.824  3.025  -6.803 1.00 0.00 ? 0  ACE A C    5  
HETATM 810  O O    . ACE A 1 1  ? 5.089  2.022  -6.704 1.00 0.00 ? 0  ACE A O    5  
HETATM 811  C CH3  . ACE A 1 1  ? 5.560  4.033  -7.901 1.00 0.00 ? 0  ACE A CH3  5  
HETATM 812  H H1   . ACE A 1 1  ? 5.322  4.990  -7.459 1.00 0.00 ? 0  ACE A H1   5  
HETATM 813  H H2   . ACE A 1 1  ? 4.730  3.699  -8.505 1.00 0.00 ? 0  ACE A H2   5  
HETATM 814  H H3   . ACE A 1 1  ? 6.440  4.131  -8.518 1.00 0.00 ? 0  ACE A H3   5  
ATOM   815  N N    . HIS A 1 2  ? 6.894  3.313  -5.985 1.00 0.00 ? 1  HIS A N    5  
ATOM   816  C CA   . HIS A 1 2  ? 7.330  2.466  -4.857 1.00 0.00 ? 1  HIS A CA   5  
ATOM   817  C C    . HIS A 1 2  ? 6.420  2.631  -3.628 1.00 0.00 ? 1  HIS A C    5  
ATOM   818  O O    . HIS A 1 2  ? 6.247  1.661  -2.869 1.00 0.00 ? 1  HIS A O    5  
ATOM   819  C CB   . HIS A 1 2  ? 8.793  2.767  -4.484 1.00 0.00 ? 1  HIS A CB   5  
ATOM   820  C CG   . HIS A 1 2  ? 9.790  2.169  -5.434 1.00 0.00 ? 1  HIS A CG   5  
ATOM   821  N ND1  . HIS A 1 2  ? 9.684  0.881  -5.919 1.00 0.00 ? 1  HIS A ND1  5  
ATOM   822  C CD2  . HIS A 1 2  ? 10.932 2.675  -5.970 1.00 0.00 ? 1  HIS A CD2  5  
ATOM   823  C CE1  . HIS A 1 2  ? 10.712 0.622  -6.708 1.00 0.00 ? 1  HIS A CE1  5  
ATOM   824  N NE2  . HIS A 1 2  ? 11.482 1.693  -6.756 1.00 0.00 ? 1  HIS A NE2  5  
ATOM   825  H H    . HIS A 1 2  ? 7.400  4.132  -6.170 1.00 0.00 ? 1  HIS A H    5  
ATOM   826  H HA   . HIS A 1 2  ? 7.270  1.439  -5.190 1.00 0.00 ? 1  HIS A HA   5  
ATOM   827  H HB2  . HIS A 1 2  ? 8.946  3.834  -4.480 1.00 0.00 ? 1  HIS A HB2  5  
ATOM   828  H HB3  . HIS A 1 2  ? 8.997  2.377  -3.499 1.00 0.00 ? 1  HIS A HB3  5  
ATOM   829  H HD1  . HIS A 1 2  ? 8.962  0.251  -5.715 1.00 0.00 ? 1  HIS A HD1  5  
ATOM   830  H HD2  . HIS A 1 2  ? 11.345 3.660  -5.796 1.00 0.00 ? 1  HIS A HD2  5  
ATOM   831  H HE1  . HIS A 1 2  ? 10.892 -0.310 -7.226 1.00 0.00 ? 1  HIS A HE1  5  
ATOM   832  H HE2  . HIS A 1 2  ? 12.270 1.796  -7.329 1.00 0.00 ? 1  HIS A HE2  5  
ATOM   833  N N    . LYS A 1 3  ? 5.860  3.884  -3.449 1.00 0.00 ? 2  LYS A N    5  
ATOM   834  C CA   . LYS A 1 3  ? 4.966  4.247  -2.312 1.00 0.00 ? 2  LYS A CA   5  
ATOM   835  C C    . LYS A 1 3  ? 3.565  3.607  -2.386 1.00 0.00 ? 2  LYS A C    5  
ATOM   836  O O    . LYS A 1 3  ? 3.039  3.145  -1.354 1.00 0.00 ? 2  LYS A O    5  
ATOM   837  C CB   . LYS A 1 3  ? 4.824  5.774  -2.169 1.00 0.00 ? 2  LYS A CB   5  
ATOM   838  C CG   . LYS A 1 3  ? 6.072  6.474  -1.641 1.00 0.00 ? 2  LYS A CG   5  
ATOM   839  C CD   . LYS A 1 3  ? 5.827  7.966  -1.446 1.00 0.00 ? 2  LYS A CD   5  
ATOM   840  C CE   . LYS A 1 3  ? 7.070  8.692  -0.933 1.00 0.00 ? 2  LYS A CE   5  
ATOM   841  N NZ   . LYS A 1 3  ? 7.522  8.174  0.390  1.00 0.00 ? 2  LYS A NZ   5  
ATOM   842  H H    . LYS A 1 3  ? 6.075  4.577  -4.107 1.00 0.00 ? 2  LYS A H    5  
ATOM   843  H HA   . LYS A 1 3  ? 5.443  3.875  -1.418 1.00 0.00 ? 2  LYS A HA   5  
ATOM   844  H HB2  . LYS A 1 3  ? 4.579  6.199  -3.128 1.00 0.00 ? 2  LYS A HB2  5  
ATOM   845  H HB3  . LYS A 1 3  ? 4.014  5.978  -1.486 1.00 0.00 ? 2  LYS A HB3  5  
ATOM   846  H HG2  . LYS A 1 3  ? 6.343  6.037  -0.691 1.00 0.00 ? 2  LYS A HG2  5  
ATOM   847  H HG3  . LYS A 1 3  ? 6.880  6.343  -2.343 1.00 0.00 ? 2  LYS A HG3  5  
ATOM   848  H HD2  . LYS A 1 3  ? 5.541  8.398  -2.392 1.00 0.00 ? 2  LYS A HD2  5  
ATOM   849  H HD3  . LYS A 1 3  ? 5.026  8.096  -0.734 1.00 0.00 ? 2  LYS A HD3  5  
ATOM   850  H HE2  . LYS A 1 3  ? 7.868  8.568  -1.650 1.00 0.00 ? 2  LYS A HE2  5  
ATOM   851  H HE3  . LYS A 1 3  ? 6.837  9.743  -0.837 1.00 0.00 ? 2  LYS A HE3  5  
ATOM   852  H HZ1  . LYS A 1 3  ? 7.989  8.931  0.929  1.00 0.00 ? 2  LYS A HZ1  5  
ATOM   853  H HZ2  . LYS A 1 3  ? 8.196  7.393  0.257  1.00 0.00 ? 2  LYS A HZ2  5  
ATOM   854  H HZ3  . LYS A 1 3  ? 6.708  7.826  0.935  1.00 0.00 ? 2  LYS A HZ3  5  
HETATM 855  C C    . MK8 A 1 4  ? 1.333  1.681  -3.120 1.00 0.00 ? 3  MK8 A C    5  
HETATM 856  N N    . MK8 A 1 4  ? 2.915  3.612  -3.624 1.00 0.00 ? 3  MK8 A N    5  
HETATM 857  O O    . MK8 A 1 4  ? 0.460  1.507  -2.238 1.00 0.00 ? 3  MK8 A O    5  
HETATM 858  C CA   . MK8 A 1 4  ? 1.518  3.076  -3.866 1.00 0.00 ? 3  MK8 A CA   5  
HETATM 859  C CB   . MK8 A 1 4  ? 1.318  2.867  -5.431 1.00 0.00 ? 3  MK8 A CB   5  
HETATM 860  C CD   . MK8 A 1 4  ? -0.266 0.787  -5.726 1.00 0.00 ? 3  MK8 A CD   5  
HETATM 861  C CE   . MK8 A 1 4  ? -1.361 0.062  -6.539 1.00 0.00 ? 3  MK8 A CE   5  
HETATM 862  C CG   . MK8 A 1 4  ? -0.036 2.278  -6.000 1.00 0.00 ? 3  MK8 A CG   5  
HETATM 863  C CB1  . MK8 A 1 4  ? 0.560  4.212  -3.361 1.00 0.00 ? 3  MK8 A CB1  5  
HETATM 864  H H    . MK8 A 1 4  ? 3.375  4.023  -4.382 1.00 0.00 ? 3  MK8 A H    5  
HETATM 865  H HB   . MK8 A 1 4  ? 2.113  2.217  -5.771 1.00 0.00 ? 3  MK8 A HB   5  
HETATM 866  H HBA  . MK8 A 1 4  ? 1.457  3.824  -5.904 1.00 0.00 ? 3  MK8 A HBA  5  
HETATM 867  H HD   . MK8 A 1 4  ? -0.523 0.694  -4.677 1.00 0.00 ? 3  MK8 A HD   5  
HETATM 868  H HDA  . MK8 A 1 4  ? 0.664  0.268  -5.885 1.00 0.00 ? 3  MK8 A HDA  5  
HETATM 869  H HE   . MK8 A 1 4  ? -1.497 0.390  -7.557 1.00 0.00 ? 3  MK8 A HE   5  
HETATM 870  H HG   . MK8 A 1 4  ? -0.053 2.440  -7.068 1.00 0.00 ? 3  MK8 A HG   5  
HETATM 871  H HGA  . MK8 A 1 4  ? -0.852 2.824  -5.555 1.00 0.00 ? 3  MK8 A HGA  5  
HETATM 872  H HB1  . MK8 A 1 4  ? -0.465 3.880  -3.444 1.00 0.00 ? 3  MK8 A HB1  5  
HETATM 873  H HB1A . MK8 A 1 4  ? 0.700  5.098  -3.963 1.00 0.00 ? 3  MK8 A HB1A 5  
HETATM 874  H HB1B . MK8 A 1 4  ? 0.782  4.441  -2.328 1.00 0.00 ? 3  MK8 A HB1B 5  
ATOM   875  N N    . LEU A 1 5  ? 2.183  0.668  -3.569 1.00 0.00 ? 4  LEU A N    5  
ATOM   876  C CA   . LEU A 1 5  ? 2.161  -0.734 -3.071 1.00 0.00 ? 4  LEU A CA   5  
ATOM   877  C C    . LEU A 1 5  ? 2.149  -0.816 -1.542 1.00 0.00 ? 4  LEU A C    5  
ATOM   878  O O    . LEU A 1 5  ? 1.550  -1.767 -0.997 1.00 0.00 ? 4  LEU A O    5  
ATOM   879  C CB   . LEU A 1 5  ? 3.321  -1.563 -3.666 1.00 0.00 ? 4  LEU A CB   5  
ATOM   880  C CG   . LEU A 1 5  ? 3.200  -3.105 -3.542 1.00 0.00 ? 4  LEU A CG   5  
ATOM   881  C CD1  . LEU A 1 5  ? 2.279  -3.698 -4.616 1.00 0.00 ? 4  LEU A CD1  5  
ATOM   882  C CD2  . LEU A 1 5  ? 4.576  -3.749 -3.611 1.00 0.00 ? 4  LEU A CD2  5  
ATOM   883  H H    . LEU A 1 5  ? 2.810  0.888  -4.290 1.00 0.00 ? 4  LEU A H    5  
ATOM   884  H HA   . LEU A 1 5  ? 1.237  -1.162 -3.422 1.00 0.00 ? 4  LEU A HA   5  
ATOM   885  H HB2  . LEU A 1 5  ? 3.397  -1.322 -4.715 1.00 0.00 ? 4  LEU A HB2  5  
ATOM   886  H HB3  . LEU A 1 5  ? 4.235  -1.259 -3.179 1.00 0.00 ? 4  LEU A HB3  5  
ATOM   887  H HG   . LEU A 1 5  ? 2.774  -3.344 -2.579 1.00 0.00 ? 4  LEU A HG   5  
ATOM   888  H HD11 . LEU A 1 5  ? 1.331  -3.175 -4.607 1.00 0.00 ? 4  LEU A HD11 5  
ATOM   889  H HD12 . LEU A 1 5  ? 2.113  -4.744 -4.411 1.00 0.00 ? 4  LEU A HD12 5  
ATOM   890  H HD13 . LEU A 1 5  ? 2.739  -3.589 -5.586 1.00 0.00 ? 4  LEU A HD13 5  
ATOM   891  H HD21 . LEU A 1 5  ? 5.335  -2.981 -3.598 1.00 0.00 ? 4  LEU A HD21 5  
ATOM   892  H HD22 . LEU A 1 5  ? 4.660  -4.322 -4.522 1.00 0.00 ? 4  LEU A HD22 5  
ATOM   893  H HD23 . LEU A 1 5  ? 4.710  -4.401 -2.761 1.00 0.00 ? 4  LEU A HD23 5  
ATOM   894  N N    . HIS A 1 6  ? 2.789  0.214  -0.875 1.00 0.00 ? 5  HIS A N    5  
ATOM   895  C CA   . HIS A 1 6  ? 2.848  0.327  0.596  1.00 0.00 ? 5  HIS A CA   5  
ATOM   896  C C    . HIS A 1 6  ? 1.437  0.560  1.135  1.00 0.00 ? 5  HIS A C    5  
ATOM   897  O O    . HIS A 1 6  ? 1.038  -0.061 2.135  1.00 0.00 ? 5  HIS A O    5  
ATOM   898  C CB   . HIS A 1 6  ? 3.794  1.456  1.018  1.00 0.00 ? 5  HIS A CB   5  
ATOM   899  C CG   . HIS A 1 6  ? 5.213  1.003  1.210  1.00 0.00 ? 5  HIS A CG   5  
ATOM   900  N ND1  . HIS A 1 6  ? 5.933  0.342  0.236  1.00 0.00 ? 5  HIS A ND1  5  
ATOM   901  C CD2  . HIS A 1 6  ? 6.042  1.104  2.280  1.00 0.00 ? 5  HIS A CD2  5  
ATOM   902  C CE1  . HIS A 1 6  ? 7.139  0.053  0.702  1.00 0.00 ? 5  HIS A CE1  5  
ATOM   903  N NE2  . HIS A 1 6  ? 7.230  0.507  1.937  1.00 0.00 ? 5  HIS A NE2  5  
ATOM   904  H H    . HIS A 1 6  ? 3.204  0.924  -1.408 1.00 0.00 ? 5  HIS A H    5  
ATOM   905  H HA   . HIS A 1 6  ? 3.222  -0.610 0.985  1.00 0.00 ? 5  HIS A HA   5  
ATOM   906  H HB2  . HIS A 1 6  ? 3.790  2.220  0.257  1.00 0.00 ? 5  HIS A HB2  5  
ATOM   907  H HB3  . HIS A 1 6  ? 3.449  1.877  1.949  1.00 0.00 ? 5  HIS A HB3  5  
ATOM   908  H HD1  . HIS A 1 6  ? 5.613  0.121  -0.663 1.00 0.00 ? 5  HIS A HD1  5  
ATOM   909  H HD2  . HIS A 1 6  ? 5.812  1.571  3.229  1.00 0.00 ? 5  HIS A HD2  5  
ATOM   910  H HE1  . HIS A 1 6  ? 7.912  -0.477 0.167  1.00 0.00 ? 5  HIS A HE1  5  
ATOM   911  H HE2  . HIS A 1 6  ? 7.960  0.302  2.558  1.00 0.00 ? 5  HIS A HE2  5  
ATOM   912  N N    . GLN A 1 7  ? 0.703  1.478  0.423  1.00 0.00 ? 6  GLN A N    5  
ATOM   913  C CA   . GLN A 1 7  ? -0.691 1.871  0.744  1.00 0.00 ? 6  GLN A CA   5  
ATOM   914  C C    . GLN A 1 7  ? -1.688 0.690  0.672  1.00 0.00 ? 6  GLN A C    5  
ATOM   915  O O    . GLN A 1 7  ? -2.353 0.397  1.677  1.00 0.00 ? 6  GLN A O    5  
ATOM   916  C CB   . GLN A 1 7  ? -1.155 3.011  -0.181 1.00 0.00 ? 6  GLN A CB   5  
ATOM   917  C CG   . GLN A 1 7  ? -0.706 4.406  0.260  1.00 0.00 ? 6  GLN A CG   5  
ATOM   918  C CD   . GLN A 1 7  ? -1.442 4.911  1.488  1.00 0.00 ? 6  GLN A CD   5  
ATOM   919  O OE1  . GLN A 1 7  ? -1.351 4.322  2.565  1.00 0.00 ? 6  GLN A OE1  5  
ATOM   920  N NE2  . GLN A 1 7  ? -2.174 6.008  1.334  1.00 0.00 ? 6  GLN A NE2  5  
ATOM   921  H H    . GLN A 1 7  ? 1.143  1.906  -0.345 1.00 0.00 ? 6  GLN A H    5  
ATOM   922  H HA   . GLN A 1 7  ? -0.687 2.242  1.759  1.00 0.00 ? 6  GLN A HA   5  
ATOM   923  H HB2  . GLN A 1 7  ? -0.769 2.837  -1.172 1.00 0.00 ? 6  GLN A HB2  5  
ATOM   924  H HB3  . GLN A 1 7  ? -2.232 3.003  -0.224 1.00 0.00 ? 6  GLN A HB3  5  
ATOM   925  H HG2  . GLN A 1 7  ? 0.345  4.379  0.488  1.00 0.00 ? 6  GLN A HG2  5  
ATOM   926  H HG3  . GLN A 1 7  ? -0.876 5.098  -0.552 1.00 0.00 ? 6  GLN A HG3  5  
ATOM   927  H HE21 . GLN A 1 7  ? -2.200 6.428  0.450  1.00 0.00 ? 6  GLN A HE21 5  
ATOM   928  H HE22 . GLN A 1 7  ? -2.658 6.350  2.112  1.00 0.00 ? 6  GLN A HE22 5  
HETATM 929  C C    . MK8 A 1 8  ? -2.664 -2.189 0.308  1.00 0.00 ? 7  MK8 A C    5  
HETATM 930  N N    . MK8 A 1 8  ? -1.809 0.048  -0.551 1.00 0.00 ? 7  MK8 A N    5  
HETATM 931  O O    . MK8 A 1 8  ? -3.678 -2.851 0.682  1.00 0.00 ? 7  MK8 A O    5  
HETATM 932  C CA   . MK8 A 1 8  ? -2.754 -1.088 -0.835 1.00 0.00 ? 7  MK8 A CA   5  
HETATM 933  C CB   . MK8 A 1 8  ? -2.375 -1.813 -2.175 1.00 0.00 ? 7  MK8 A CB   5  
HETATM 934  C CD   . MK8 A 1 8  ? -2.266 -1.665 -4.709 1.00 0.00 ? 7  MK8 A CD   5  
HETATM 935  C CE   . MK8 A 1 8  ? -2.194 -0.955 -6.111 1.00 0.00 ? 7  MK8 A CE   5  
HETATM 936  C CG   . MK8 A 1 8  ? -1.926 -0.951 -3.388 1.00 0.00 ? 7  MK8 A CG   5  
HETATM 937  C CB1  . MK8 A 1 8  ? -4.188 -0.493 -0.980 1.00 0.00 ? 7  MK8 A CB1  5  
HETATM 938  H H    . MK8 A 1 8  ? -1.270 0.376  -1.290 1.00 0.00 ? 7  MK8 A H    5  
HETATM 939  H HB   . MK8 A 1 8  ? -3.232 -2.394 -2.486 1.00 0.00 ? 7  MK8 A HB   5  
HETATM 940  H HBA  . MK8 A 1 8  ? -1.571 -2.499 -1.962 1.00 0.00 ? 7  MK8 A HBA  5  
HETATM 941  H HD   . MK8 A 1 8  ? -3.279 -2.039 -4.596 1.00 0.00 ? 7  MK8 A HD   5  
HETATM 942  H HDA  . MK8 A 1 8  ? -1.621 -2.521 -4.775 1.00 0.00 ? 7  MK8 A HDA  5  
HETATM 943  H HE   . MK8 A 1 8  ? -2.890 -1.319 -6.852 1.00 0.00 ? 7  MK8 A HE   5  
HETATM 944  H HG   . MK8 A 1 8  ? -0.856 -0.806 -3.343 1.00 0.00 ? 7  MK8 A HG   5  
HETATM 945  H HGA  . MK8 A 1 8  ? -2.426 0.007  -3.345 1.00 0.00 ? 7  MK8 A HGA  5  
HETATM 946  H HB1  . MK8 A 1 8  ? -4.128 0.586  -1.003 1.00 0.00 ? 7  MK8 A HB1  5  
HETATM 947  H HB1A . MK8 A 1 8  ? -4.794 -0.804 -0.146 1.00 0.00 ? 7  MK8 A HB1A 5  
HETATM 948  H HB1B . MK8 A 1 8  ? -4.633 -0.848 -1.901 1.00 0.00 ? 7  MK8 A HB1B 5  
ATOM   949  N N    . LEU A 1 9  ? -1.386 -2.414 0.796  1.00 0.00 ? 8  LEU A N    5  
ATOM   950  C CA   . LEU A 1 9  ? -1.041 -3.438 1.827  1.00 0.00 ? 8  LEU A CA   5  
ATOM   951  C C    . LEU A 1 9  ? -1.701 -3.180 3.199  1.00 0.00 ? 8  LEU A C    5  
ATOM   952  O O    . LEU A 1 9  ? -2.073 -4.160 3.873  1.00 0.00 ? 8  LEU A O    5  
ATOM   953  C CB   . LEU A 1 9  ? 0.495  -3.541 1.990  1.00 0.00 ? 8  LEU A CB   5  
ATOM   954  C CG   . LEU A 1 9  ? 1.037  -4.788 2.733  1.00 0.00 ? 8  LEU A CG   5  
ATOM   955  C CD1  . LEU A 1 9  ? 1.113  -6.007 1.815  1.00 0.00 ? 8  LEU A CD1  5  
ATOM   956  C CD2  . LEU A 1 9  ? 2.405  -4.496 3.331  1.00 0.00 ? 8  LEU A CD2  5  
ATOM   957  H H    . LEU A 1 9  ? -0.653 -1.896 0.406  1.00 0.00 ? 8  LEU A H    5  
ATOM   958  H HA   . LEU A 1 9  ? -1.404 -4.386 1.460  1.00 0.00 ? 8  LEU A HA   5  
ATOM   959  H HB2  . LEU A 1 9  ? 0.939  -3.524 1.006  1.00 0.00 ? 8  LEU A HB2  5  
ATOM   960  H HB3  . LEU A 1 9  ? 0.830  -2.667 2.527  1.00 0.00 ? 8  LEU A HB3  5  
ATOM   961  H HG   . LEU A 1 9  ? 0.367  -5.030 3.544  1.00 0.00 ? 8  LEU A HG   5  
ATOM   962  H HD11 . LEU A 1 9  ? 2.138  -6.164 1.512  1.00 0.00 ? 8  LEU A HD11 5  
ATOM   963  H HD12 . LEU A 1 9  ? 0.502  -5.841 0.942  1.00 0.00 ? 8  LEU A HD12 5  
ATOM   964  H HD13 . LEU A 1 9  ? 0.756  -6.878 2.344  1.00 0.00 ? 8  LEU A HD13 5  
ATOM   965  H HD21 . LEU A 1 9  ? 2.753  -3.534 2.983  1.00 0.00 ? 8  LEU A HD21 5  
ATOM   966  H HD22 . LEU A 1 9  ? 3.102  -5.263 3.027  1.00 0.00 ? 8  LEU A HD22 5  
ATOM   967  H HD23 . LEU A 1 9  ? 2.331  -4.484 4.409  1.00 0.00 ? 8  LEU A HD23 5  
ATOM   968  N N    . GLN A 1 10 ? -1.788 -1.860 3.609  1.00 0.00 ? 9  GLN A N    5  
ATOM   969  C CA   . GLN A 1 10 ? -2.342 -1.432 4.926  1.00 0.00 ? 9  GLN A CA   5  
ATOM   970  C C    . GLN A 1 10 ? -3.871 -1.363 4.958  1.00 0.00 ? 9  GLN A C    5  
ATOM   971  O O    . GLN A 1 10 ? -4.458 -1.713 6.003  1.00 0.00 ? 9  GLN A O    5  
ATOM   972  C CB   . GLN A 1 10 ? -1.747 -0.083 5.353  1.00 0.00 ? 9  GLN A CB   5  
ATOM   973  C CG   . GLN A 1 10 ? -0.286 -0.168 5.776  1.00 0.00 ? 9  GLN A CG   5  
ATOM   974  C CD   . GLN A 1 10 ? 0.324  1.191  6.077  1.00 0.00 ? 9  GLN A CD   5  
ATOM   975  O OE1  . GLN A 1 10 ? 0.293  2.094  5.243  1.00 0.00 ? 9  GLN A OE1  5  
ATOM   976  N NE2  . GLN A 1 10 ? 0.897  1.338  7.270  1.00 0.00 ? 9  GLN A NE2  5  
ATOM   977  H H    . GLN A 1 10 ? -1.433 -1.171 3.013  1.00 0.00 ? 9  GLN A H    5  
ATOM   978  H HA   . GLN A 1 10 ? -2.034 -2.175 5.648  1.00 0.00 ? 9  GLN A HA   5  
ATOM   979  H HB2  . GLN A 1 10 ? -1.821 0.611  4.532  1.00 0.00 ? 9  GLN A HB2  5  
ATOM   980  H HB3  . GLN A 1 10 ? -2.317 0.299  6.188  1.00 0.00 ? 9  GLN A HB3  5  
ATOM   981  H HG2  . GLN A 1 10 ? -0.219 -0.777 6.666  1.00 0.00 ? 9  GLN A HG2  5  
ATOM   982  H HG3  . GLN A 1 10 ? 0.279  -0.632 4.981  1.00 0.00 ? 9  GLN A HG3  5  
ATOM   983  H HE21 . GLN A 1 10 ? 0.896  0.572  7.882  1.00 0.00 ? 9  GLN A HE21 5  
ATOM   984  H HE22 . GLN A 1 10 ? 1.301  2.206  7.487  1.00 0.00 ? 9  GLN A HE22 5  
ATOM   985  N N    . ASP A 1 11 ? -4.495 -0.905 3.812  1.00 0.00 ? 10 ASP A N    5  
ATOM   986  C CA   . ASP A 1 11 ? -5.965 -0.768 3.671  1.00 0.00 ? 10 ASP A CA   5  
ATOM   987  C C    . ASP A 1 11 ? -6.630 -2.146 3.660  1.00 0.00 ? 10 ASP A C    5  
ATOM   988  O O    . ASP A 1 11 ? -7.788 -2.271 4.103  1.00 0.00 ? 10 ASP A O    5  
ATOM   989  C CB   . ASP A 1 11 ? -6.325 0.034  2.403  1.00 0.00 ? 10 ASP A CB   5  
ATOM   990  C CG   . ASP A 1 11 ? -7.814 0.313  2.273  1.00 0.00 ? 10 ASP A CG   5  
ATOM   991  O OD1  . ASP A 1 11 ? -8.598 -0.658 2.231  1.00 0.00 ? 10 ASP A OD1  5  
ATOM   992  O OD2  . ASP A 1 11 ? -8.192 1.500  2.214  1.00 0.00 ? 10 ASP A OD2  5  
ATOM   993  H H    . ASP A 1 11 ? -3.934 -0.658 3.051  1.00 0.00 ? 10 ASP A H    5  
ATOM   994  H HA   . ASP A 1 11 ? -6.323 -0.229 4.537  1.00 0.00 ? 10 ASP A HA   5  
ATOM   995  H HB2  . ASP A 1 11 ? -5.811 0.984  2.429  1.00 0.00 ? 10 ASP A HB2  5  
ATOM   996  H HB3  . ASP A 1 11 ? -6.004 -0.515 1.532  1.00 0.00 ? 10 ASP A HB3  5  
ATOM   997  N N    . SER A 1 12 ? -5.854 -3.168 3.156  1.00 0.00 ? 11 SER A N    5  
ATOM   998  C CA   . SER A 1 12 ? -6.289 -4.577 3.067  1.00 0.00 ? 11 SER A CA   5  
ATOM   999  C C    . SER A 1 12 ? -6.075 -5.288 4.404  1.00 0.00 ? 11 SER A C    5  
ATOM   1000 O O    . SER A 1 12 ? -6.617 -6.368 4.635  1.00 0.00 ? 11 SER A O    5  
ATOM   1001 C CB   . SER A 1 12 ? -5.526 -5.301 1.950  1.00 0.00 ? 11 SER A CB   5  
ATOM   1002 O OG   . SER A 1 12 ? -4.152 -5.431 2.270  1.00 0.00 ? 11 SER A OG   5  
ATOM   1003 H H    . SER A 1 12 ? -4.951 -2.951 2.850  1.00 0.00 ? 11 SER A H    5  
ATOM   1004 H HA   . SER A 1 12 ? -7.346 -4.584 2.838  1.00 0.00 ? 11 SER A HA   5  
ATOM   1005 H HB2  . SER A 1 12 ? -5.944 -6.287 1.805  1.00 0.00 ? 11 SER A HB2  5  
ATOM   1006 H HB3  . SER A 1 12 ? -5.616 -4.739 1.031  1.00 0.00 ? 11 SER A HB3  5  
ATOM   1007 H HG   . SER A 1 12 ? -4.031 -6.178 2.864  1.00 0.00 ? 11 SER A HG   5  
HETATM 1008 N N    . NH2 A 1 13 ? -5.289 -4.676 5.291  1.00 0.00 ? 12 NH2 A N    5  
HETATM 1009 H HN1  . NH2 A 1 13 ? -4.892 -3.814 5.044  1.00 0.00 ? 12 NH2 A HN1  5  
HETATM 1010 H HN2  . NH2 A 1 13 ? -5.138 -5.112 6.154  1.00 0.00 ? 12 NH2 A HN2  5  
HETATM 1011 C C    . ACE A 1 1  ? 5.858  3.258  -6.862 1.00 0.00 ? 0  ACE A C    6  
HETATM 1012 O O    . ACE A 1 1  ? 5.103  2.266  -6.850 1.00 0.00 ? 0  ACE A O    6  
HETATM 1013 C CH3  . ACE A 1 1  ? 5.634  4.347  -7.891 1.00 0.00 ? 0  ACE A CH3  6  
HETATM 1014 H H1   . ACE A 1 1  ? 4.579  4.429  -8.106 1.00 0.00 ? 0  ACE A H1   6  
HETATM 1015 H H2   . ACE A 1 1  ? 6.167  4.099  -8.797 1.00 0.00 ? 0  ACE A H2   6  
HETATM 1016 H H3   . ACE A 1 1  ? 5.998  5.288  -7.506 1.00 0.00 ? 0  ACE A H3   6  
ATOM   1017 N N    . HIS A 1 2  ? 6.926  3.459  -6.009 1.00 0.00 ? 1  HIS A N    6  
ATOM   1018 C CA   . HIS A 1 2  ? 7.328  2.513  -4.949 1.00 0.00 ? 1  HIS A CA   6  
ATOM   1019 C C    . HIS A 1 2  ? 6.393  2.596  -3.722 1.00 0.00 ? 1  HIS A C    6  
ATOM   1020 O O    . HIS A 1 2  ? 6.156  1.553  -3.083 1.00 0.00 ? 1  HIS A O    6  
ATOM   1021 C CB   . HIS A 1 2  ? 8.795  2.769  -4.541 1.00 0.00 ? 1  HIS A CB   6  
ATOM   1022 C CG   . HIS A 1 2  ? 9.445  1.611  -3.833 1.00 0.00 ? 1  HIS A CG   6  
ATOM   1023 N ND1  . HIS A 1 2  ? 8.946  1.070  -2.668 1.00 0.00 ? 1  HIS A ND1  6  
ATOM   1024 C CD2  . HIS A 1 2  ? 10.553 0.891  -4.136 1.00 0.00 ? 1  HIS A CD2  6  
ATOM   1025 C CE1  . HIS A 1 2  ? 9.716  0.067  -2.285 1.00 0.00 ? 1  HIS A CE1  6  
ATOM   1026 N NE2  . HIS A 1 2  ? 10.698 -0.062 -3.158 1.00 0.00 ? 1  HIS A NE2  6  
ATOM   1027 H H    . HIS A 1 2  ? 7.462  4.273  -6.129 1.00 0.00 ? 1  HIS A H    6  
ATOM   1028 H HA   . HIS A 1 2  ? 7.261  1.517  -5.365 1.00 0.00 ? 1  HIS A HA   6  
ATOM   1029 H HB2  . HIS A 1 2  ? 9.375  2.978  -5.429 1.00 0.00 ? 1  HIS A HB2  6  
ATOM   1030 H HB3  . HIS A 1 2  ? 8.839  3.625  -3.885 1.00 0.00 ? 1  HIS A HB3  6  
ATOM   1031 H HD1  . HIS A 1 2  ? 8.146  1.375  -2.191 1.00 0.00 ? 1  HIS A HD1  6  
ATOM   1032 H HD2  . HIS A 1 2  ? 11.204 1.040  -4.987 1.00 0.00 ? 1  HIS A HD2  6  
ATOM   1033 H HE1  . HIS A 1 2  ? 9.568  -0.545 -1.407 1.00 0.00 ? 1  HIS A HE1  6  
ATOM   1034 H HE2  . HIS A 1 2  ? 11.330 -0.812 -3.186 1.00 0.00 ? 1  HIS A HE2  6  
ATOM   1035 N N    . LYS A 1 3  ? 5.902  3.856  -3.394 1.00 0.00 ? 2  LYS A N    6  
ATOM   1036 C CA   . LYS A 1 3  ? 5.019  4.118  -2.218 1.00 0.00 ? 2  LYS A CA   6  
ATOM   1037 C C    . LYS A 1 3  ? 3.581  3.565  -2.351 1.00 0.00 ? 2  LYS A C    6  
ATOM   1038 O O    . LYS A 1 3  ? 2.980  3.178  -1.327 1.00 0.00 ? 2  LYS A O    6  
ATOM   1039 C CB   . LYS A 1 3  ? 4.993  5.618  -1.826 1.00 0.00 ? 2  LYS A CB   6  
ATOM   1040 C CG   . LYS A 1 3  ? 4.528  6.602  -2.895 1.00 0.00 ? 2  LYS A CG   6  
ATOM   1041 C CD   . LYS A 1 3  ? 4.370  8.001  -2.312 1.00 0.00 ? 2  LYS A CD   6  
ATOM   1042 C CE   . LYS A 1 3  ? 3.750  8.977  -3.308 1.00 0.00 ? 2  LYS A CE   6  
ATOM   1043 N NZ   . LYS A 1 3  ? 2.387  8.553  -3.740 1.00 0.00 ? 2  LYS A NZ   6  
ATOM   1044 H H    . LYS A 1 3  ? 6.174  4.614  -3.949 1.00 0.00 ? 2  LYS A H    6  
ATOM   1045 H HA   . LYS A 1 3  ? 5.476  3.589  -1.397 1.00 0.00 ? 2  LYS A HA   6  
ATOM   1046 H HB2  . LYS A 1 3  ? 4.335  5.733  -0.982 1.00 0.00 ? 2  LYS A HB2  6  
ATOM   1047 H HB3  . LYS A 1 3  ? 5.988  5.903  -1.521 1.00 0.00 ? 2  LYS A HB3  6  
ATOM   1048 H HG2  . LYS A 1 3  ? 5.263  6.643  -3.680 1.00 0.00 ? 2  LYS A HG2  6  
ATOM   1049 H HG3  . LYS A 1 3  ? 3.577  6.280  -3.290 1.00 0.00 ? 2  LYS A HG3  6  
ATOM   1050 H HD2  . LYS A 1 3  ? 3.736  7.946  -1.441 1.00 0.00 ? 2  LYS A HD2  6  
ATOM   1051 H HD3  . LYS A 1 3  ? 5.345  8.369  -2.024 1.00 0.00 ? 2  LYS A HD3  6  
ATOM   1052 H HE2  . LYS A 1 3  ? 3.678  9.948  -2.837 1.00 0.00 ? 2  LYS A HE2  6  
ATOM   1053 H HE3  . LYS A 1 3  ? 4.389  9.050  -4.175 1.00 0.00 ? 2  LYS A HE3  6  
ATOM   1054 H HZ1  . LYS A 1 3  ? 2.456  7.757  -4.406 1.00 0.00 ? 2  LYS A HZ1  6  
ATOM   1055 H HZ2  . LYS A 1 3  ? 1.899  9.342  -4.210 1.00 0.00 ? 2  LYS A HZ2  6  
ATOM   1056 H HZ3  . LYS A 1 3  ? 1.827  8.256  -2.915 1.00 0.00 ? 2  LYS A HZ3  6  
HETATM 1057 C C    . MK8 A 1 4  ? 1.339  1.670  -3.154 1.00 0.00 ? 3  MK8 A C    6  
HETATM 1058 N N    . MK8 A 1 4  ? 2.994  3.533  -3.624 1.00 0.00 ? 3  MK8 A N    6  
HETATM 1059 O O    . MK8 A 1 4  ? 0.445  1.529  -2.287 1.00 0.00 ? 3  MK8 A O    6  
HETATM 1060 C CA   . MK8 A 1 4  ? 1.585  3.050  -3.908 1.00 0.00 ? 3  MK8 A CA   6  
HETATM 1061 C CB   . MK8 A 1 4  ? 1.413  2.840  -5.479 1.00 0.00 ? 3  MK8 A CB   6  
HETATM 1062 C CD   . MK8 A 1 4  ? -0.127 0.740  -5.824 1.00 0.00 ? 3  MK8 A CD   6  
HETATM 1063 C CE   . MK8 A 1 4  ? -1.285 0.022  -6.556 1.00 0.00 ? 3  MK8 A CE   6  
HETATM 1064 C CG   . MK8 A 1 4  ? 0.069  2.243  -6.061 1.00 0.00 ? 3  MK8 A CG   6  
HETATM 1065 C CB1  . MK8 A 1 4  ? 0.639  4.215  -3.441 1.00 0.00 ? 3  MK8 A CB1  6  
HETATM 1066 H H    . MK8 A 1 4  ? 3.516  3.861  -4.378 1.00 0.00 ? 3  MK8 A H    6  
HETATM 1067 H HB   . MK8 A 1 4  ? 2.215  2.192  -5.806 1.00 0.00 ? 3  MK8 A HB   6  
HETATM 1068 H HBA  . MK8 A 1 4  ? 1.554  3.797  -5.952 1.00 0.00 ? 3  MK8 A HBA  6  
HETATM 1069 H HD   . MK8 A 1 4  ? -0.284 0.606  -4.760 1.00 0.00 ? 3  MK8 A HD   6  
HETATM 1070 H HDA  . MK8 A 1 4  ? 0.787  0.239  -6.090 1.00 0.00 ? 3  MK8 A HDA  6  
HETATM 1071 H HE   . MK8 A 1 4  ? -1.520 0.379  -7.548 1.00 0.00 ? 3  MK8 A HE   6  
HETATM 1072 H HG   . MK8 A 1 4  ? 0.050  2.430  -7.128 1.00 0.00 ? 3  MK8 A HG   6  
HETATM 1073 H HGA  . MK8 A 1 4  ? -0.758 2.762  -5.605 1.00 0.00 ? 3  MK8 A HGA  6  
HETATM 1074 H HB1  . MK8 A 1 4  ? 1.153  4.827  -2.713 1.00 0.00 ? 3  MK8 A HB1  6  
HETATM 1075 H HB1A . MK8 A 1 4  ? -0.251 3.798  -2.995 1.00 0.00 ? 3  MK8 A HB1A 6  
HETATM 1076 H HB1B . MK8 A 1 4  ? 0.364  4.820  -4.293 1.00 0.00 ? 3  MK8 A HB1B 6  
ATOM   1077 N N    . LEU A 1 5  ? 2.153  0.624  -3.589 1.00 0.00 ? 4  LEU A N    6  
ATOM   1078 C CA   . LEU A 1 5  ? 2.072  -0.775 -3.092 1.00 0.00 ? 4  LEU A CA   6  
ATOM   1079 C C    . LEU A 1 5  ? 2.082  -0.857 -1.565 1.00 0.00 ? 4  LEU A C    6  
ATOM   1080 O O    . LEU A 1 5  ? 1.538  -1.839 -1.016 1.00 0.00 ? 4  LEU A O    6  
ATOM   1081 C CB   . LEU A 1 5  ? 3.192  -1.649 -3.714 1.00 0.00 ? 4  LEU A CB   6  
ATOM   1082 C CG   . LEU A 1 5  ? 3.066  -3.186 -3.539 1.00 0.00 ? 4  LEU A CG   6  
ATOM   1083 C CD1  . LEU A 1 5  ? 2.058  -3.801 -4.520 1.00 0.00 ? 4  LEU A CD1  6  
ATOM   1084 C CD2  . LEU A 1 5  ? 4.426  -3.843 -3.702 1.00 0.00 ? 4  LEU A CD2  6  
ATOM   1085 H H    . LEU A 1 5  ? 2.797  0.816  -4.304 1.00 0.00 ? 4  LEU A H    6  
ATOM   1086 H HA   . LEU A 1 5  ? 1.124  -1.162 -3.426 1.00 0.00 ? 4  LEU A HA   6  
ATOM   1087 H HB2  . LEU A 1 5  ? 3.221  -1.442 -4.774 1.00 0.00 ? 4  LEU A HB2  6  
ATOM   1088 H HB3  . LEU A 1 5  ? 4.133  -1.341 -3.283 1.00 0.00 ? 4  LEU A HB3  6  
ATOM   1089 H HG   . LEU A 1 5  ? 2.717  -3.397 -2.540 1.00 0.00 ? 4  LEU A HG   6  
ATOM   1090 H HD11 . LEU A 1 5  ? 1.574  -4.647 -4.054 1.00 0.00 ? 4  LEU A HD11 6  
ATOM   1091 H HD12 . LEU A 1 5  ? 2.573  -4.125 -5.410 1.00 0.00 ? 4  LEU A HD12 6  
ATOM   1092 H HD13 . LEU A 1 5  ? 1.315  -3.061 -4.781 1.00 0.00 ? 4  LEU A HD13 6  
ATOM   1093 H HD21 . LEU A 1 5  ? 4.308  -4.916 -3.725 1.00 0.00 ? 4  LEU A HD21 6  
ATOM   1094 H HD22 . LEU A 1 5  ? 5.060  -3.568 -2.872 1.00 0.00 ? 4  LEU A HD22 6  
ATOM   1095 H HD23 . LEU A 1 5  ? 4.878  -3.511 -4.625 1.00 0.00 ? 4  LEU A HD23 6  
ATOM   1096 N N    . HIS A 1 6  ? 2.691  0.192  -0.906 1.00 0.00 ? 5  HIS A N    6  
ATOM   1097 C CA   . HIS A 1 6  ? 2.781  0.298  0.563  1.00 0.00 ? 5  HIS A CA   6  
ATOM   1098 C C    . HIS A 1 6  ? 1.384  0.565  1.128  1.00 0.00 ? 5  HIS A C    6  
ATOM   1099 O O    . HIS A 1 6  ? 0.994  -0.042 2.140  1.00 0.00 ? 5  HIS A O    6  
ATOM   1100 C CB   . HIS A 1 6  ? 3.774  1.401  0.956  1.00 0.00 ? 5  HIS A CB   6  
ATOM   1101 C CG   . HIS A 1 6  ? 4.263  1.316  2.372  1.00 0.00 ? 5  HIS A CG   6  
ATOM   1102 N ND1  . HIS A 1 6  ? 3.425  1.374  3.465  1.00 0.00 ? 5  HIS A ND1  6  
ATOM   1103 C CD2  . HIS A 1 6  ? 5.519  1.178  2.870  1.00 0.00 ? 5  HIS A CD2  6  
ATOM   1104 C CE1  . HIS A 1 6  ? 4.142  1.276  4.572  1.00 0.00 ? 5  HIS A CE1  6  
ATOM   1105 N NE2  . HIS A 1 6  ? 5.412  1.156  4.237  1.00 0.00 ? 5  HIS A NE2  6  
ATOM   1106 H H    . HIS A 1 6  ? 3.072  0.916  -1.444 1.00 0.00 ? 5  HIS A H    6  
ATOM   1107 H HA   . HIS A 1 6  ? 3.132  -0.651 0.941  1.00 0.00 ? 5  HIS A HA   6  
ATOM   1108 H HB2  . HIS A 1 6  ? 4.637  1.339  0.309  1.00 0.00 ? 5  HIS A HB2  6  
ATOM   1109 H HB3  . HIS A 1 6  ? 3.302  2.361  0.824  1.00 0.00 ? 5  HIS A HB3  6  
ATOM   1110 H HD1  . HIS A 1 6  ? 2.451  1.477  3.436  1.00 0.00 ? 5  HIS A HD1  6  
ATOM   1111 H HD2  . HIS A 1 6  ? 6.436  1.104  2.299  1.00 0.00 ? 5  HIS A HD2  6  
ATOM   1112 H HE1  . HIS A 1 6  ? 3.756  1.293  5.578  1.00 0.00 ? 5  HIS A HE1  6  
ATOM   1113 H HE2  . HIS A 1 6  ? 6.148  0.989  4.863  1.00 0.00 ? 5  HIS A HE2  6  
ATOM   1114 N N    . GLN A 1 7  ? 0.650  1.490  0.424  1.00 0.00 ? 6  GLN A N    6  
ATOM   1115 C CA   . GLN A 1 7  ? -0.732 1.908  0.770  1.00 0.00 ? 6  GLN A CA   6  
ATOM   1116 C C    . GLN A 1 7  ? -1.761 0.768  0.618  1.00 0.00 ? 6  GLN A C    6  
ATOM   1117 O O    . GLN A 1 7  ? -2.625 0.612  1.493  1.00 0.00 ? 6  GLN A O    6  
ATOM   1118 C CB   . GLN A 1 7  ? -1.167 3.108  -0.089 1.00 0.00 ? 6  GLN A CB   6  
ATOM   1119 C CG   . GLN A 1 7  ? -0.723 4.464  0.449  1.00 0.00 ? 6  GLN A CG   6  
ATOM   1120 C CD   . GLN A 1 7  ? -1.601 4.957  1.579  1.00 0.00 ? 6  GLN A CD   6  
ATOM   1121 O OE1  . GLN A 1 7  ? -1.741 4.295  2.606  1.00 0.00 ? 6  GLN A OE1  6  
ATOM   1122 N NE2  . GLN A 1 7  ? -2.197 6.131  1.397  1.00 0.00 ? 6  GLN A NE2  6  
ATOM   1123 H H    . GLN A 1 7  ? 1.081  1.906  -0.354 1.00 0.00 ? 6  GLN A H    6  
ATOM   1124 H HA   . GLN A 1 7  ? -0.723 2.215  1.805  1.00 0.00 ? 6  GLN A HA   6  
ATOM   1125 H HB2  . GLN A 1 7  ? -0.763 2.997  -1.081 1.00 0.00 ? 6  GLN A HB2  6  
ATOM   1126 H HB3  . GLN A 1 7  ? -2.243 3.112  -0.154 1.00 0.00 ? 6  GLN A HB3  6  
ATOM   1127 H HG2  . GLN A 1 7  ? 0.286  4.382  0.817  1.00 0.00 ? 6  GLN A HG2  6  
ATOM   1128 H HG3  . GLN A 1 7  ? -0.753 5.185  -0.356 1.00 0.00 ? 6  GLN A HG3  6  
ATOM   1129 H HE21 . GLN A 1 7  ? -2.038 6.607  0.555  1.00 0.00 ? 6  GLN A HE21 6  
ATOM   1130 H HE22 . GLN A 1 7  ? -2.773 6.470  2.109  1.00 0.00 ? 6  GLN A HE22 6  
HETATM 1131 C C    . MK8 A 1 8  ? -2.538 -2.213 0.297  1.00 0.00 ? 7  MK8 A C    6  
HETATM 1132 N N    . MK8 A 1 8  ? -1.673 -0.012 -0.529 1.00 0.00 ? 7  MK8 A N    6  
HETATM 1133 O O    . MK8 A 1 8  ? -3.549 -2.882 0.657  1.00 0.00 ? 7  MK8 A O    6  
HETATM 1134 C CA   . MK8 A 1 8  ? -2.597 -1.148 -0.868 1.00 0.00 ? 7  MK8 A CA   6  
HETATM 1135 C CB   . MK8 A 1 8  ? -2.093 -1.888 -2.160 1.00 0.00 ? 7  MK8 A CB   6  
HETATM 1136 C CD   . MK8 A 1 8  ? -1.983 -1.771 -4.698 1.00 0.00 ? 7  MK8 A CD   6  
HETATM 1137 C CE   . MK8 A 1 8  ? -2.058 -1.023 -6.083 1.00 0.00 ? 7  MK8 A CE   6  
HETATM 1138 C CG   . MK8 A 1 8  ? -1.638 -1.037 -3.386 1.00 0.00 ? 7  MK8 A CG   6  
HETATM 1139 C CB1  . MK8 A 1 8  ? -4.053 -0.614 -1.128 1.00 0.00 ? 7  MK8 A CB1  6  
HETATM 1140 H H    . MK8 A 1 8  ? -0.970 0.193  -1.159 1.00 0.00 ? 7  MK8 A H    6  
HETATM 1141 H HB   . MK8 A 1 8  ? -2.886 -2.544 -2.492 1.00 0.00 ? 7  MK8 A HB   6  
HETATM 1142 H HBA  . MK8 A 1 8  ? -1.252 -2.503 -1.878 1.00 0.00 ? 7  MK8 A HBA  6  
HETATM 1143 H HD   . MK8 A 1 8  ? -2.945 -2.247 -4.540 1.00 0.00 ? 7  MK8 A HD   6  
HETATM 1144 H HDA  . MK8 A 1 8  ? -1.256 -2.554 -4.821 1.00 0.00 ? 7  MK8 A HDA  6  
HETATM 1145 H HE   . MK8 A 1 8  ? -2.818 -1.379 -6.765 1.00 0.00 ? 7  MK8 A HE   6  
HETATM 1146 H HG   . MK8 A 1 8  ? -0.565 -0.893 -3.340 1.00 0.00 ? 7  MK8 A HG   6  
HETATM 1147 H HGA  . MK8 A 1 8  ? -2.137 -0.079 -3.354 1.00 0.00 ? 7  MK8 A HGA  6  
HETATM 1148 H HB1  . MK8 A 1 8  ? -4.287 0.155  -0.408 1.00 0.00 ? 7  MK8 A HB1  6  
HETATM 1149 H HB1A . MK8 A 1 8  ? -4.756 -1.427 -1.029 1.00 0.00 ? 7  MK8 A HB1A 6  
HETATM 1150 H HB1B . MK8 A 1 8  ? -4.113 -0.206 -2.127 1.00 0.00 ? 7  MK8 A HB1B 6  
ATOM   1151 N N    . LEU A 1 9  ? -1.272 -2.403 0.819  1.00 0.00 ? 8  LEU A N    6  
ATOM   1152 C CA   . LEU A 1 9  ? -0.930 -3.395 1.875  1.00 0.00 ? 8  LEU A CA   6  
ATOM   1153 C C    . LEU A 1 9  ? -1.625 -3.142 3.230  1.00 0.00 ? 8  LEU A C    6  
ATOM   1154 O O    . LEU A 1 9  ? -2.000 -4.130 3.893  1.00 0.00 ? 8  LEU A O    6  
ATOM   1155 C CB   . LEU A 1 9  ? 0.604  -3.456 2.062  1.00 0.00 ? 8  LEU A CB   6  
ATOM   1156 C CG   . LEU A 1 9  ? 1.176  -4.676 2.828  1.00 0.00 ? 8  LEU A CG   6  
ATOM   1157 C CD1  . LEU A 1 9  ? 1.266  -5.923 1.945  1.00 0.00 ? 8  LEU A CD1  6  
ATOM   1158 C CD2  . LEU A 1 9  ? 2.549  -4.341 3.386  1.00 0.00 ? 8  LEU A CD2  6  
ATOM   1159 H H    . LEU A 1 9  ? -0.538 -1.880 0.429  1.00 0.00 ? 8  LEU A H    6  
ATOM   1160 H HA   . LEU A 1 9  ? -1.260 -4.357 1.514  1.00 0.00 ? 8  LEU A HA   6  
ATOM   1161 H HB2  . LEU A 1 9  ? 1.060  -3.440 1.083  1.00 0.00 ? 8  LEU A HB2  6  
ATOM   1162 H HB3  . LEU A 1 9  ? 0.909  -2.565 2.589  1.00 0.00 ? 8  LEU A HB3  6  
ATOM   1163 H HG   . LEU A 1 9  ? 0.526  -4.905 3.659  1.00 0.00 ? 8  LEU A HG   6  
ATOM   1164 H HD11 . LEU A 1 9  ? 0.432  -6.576 2.159  1.00 0.00 ? 8  LEU A HD11 6  
ATOM   1165 H HD12 . LEU A 1 9  ? 2.191  -6.442 2.151  1.00 0.00 ? 8  LEU A HD12 6  
ATOM   1166 H HD13 . LEU A 1 9  ? 1.239  -5.632 0.906  1.00 0.00 ? 8  LEU A HD13 6  
ATOM   1167 H HD21 . LEU A 1 9  ? 2.925  -5.187 3.943  1.00 0.00 ? 8  LEU A HD21 6  
ATOM   1168 H HD22 . LEU A 1 9  ? 2.475  -3.485 4.039  1.00 0.00 ? 8  LEU A HD22 6  
ATOM   1169 H HD23 . LEU A 1 9  ? 3.222  -4.118 2.573  1.00 0.00 ? 8  LEU A HD23 6  
ATOM   1170 N N    . GLN A 1 10 ? -1.745 -1.823 3.645  1.00 0.00 ? 9  GLN A N    6  
ATOM   1171 C CA   . GLN A 1 10 ? -2.344 -1.416 4.953  1.00 0.00 ? 9  GLN A CA   6  
ATOM   1172 C C    . GLN A 1 10 ? -3.879 -1.360 4.965  1.00 0.00 ? 9  GLN A C    6  
ATOM   1173 O O    . GLN A 1 10 ? -4.474 -1.696 6.012  1.00 0.00 ? 9  GLN A O    6  
ATOM   1174 C CB   . GLN A 1 10 ? -1.779 -0.070 5.430  1.00 0.00 ? 9  GLN A CB   6  
ATOM   1175 C CG   . GLN A 1 10 ? -0.382 -0.175 6.026  1.00 0.00 ? 9  GLN A CG   6  
ATOM   1176 C CD   . GLN A 1 10 ? 0.131  1.148  6.569  1.00 0.00 ? 9  GLN A CD   6  
ATOM   1177 O OE1  . GLN A 1 10 ? 0.185  2.146  5.851  1.00 0.00 ? 9  GLN A OE1  6  
ATOM   1178 N NE2  . GLN A 1 10 ? 0.520  1.159  7.842  1.00 0.00 ? 9  GLN A NE2  6  
ATOM   1179 H H    . GLN A 1 10 ? -1.386 -1.123 3.060  1.00 0.00 ? 9  GLN A H    6  
ATOM   1180 H HA   . GLN A 1 10 ? -2.046 -2.167 5.671  1.00 0.00 ? 9  GLN A HA   6  
ATOM   1181 H HB2  . GLN A 1 10 ? -1.739 0.613  4.594  1.00 0.00 ? 9  GLN A HB2  6  
ATOM   1182 H HB3  . GLN A 1 10 ? -2.438 0.336  6.183  1.00 0.00 ? 9  GLN A HB3  6  
ATOM   1183 H HG2  . GLN A 1 10 ? -0.407 -0.889 6.836  1.00 0.00 ? 9  GLN A HG2  6  
ATOM   1184 H HG3  . GLN A 1 10 ? 0.295  -0.523 5.263  1.00 0.00 ? 9  GLN A HG3  6  
ATOM   1185 H HE21 . GLN A 1 10 ? 0.456  0.325  8.354  1.00 0.00 ? 9  GLN A HE21 6  
ATOM   1186 H HE22 . GLN A 1 10 ? 0.859  2.000  8.218  1.00 0.00 ? 9  GLN A HE22 6  
ATOM   1187 N N    . ASP A 1 11 ? -4.498 -0.917 3.809  1.00 0.00 ? 10 ASP A N    6  
ATOM   1188 C CA   . ASP A 1 11 ? -5.973 -0.782 3.663  1.00 0.00 ? 10 ASP A CA   6  
ATOM   1189 C C    . ASP A 1 11 ? -6.664 -2.152 3.668  1.00 0.00 ? 10 ASP A C    6  
ATOM   1190 O O    . ASP A 1 11 ? -7.829 -2.241 4.098  1.00 0.00 ? 10 ASP A O    6  
ATOM   1191 C CB   . ASP A 1 11 ? -6.329 0.015  2.390  1.00 0.00 ? 10 ASP A CB   6  
ATOM   1192 C CG   . ASP A 1 11 ? -7.816 0.309  2.267  1.00 0.00 ? 10 ASP A CG   6  
ATOM   1193 O OD1  . ASP A 1 11 ? -8.608 -0.655 2.206  1.00 0.00 ? 10 ASP A OD1  6  
ATOM   1194 O OD2  . ASP A 1 11 ? -8.185 1.500  2.237  1.00 0.00 ? 10 ASP A OD2  6  
ATOM   1195 H H    . ASP A 1 11 ? -3.934 -0.667 3.051  1.00 0.00 ? 10 ASP A H    6  
ATOM   1196 H HA   . ASP A 1 11 ? -6.328 -0.230 4.523  1.00 0.00 ? 10 ASP A HA   6  
ATOM   1197 H HB2  . ASP A 1 11 ? -5.805 0.960  2.408  1.00 0.00 ? 10 ASP A HB2  6  
ATOM   1198 H HB3  . ASP A 1 11 ? -6.018 -0.543 1.521  1.00 0.00 ? 10 ASP A HB3  6  
ATOM   1199 N N    . SER A 1 12 ? -5.912 -3.203 3.190  1.00 0.00 ? 11 SER A N    6  
ATOM   1200 C CA   . SER A 1 12 ? -6.377 -4.600 3.117  1.00 0.00 ? 11 SER A CA   6  
ATOM   1201 C C    . SER A 1 12 ? -6.183 -5.265 4.508  1.00 0.00 ? 11 SER A C    6  
ATOM   1202 O O    . SER A 1 12 ? -6.053 -4.552 5.502  1.00 0.00 ? 11 SER A O    6  
ATOM   1203 C CB   . SER A 1 12 ? -5.610 -5.305 1.975  1.00 0.00 ? 11 SER A CB   6  
ATOM   1204 O OG   . SER A 1 12 ? -5.561 -4.479 0.826  1.00 0.00 ? 11 SER A OG   6  
ATOM   1205 H H    . SER A 1 12 ? -5.001 -3.017 2.887  1.00 0.00 ? 11 SER A H    6  
ATOM   1206 H HA   . SER A 1 12 ? -7.437 -4.580 2.882  1.00 0.00 ? 11 SER A HA   6  
ATOM   1207 H HB2  . SER A 1 12 ? -4.604 -5.519 2.292  1.00 0.00 ? 11 SER A HB2  6  
ATOM   1208 H HB3  . SER A 1 12 ? -6.110 -6.224 1.705  1.00 0.00 ? 11 SER A HB3  6  
ATOM   1209 H HG   . SER A 1 12 ? -5.602 -5.025 0.038  1.00 0.00 ? 11 SER A HG   6  
HETATM 1210 N N    . NH2 A 1 13 ? -6.209 -6.599 4.611  1.00 0.00 ? 12 NH2 A N    6  
HETATM 1211 H HN1  . NH2 A 1 13 ? -6.343 -7.129 3.803  1.00 0.00 ? 12 NH2 A HN1  6  
HETATM 1212 H HN2  . NH2 A 1 13 ? -6.088 -6.992 5.507  1.00 0.00 ? 12 NH2 A HN2  6  
HETATM 1213 C C    . ACE A 1 1  ? 5.664  3.020  -6.818 1.00 0.00 ? 0  ACE A C    7  
HETATM 1214 O O    . ACE A 1 1  ? 4.865  2.070  -6.699 1.00 0.00 ? 0  ACE A O    7  
HETATM 1215 C CH3  . ACE A 1 1  ? 5.454  4.031  -7.927 1.00 0.00 ? 0  ACE A CH3  7  
HETATM 1216 H H1   . ACE A 1 1  ? 4.399  4.123  -8.135 1.00 0.00 ? 0  ACE A H1   7  
HETATM 1217 H H2   . ACE A 1 1  ? 5.970  3.701  -8.816 1.00 0.00 ? 0  ACE A H2   7  
HETATM 1218 H H3   . ACE A 1 1  ? 5.845  4.989  -7.618 1.00 0.00 ? 0  ACE A H3   7  
ATOM   1219 N N    . HIS A 1 2  ? 6.763  3.242  -6.017 1.00 0.00 ? 1  HIS A N    7  
ATOM   1220 C CA   . HIS A 1 2  ? 7.156  2.376  -4.886 1.00 0.00 ? 1  HIS A CA   7  
ATOM   1221 C C    . HIS A 1 2  ? 6.282  2.607  -3.646 1.00 0.00 ? 1  HIS A C    7  
ATOM   1222 O O    . HIS A 1 2  ? 6.088  1.664  -2.858 1.00 0.00 ? 1  HIS A O    7  
ATOM   1223 C CB   . HIS A 1 2  ? 8.640  2.574  -4.538 1.00 0.00 ? 1  HIS A CB   7  
ATOM   1224 C CG   . HIS A 1 2  ? 9.572  1.958  -5.539 1.00 0.00 ? 1  HIS A CG   7  
ATOM   1225 N ND1  . HIS A 1 2  ? 9.396  0.684  -6.038 1.00 0.00 ? 1  HIS A ND1  7  
ATOM   1226 C CD2  . HIS A 1 2  ? 10.704 2.432  -6.121 1.00 0.00 ? 1  HIS A CD2  7  
ATOM   1227 C CE1  . HIS A 1 2  ? 10.372 0.402  -6.883 1.00 0.00 ? 1  HIS A CE1  7  
ATOM   1228 N NE2  . HIS A 1 2  ? 11.177 1.446  -6.951 1.00 0.00 ? 1  HIS A NE2  7  
ATOM   1229 H H    . HIS A 1 2  ? 7.322  4.021  -6.216 1.00 0.00 ? 1  HIS A H    7  
ATOM   1230 H HA   . HIS A 1 2  ? 7.021  1.356  -5.211 1.00 0.00 ? 1  HIS A HA   7  
ATOM   1231 H HB2  . HIS A 1 2  ? 8.857  3.630  -4.493 1.00 0.00 ? 1  HIS A HB2  7  
ATOM   1232 H HB3  . HIS A 1 2  ? 8.841  2.129  -3.575 1.00 0.00 ? 1  HIS A HB3  7  
ATOM   1233 H HD1  . HIS A 1 2  ? 8.662  0.076  -5.807 1.00 0.00 ? 1  HIS A HD1  7  
ATOM   1234 H HD2  . HIS A 1 2  ? 11.160 3.398  -5.951 1.00 0.00 ? 1  HIS A HD2  7  
ATOM   1235 H HE1  . HIS A 1 2  ? 10.489 -0.523 -7.427 1.00 0.00 ? 1  HIS A HE1  7  
ATOM   1236 H HE2  . HIS A 1 2  ? 12.011 1.484  -7.463 1.00 0.00 ? 1  HIS A HE2  7  
ATOM   1237 N N    . LYS A 1 3  ? 5.771  3.884  -3.496 1.00 0.00 ? 2  LYS A N    7  
ATOM   1238 C CA   . LYS A 1 3  ? 4.911  4.308  -2.356 1.00 0.00 ? 2  LYS A CA   7  
ATOM   1239 C C    . LYS A 1 3  ? 3.500  3.697  -2.412 1.00 0.00 ? 2  LYS A C    7  
ATOM   1240 O O    . LYS A 1 3  ? 2.952  3.290  -1.366 1.00 0.00 ? 2  LYS A O    7  
ATOM   1241 C CB   . LYS A 1 3  ? 4.807  5.844  -2.269 1.00 0.00 ? 2  LYS A CB   7  
ATOM   1242 C CG   . LYS A 1 3  ? 6.112  6.545  -1.897 1.00 0.00 ? 2  LYS A CG   7  
ATOM   1243 C CD   . LYS A 1 3  ? 5.931  8.058  -1.834 1.00 0.00 ? 2  LYS A CD   7  
ATOM   1244 C CE   . LYS A 1 3  ? 7.224  8.776  -1.457 1.00 0.00 ? 2  LYS A CE   7  
ATOM   1245 N NZ   . LYS A 1 3  ? 7.723  8.374  -0.111 1.00 0.00 ? 2  LYS A NZ   7  
ATOM   1246 H H    . LYS A 1 3  ? 5.995  4.547  -4.178 1.00 0.00 ? 2  LYS A H    7  
ATOM   1247 H HA   . LYS A 1 3  ? 5.389  3.953  -1.455 1.00 0.00 ? 2  LYS A HA   7  
ATOM   1248 H HB2  . LYS A 1 3  ? 4.476  6.232  -3.219 1.00 0.00 ? 2  LYS A HB2  7  
ATOM   1249 H HB3  . LYS A 1 3  ? 4.071  6.093  -1.520 1.00 0.00 ? 2  LYS A HB3  7  
ATOM   1250 H HG2  . LYS A 1 3  ? 6.434  6.191  -0.928 1.00 0.00 ? 2  LYS A HG2  7  
ATOM   1251 H HG3  . LYS A 1 3  ? 6.864  6.314  -2.633 1.00 0.00 ? 2  LYS A HG3  7  
ATOM   1252 H HD2  . LYS A 1 3  ? 5.610  8.410  -2.802 1.00 0.00 ? 2  LYS A HD2  7  
ATOM   1253 H HD3  . LYS A 1 3  ? 5.175  8.289  -1.098 1.00 0.00 ? 2  LYS A HD3  7  
ATOM   1254 H HE2  . LYS A 1 3  ? 7.981  8.548  -2.194 1.00 0.00 ? 2  LYS A HE2  7  
ATOM   1255 H HE3  . LYS A 1 3  ? 7.040  9.842  -1.455 1.00 0.00 ? 2  LYS A HE3  7  
ATOM   1256 H HZ1  . LYS A 1 3  ? 7.847  7.341  -0.071 1.00 0.00 ? 2  LYS A HZ1  7  
ATOM   1257 H HZ2  . LYS A 1 3  ? 7.044  8.659  0.623  1.00 0.00 ? 2  LYS A HZ2  7  
ATOM   1258 H HZ3  . LYS A 1 3  ? 8.639  8.829  0.083  1.00 0.00 ? 2  LYS A HZ3  7  
HETATM 1259 C C    . MK8 A 1 4  ? 1.306  1.725  -3.154 1.00 0.00 ? 3  MK8 A C    7  
HETATM 1260 N N    . MK8 A 1 4  ? 2.883  3.649  -3.662 1.00 0.00 ? 3  MK8 A N    7  
HETATM 1261 O O    . MK8 A 1 4  ? 0.491  1.575  -2.217 1.00 0.00 ? 3  MK8 A O    7  
HETATM 1262 C CA   . MK8 A 1 4  ? 1.492  3.118  -3.914 1.00 0.00 ? 3  MK8 A CA   7  
HETATM 1263 C CB   . MK8 A 1 4  ? 1.311  2.934  -5.487 1.00 0.00 ? 3  MK8 A CB   7  
HETATM 1264 C CD   . MK8 A 1 4  ? 0.024  0.708  -5.888 1.00 0.00 ? 3  MK8 A CD   7  
HETATM 1265 C CE   . MK8 A 1 4  ? -1.190 -0.115 -6.411 1.00 0.00 ? 3  MK8 A CE   7  
HETATM 1266 C CG   . MK8 A 1 4  ? 0.021  2.229  -6.051 1.00 0.00 ? 3  MK8 A CG   7  
HETATM 1267 C CB1  . MK8 A 1 4  ? 0.509  4.239  -3.438 1.00 0.00 ? 3  MK8 A CB1  7  
HETATM 1268 H H    . MK8 A 1 4  ? 3.374  4.003  -4.430 1.00 0.00 ? 3  MK8 A H    7  
HETATM 1269 H HB   . MK8 A 1 4  ? 2.165  2.372  -5.843 1.00 0.00 ? 3  MK8 A HB   7  
HETATM 1270 H HBA  . MK8 A 1 4  ? 1.353  3.911  -5.935 1.00 0.00 ? 3  MK8 A HBA  7  
HETATM 1271 H HD   . MK8 A 1 4  ? 0.115  0.511  -4.827 1.00 0.00 ? 3  MK8 A HD   7  
HETATM 1272 H HDA  . MK8 A 1 4  ? 0.908  0.326  -6.368 1.00 0.00 ? 3  MK8 A HDA  7  
HETATM 1273 H HE   . MK8 A 1 4  ? -1.238 -0.273 -7.479 1.00 0.00 ? 3  MK8 A HE   7  
HETATM 1274 H HG   . MK8 A 1 4  ? -0.062 2.467  -7.101 1.00 0.00 ? 3  MK8 A HG   7  
HETATM 1275 H HGA  . MK8 A 1 4  ? -0.839 2.623  -5.533 1.00 0.00 ? 3  MK8 A HGA  7  
HETATM 1276 H HB1  . MK8 A 1 4  ? 1.072  5.055  -3.009 1.00 0.00 ? 3  MK8 A HB1  7  
HETATM 1277 H HB1A . MK8 A 1 4  ? -0.164 3.838  -2.695 1.00 0.00 ? 3  MK8 A HB1A 7  
HETATM 1278 H HB1B . MK8 A 1 4  ? -0.062 4.600  -4.282 1.00 0.00 ? 3  MK8 A HB1B 7  
ATOM   1279 N N    . LEU A 1 5  ? 2.085  0.686  -3.662 1.00 0.00 ? 4  LEU A N    7  
ATOM   1280 C CA   . LEU A 1 5  ? 2.058  -0.715 -3.176 1.00 0.00 ? 4  LEU A CA   7  
ATOM   1281 C C    . LEU A 1 5  ? 2.136  -0.818 -1.646 1.00 0.00 ? 4  LEU A C    7  
ATOM   1282 O O    . LEU A 1 5  ? 1.633  -1.819 -1.091 1.00 0.00 ? 4  LEU A O    7  
ATOM   1283 C CB   . LEU A 1 5  ? 3.174  -1.541 -3.863 1.00 0.00 ? 4  LEU A CB   7  
ATOM   1284 C CG   . LEU A 1 5  ? 3.133  -3.083 -3.687 1.00 0.00 ? 4  LEU A CG   7  
ATOM   1285 C CD1  . LEU A 1 5  ? 2.091  -3.743 -4.599 1.00 0.00 ? 4  LEU A CD1  7  
ATOM   1286 C CD2  . LEU A 1 5  ? 4.510  -3.666 -3.953 1.00 0.00 ? 4  LEU A CD2  7  
ATOM   1287 H H    . LEU A 1 5  ? 2.664  0.888  -4.425 1.00 0.00 ? 4  LEU A H    7  
ATOM   1288 H HA   . LEU A 1 5  ? 1.107  -1.125 -3.481 1.00 0.00 ? 4  LEU A HA   7  
ATOM   1289 H HB2  . LEU A 1 5  ? 3.126  -1.335 -4.922 1.00 0.00 ? 4  LEU A HB2  7  
ATOM   1290 H HB3  . LEU A 1 5  ? 4.125  -1.189 -3.492 1.00 0.00 ? 4  LEU A HB3  7  
ATOM   1291 H HG   . LEU A 1 5  ? 2.870  -3.312 -2.665 1.00 0.00 ? 4  LEU A HG   7  
ATOM   1292 H HD11 . LEU A 1 5  ? 2.027  -4.796 -4.367 1.00 0.00 ? 4  LEU A HD11 7  
ATOM   1293 H HD12 . LEU A 1 5  ? 2.382  -3.617 -5.630 1.00 0.00 ? 4  LEU A HD12 7  
ATOM   1294 H HD13 . LEU A 1 5  ? 1.127  -3.280 -4.437 1.00 0.00 ? 4  LEU A HD13 7  
ATOM   1295 H HD21 . LEU A 1 5  ? 5.063  -3.721 -3.026 1.00 0.00 ? 4  LEU A HD21 7  
ATOM   1296 H HD22 . LEU A 1 5  ? 5.039  -3.032 -4.650 1.00 0.00 ? 4  LEU A HD22 7  
ATOM   1297 H HD23 . LEU A 1 5  ? 4.407  -4.655 -4.372 1.00 0.00 ? 4  LEU A HD23 7  
ATOM   1298 N N    . HIS A 1 6  ? 2.758  0.230  -0.991 1.00 0.00 ? 5  HIS A N    7  
ATOM   1299 C CA   . HIS A 1 6  ? 2.911  0.305  0.478  1.00 0.00 ? 5  HIS A CA   7  
ATOM   1300 C C    . HIS A 1 6  ? 1.535  0.530  1.121  1.00 0.00 ? 5  HIS A C    7  
ATOM   1301 O O    . HIS A 1 6  ? 1.190  -0.173 2.088  1.00 0.00 ? 5  HIS A O    7  
ATOM   1302 C CB   . HIS A 1 6  ? 3.925  1.407  0.855  1.00 0.00 ? 5  HIS A CB   7  
ATOM   1303 C CG   . HIS A 1 6  ? 4.412  1.358  2.278  1.00 0.00 ? 5  HIS A CG   7  
ATOM   1304 N ND1  . HIS A 1 6  ? 3.586  1.551  3.365  1.00 0.00 ? 5  HIS A ND1  7  
ATOM   1305 C CD2  . HIS A 1 6  ? 5.654  1.147  2.786  1.00 0.00 ? 5  HIS A CD2  7  
ATOM   1306 C CE1  . HIS A 1 6  ? 4.296  1.463  4.478  1.00 0.00 ? 5  HIS A CE1  7  
ATOM   1307 N NE2  . HIS A 1 6  ? 5.551  1.218  4.152  1.00 0.00 ? 5  HIS A NE2  7  
ATOM   1308 H H    . HIS A 1 6  ? 3.109  0.970  -1.529 1.00 0.00 ? 5  HIS A H    7  
ATOM   1309 H HA   . HIS A 1 6  ? 3.286  -0.651 0.813  1.00 0.00 ? 5  HIS A HA   7  
ATOM   1310 H HB2  . HIS A 1 6  ? 4.791  1.316  0.213  1.00 0.00 ? 5  HIS A HB2  7  
ATOM   1311 H HB3  . HIS A 1 6  ? 3.470  2.371  0.692  1.00 0.00 ? 5  HIS A HB3  7  
ATOM   1312 H HD1  . HIS A 1 6  ? 2.622  1.724  3.328  1.00 0.00 ? 5  HIS A HD1  7  
ATOM   1313 H HD2  . HIS A 1 6  ? 6.559  0.957  2.222  1.00 0.00 ? 5  HIS A HD2  7  
ATOM   1314 H HE1  . HIS A 1 6  ? 3.916  1.579  5.481  1.00 0.00 ? 5  HIS A HE1  7  
ATOM   1315 H HE2  . HIS A 1 6  ? 6.289  1.106  4.788  1.00 0.00 ? 5  HIS A HE2  7  
ATOM   1316 N N    . GLN A 1 7  ? 0.760  1.510  0.534  1.00 0.00 ? 6  GLN A N    7  
ATOM   1317 C CA   . GLN A 1 7  ? -0.612 1.869  0.985  1.00 0.00 ? 6  GLN A CA   7  
ATOM   1318 C C    . GLN A 1 7  ? -1.587 0.695  0.837  1.00 0.00 ? 6  GLN A C    7  
ATOM   1319 O O    . GLN A 1 7  ? -2.426 0.468  1.720  1.00 0.00 ? 6  GLN A O    7  
ATOM   1320 C CB   . GLN A 1 7  ? -1.170 3.061  0.186  1.00 0.00 ? 6  GLN A CB   7  
ATOM   1321 C CG   . GLN A 1 7  ? -0.769 4.434  0.707  1.00 0.00 ? 6  GLN A CG   7  
ATOM   1322 C CD   . GLN A 1 7  ? -1.463 5.559  -0.039 1.00 0.00 ? 6  GLN A CD   7  
ATOM   1323 O OE1  . GLN A 1 7  ? -1.285 5.716  -1.247 1.00 0.00 ? 6  GLN A OE1  7  
ATOM   1324 N NE2  . GLN A 1 7  ? -2.261 6.345  0.674  1.00 0.00 ? 6  GLN A NE2  7  
ATOM   1325 H H    . GLN A 1 7  ? 1.142  1.993  -0.232 1.00 0.00 ? 6  GLN A H    7  
ATOM   1326 H HA   . GLN A 1 7  ? -0.557 2.139  2.028  1.00 0.00 ? 6  GLN A HA   7  
ATOM   1327 H HB2  . GLN A 1 7  ? -0.835 2.983  -0.836 1.00 0.00 ? 6  GLN A HB2  7  
ATOM   1328 H HB3  . GLN A 1 7  ? -2.248 3.002  0.196  1.00 0.00 ? 6  GLN A HB3  7  
ATOM   1329 H HG2  . GLN A 1 7  ? -1.029 4.499  1.749  1.00 0.00 ? 6  GLN A HG2  7  
ATOM   1330 H HG3  . GLN A 1 7  ? 0.294  4.562  0.594  1.00 0.00 ? 6  GLN A HG3  7  
ATOM   1331 H HE21 . GLN A 1 7  ? -2.359 6.162  1.631  1.00 0.00 ? 6  GLN A HE21 7  
ATOM   1332 H HE22 . GLN A 1 7  ? -2.716 7.080  0.213  1.00 0.00 ? 6  GLN A HE22 7  
HETATM 1333 C C    . MK8 A 1 8  ? -2.201 -2.280 0.451  1.00 0.00 ? 7  MK8 A C    7  
HETATM 1334 N N    . MK8 A 1 8  ? -1.464 -0.042 -0.324 1.00 0.00 ? 7  MK8 A N    7  
HETATM 1335 O O    . MK8 A 1 8  ? -3.165 -3.021 0.780  1.00 0.00 ? 7  MK8 A O    7  
HETATM 1336 C CA   . MK8 A 1 8  ? -2.317 -1.216 -0.698 1.00 0.00 ? 7  MK8 A CA   7  
HETATM 1337 C CB   . MK8 A 1 8  ? -1.751 -1.903 -1.989 1.00 0.00 ? 7  MK8 A CB   7  
HETATM 1338 C CD   . MK8 A 1 8  ? -2.437 -0.628 -4.107 1.00 0.00 ? 7  MK8 A CD   7  
HETATM 1339 C CE   . MK8 A 1 8  ? -2.218 -0.676 -5.663 1.00 0.00 ? 7  MK8 A CE   7  
HETATM 1340 C CG   . MK8 A 1 8  ? -1.290 -1.002 -3.169 1.00 0.00 ? 7  MK8 A CG   7  
HETATM 1341 C CB1  . MK8 A 1 8  ? -3.791 -0.758 -0.971 1.00 0.00 ? 7  MK8 A CB1  7  
HETATM 1342 H H    . MK8 A 1 8  ? -0.774 0.217  -0.943 1.00 0.00 ? 7  MK8 A H    7  
HETATM 1343 H HB   . MK8 A 1 8  ? -2.509 -2.575 -2.364 1.00 0.00 ? 7  MK8 A HB   7  
HETATM 1344 H HBA  . MK8 A 1 8  ? -0.898 -2.492 -1.699 1.00 0.00 ? 7  MK8 A HBA  7  
HETATM 1345 H HD   . MK8 A 1 8  ? -2.749 0.378  -3.849 1.00 0.00 ? 7  MK8 A HD   7  
HETATM 1346 H HDA  . MK8 A 1 8  ? -3.252 -1.291 -3.891 1.00 0.00 ? 7  MK8 A HDA  7  
HETATM 1347 H HE   . MK8 A 1 8  ? -2.966 -1.211 -6.225 1.00 0.00 ? 7  MK8 A HE   7  
HETATM 1348 H HG   . MK8 A 1 8  ? -0.529 -1.522 -3.732 1.00 0.00 ? 7  MK8 A HG   7  
HETATM 1349 H HGA  . MK8 A 1 8  ? -0.875 -0.100 -2.766 1.00 0.00 ? 7  MK8 A HGA  7  
HETATM 1350 H HB1  . MK8 A 1 8  ? -4.270 -0.512 -0.035 1.00 0.00 ? 7  MK8 A HB1  7  
HETATM 1351 H HB1A . MK8 A 1 8  ? -4.332 -1.562 -1.451 1.00 0.00 ? 7  MK8 A HB1A 7  
HETATM 1352 H HB1B . MK8 A 1 8  ? -3.784 0.107  -1.616 1.00 0.00 ? 7  MK8 A HB1B 7  
ATOM   1353 N N    . LEU A 1 9  ? -0.942 -2.353 1.021  1.00 0.00 ? 8  LEU A N    7  
ATOM   1354 C CA   . LEU A 1 9  ? -0.565 -3.302 2.100  1.00 0.00 ? 8  LEU A CA   7  
ATOM   1355 C C    . LEU A 1 9  ? -1.353 -3.046 3.397  1.00 0.00 ? 8  LEU A C    7  
ATOM   1356 O O    . LEU A 1 9  ? -1.630 -4.010 4.136  1.00 0.00 ? 8  LEU A O    7  
ATOM   1357 C CB   . LEU A 1 9  ? 0.961  -3.242 2.363  1.00 0.00 ? 8  LEU A CB   7  
ATOM   1358 C CG   . LEU A 1 9  ? 1.566  -4.362 3.253  1.00 0.00 ? 8  LEU A CG   7  
ATOM   1359 C CD1  . LEU A 1 9  ? 1.775  -5.666 2.477  1.00 0.00 ? 8  LEU A CD1  7  
ATOM   1360 C CD2  . LEU A 1 9  ? 2.877  -3.896 3.865  1.00 0.00 ? 8  LEU A CD2  7  
ATOM   1361 H H    . LEU A 1 9  ? -0.245 -1.753 0.670  1.00 0.00 ? 8  LEU A H    7  
ATOM   1362 H HA   . LEU A 1 9  ? -0.808 -4.294 1.748  1.00 0.00 ? 8  LEU A HA   7  
ATOM   1363 H HB2  . LEU A 1 9  ? 1.464  -3.270 1.407  1.00 0.00 ? 8  LEU A HB2  7  
ATOM   1364 H HB3  . LEU A 1 9  ? 1.179  -2.293 2.829  1.00 0.00 ? 8  LEU A HB3  7  
ATOM   1365 H HG   . LEU A 1 9  ? 0.881  -4.571 4.062  1.00 0.00 ? 8  LEU A HG   7  
ATOM   1366 H HD11 . LEU A 1 9  ? 2.276  -6.385 3.109  1.00 0.00 ? 8  LEU A HD11 7  
ATOM   1367 H HD12 . LEU A 1 9  ? 2.378  -5.473 1.604  1.00 0.00 ? 8  LEU A HD12 7  
ATOM   1368 H HD13 . LEU A 1 9  ? 0.816  -6.061 2.175  1.00 0.00 ? 8  LEU A HD13 7  
ATOM   1369 H HD21 . LEU A 1 9  ? 3.702  -4.303 3.299  1.00 0.00 ? 8  LEU A HD21 7  
ATOM   1370 H HD22 . LEU A 1 9  ? 2.938  -4.239 4.888  1.00 0.00 ? 8  LEU A HD22 7  
ATOM   1371 H HD23 . LEU A 1 9  ? 2.920  -2.818 3.843  1.00 0.00 ? 8  LEU A HD23 7  
ATOM   1372 N N    . GLN A 1 10 ? -1.662 -1.726 3.663  1.00 0.00 ? 9  GLN A N    7  
ATOM   1373 C CA   . GLN A 1 10 ? -2.374 -1.270 4.888  1.00 0.00 ? 9  GLN A CA   7  
ATOM   1374 C C    . GLN A 1 10 ? -3.906 -1.412 4.840  1.00 0.00 ? 9  GLN A C    7  
ATOM   1375 O O    . GLN A 1 10 ? -4.472 -2.017 5.773  1.00 0.00 ? 9  GLN A O    7  
ATOM   1376 C CB   . GLN A 1 10 ? -2.005 0.185  5.221  1.00 0.00 ? 9  GLN A CB   7  
ATOM   1377 C CG   . GLN A 1 10 ? -0.609 0.361  5.825  1.00 0.00 ? 9  GLN A CG   7  
ATOM   1378 C CD   . GLN A 1 10 ? -0.478 -0.198 7.239  1.00 0.00 ? 9  GLN A CD   7  
ATOM   1379 O OE1  . GLN A 1 10 ? -0.741 -1.377 7.476  1.00 0.00 ? 9  GLN A OE1  7  
ATOM   1380 N NE2  . GLN A 1 10 ? -0.062 0.645  8.181  1.00 0.00 ? 9  GLN A NE2  7  
ATOM   1381 H H    . GLN A 1 10 ? -1.360 -1.048 3.023  1.00 0.00 ? 9  GLN A H    7  
ATOM   1382 H HA   . GLN A 1 10 ? -2.012 -1.887 5.698  1.00 0.00 ? 9  GLN A HA   7  
ATOM   1383 H HB2  . GLN A 1 10 ? -2.052 0.772  4.317  1.00 0.00 ? 9  GLN A HB2  7  
ATOM   1384 H HB3  . GLN A 1 10 ? -2.727 0.571  5.924  1.00 0.00 ? 9  GLN A HB3  7  
ATOM   1385 H HG2  . GLN A 1 10 ? 0.105  -0.141 5.192  1.00 0.00 ? 9  GLN A HG2  7  
ATOM   1386 H HG3  . GLN A 1 10 ? -0.380 1.417  5.851  1.00 0.00 ? 9  GLN A HG3  7  
ATOM   1387 H HE21 . GLN A 1 10 ? 0.134  1.570  7.922  1.00 0.00 ? 9  GLN A HE21 7  
ATOM   1388 H HE22 . GLN A 1 10 ? 0.033  0.306  9.098  1.00 0.00 ? 9  GLN A HE22 7  
ATOM   1389 N N    . ASP A 1 11 ? -4.563 -0.790 3.786  1.00 0.00 ? 10 ASP A N    7  
ATOM   1390 C CA   . ASP A 1 11 ? -6.048 -0.765 3.635  1.00 0.00 ? 10 ASP A CA   7  
ATOM   1391 C C    . ASP A 1 11 ? -6.684 -2.155 3.351  1.00 0.00 ? 10 ASP A C    7  
ATOM   1392 O O    . ASP A 1 11 ? -7.928 -2.219 3.251  1.00 0.00 ? 10 ASP A O    7  
ATOM   1393 C CB   . ASP A 1 11 ? -6.465 0.264  2.554  1.00 0.00 ? 10 ASP A CB   7  
ATOM   1394 C CG   . ASP A 1 11 ? -7.960 0.522  2.553  1.00 0.00 ? 10 ASP A CG   7  
ATOM   1395 O OD1  . ASP A 1 11 ? -8.479 0.988  3.589  1.00 0.00 ? 10 ASP A OD1  7  
ATOM   1396 O OD2  . ASP A 1 11 ? -8.611 0.257  1.522  1.00 0.00 ? 10 ASP A OD2  7  
ATOM   1397 H H    . ASP A 1 11 ? -4.023 -0.290 3.133  1.00 0.00 ? 10 ASP A H    7  
ATOM   1398 H HA   . ASP A 1 11 ? -6.443 -0.416 4.579  1.00 0.00 ? 10 ASP A HA   7  
ATOM   1399 H HB2  . ASP A 1 11 ? -5.968 1.202  2.744  1.00 0.00 ? 10 ASP A HB2  7  
ATOM   1400 H HB3  . ASP A 1 11 ? -6.182 -0.091 1.571  1.00 0.00 ? 10 ASP A HB3  7  
ATOM   1401 N N    . SER A 1 12 ? -5.832 -3.260 3.242  1.00 0.00 ? 11 SER A N    7  
ATOM   1402 C CA   . SER A 1 12 ? -6.317 -4.655 2.981  1.00 0.00 ? 11 SER A CA   7  
ATOM   1403 C C    . SER A 1 12 ? -6.790 -5.370 4.285  1.00 0.00 ? 11 SER A C    7  
ATOM   1404 O O    . SER A 1 12 ? -7.991 -5.375 4.551  1.00 0.00 ? 11 SER A O    7  
ATOM   1405 C CB   . SER A 1 12 ? -5.274 -5.463 2.178  1.00 0.00 ? 11 SER A CB   7  
ATOM   1406 O OG   . SER A 1 12 ? -4.970 -4.820 0.958  1.00 0.00 ? 11 SER A OG   7  
ATOM   1407 H H    . SER A 1 12 ? -4.867 -3.119 3.345  1.00 0.00 ? 11 SER A H    7  
ATOM   1408 H HA   . SER A 1 12 ? -7.197 -4.552 2.358  1.00 0.00 ? 11 SER A HA   7  
ATOM   1409 H HB2  . SER A 1 12 ? -4.370 -5.566 2.754  1.00 0.00 ? 11 SER A HB2  7  
ATOM   1410 H HB3  . SER A 1 12 ? -5.674 -6.441 1.955  1.00 0.00 ? 11 SER A HB3  7  
ATOM   1411 H HG   . SER A 1 12 ? -5.782 -4.565 0.516  1.00 0.00 ? 11 SER A HG   7  
HETATM 1412 N N    . NH2 A 1 13 ? -5.916 -6.082 5.036  1.00 0.00 ? 12 NH2 A N    7  
HETATM 1413 H HN1  . NH2 A 1 13 ? -4.984 -6.150 4.749  1.00 0.00 ? 12 NH2 A HN1  7  
HETATM 1414 H HN2  . NH2 A 1 13 ? -6.257 -6.509 5.853  1.00 0.00 ? 12 NH2 A HN2  7  
HETATM 1415 C C    . ACE A 1 1  ? 5.818  3.091  -6.859 1.00 0.00 ? 0  ACE A C    8  
HETATM 1416 O O    . ACE A 1 1  ? 4.954  2.194  -6.799 1.00 0.00 ? 0  ACE A O    8  
HETATM 1417 C CH3  . ACE A 1 1  ? 5.681  4.184  -7.899 1.00 0.00 ? 0  ACE A CH3  8  
HETATM 1418 H H1   . ACE A 1 1  ? 5.264  3.769  -8.805 1.00 0.00 ? 0  ACE A H1   8  
HETATM 1419 H H2   . ACE A 1 1  ? 6.654  4.605  -8.110 1.00 0.00 ? 0  ACE A H2   8  
HETATM 1420 H H3   . ACE A 1 1  ? 5.027  4.958  -7.524 1.00 0.00 ? 0  ACE A H3   8  
ATOM   1421 N N    . HIS A 1 2  ? 6.930  3.182  -6.048 1.00 0.00 ? 1  HIS A N    8  
ATOM   1422 C CA   . HIS A 1 2  ? 7.261  2.216  -4.979 1.00 0.00 ? 1  HIS A CA   8  
ATOM   1423 C C    . HIS A 1 2  ? 6.381  2.443  -3.734 1.00 0.00 ? 1  HIS A C    8  
ATOM   1424 O O    . HIS A 1 2  ? 6.165  1.490  -2.963 1.00 0.00 ? 1  HIS A O    8  
ATOM   1425 C CB   . HIS A 1 2  ? 8.756  2.327  -4.619 1.00 0.00 ? 1  HIS A CB   8  
ATOM   1426 C CG   . HIS A 1 2  ? 9.308  1.128  -3.899 1.00 0.00 ? 1  HIS A CG   8  
ATOM   1427 N ND1  . HIS A 1 2  ? 8.785  0.655  -2.714 1.00 0.00 ? 1  HIS A ND1  8  
ATOM   1428 C CD2  . HIS A 1 2  ? 10.345 0.308  -4.203 1.00 0.00 ? 1  HIS A CD2  8  
ATOM   1429 C CE1  . HIS A 1 2  ? 9.476  -0.400 -2.320 1.00 0.00 ? 1  HIS A CE1  8  
ATOM   1430 N NE2  . HIS A 1 2  ? 10.426 -0.631 -3.205 1.00 0.00 ? 1  HIS A NE2  8  
ATOM   1431 H H    . HIS A 1 2  ? 7.548  3.929  -6.201 1.00 0.00 ? 1  HIS A H    8  
ATOM   1432 H HA   . HIS A 1 2  ? 7.070  1.224  -5.363 1.00 0.00 ? 1  HIS A HA   8  
ATOM   1433 H HB2  . HIS A 1 2  ? 9.326  2.456  -5.526 1.00 0.00 ? 1  HIS A HB2  8  
ATOM   1434 H HB3  . HIS A 1 2  ? 8.906  3.188  -3.986 1.00 0.00 ? 1  HIS A HB3  8  
ATOM   1435 H HD1  . HIS A 1 2  ? 8.022  1.038  -2.233 1.00 0.00 ? 1  HIS A HD1  8  
ATOM   1436 H HD2  . HIS A 1 2  ? 10.992 0.383  -5.067 1.00 0.00 ? 1  HIS A HD2  8  
ATOM   1437 H HE1  . HIS A 1 2  ? 9.292  -0.978 -1.426 1.00 0.00 ? 1  HIS A HE1  8  
ATOM   1438 H HE2  . HIS A 1 2  ? 11.150 -1.283 -3.098 1.00 0.00 ? 1  HIS A HE2  8  
ATOM   1439 N N    . LYS A 1 3  ? 5.895  3.727  -3.559 1.00 0.00 ? 2  LYS A N    8  
ATOM   1440 C CA   . LYS A 1 3  ? 5.041  4.151  -2.414 1.00 0.00 ? 2  LYS A CA   8  
ATOM   1441 C C    . LYS A 1 3  ? 3.608  3.583  -2.466 1.00 0.00 ? 2  LYS A C    8  
ATOM   1442 O O    . LYS A 1 3  ? 3.085  3.114  -1.436 1.00 0.00 ? 2  LYS A O    8  
ATOM   1443 C CB   . LYS A 1 3  ? 4.978  5.687  -2.291 1.00 0.00 ? 2  LYS A CB   8  
ATOM   1444 C CG   . LYS A 1 3  ? 6.266  6.344  -1.791 1.00 0.00 ? 2  LYS A CG   8  
ATOM   1445 C CD   . LYS A 1 3  ? 6.064  7.835  -1.526 1.00 0.00 ? 2  LYS A CD   8  
ATOM   1446 C CE   . LYS A 1 3  ? 7.348  8.521  -1.058 1.00 0.00 ? 2  LYS A CE   8  
ATOM   1447 N NZ   . LYS A 1 3  ? 7.883  7.930  0.203  1.00 0.00 ? 2  LYS A NZ   8  
ATOM   1448 H H    . LYS A 1 3  ? 6.136  4.400  -4.228 1.00 0.00 ? 2  LYS A H    8  
ATOM   1449 H HA   . LYS A 1 3  ? 5.510  3.766  -1.523 1.00 0.00 ? 2  LYS A HA   8  
ATOM   1450 H HB2  . LYS A 1 3  ? 4.742  6.107  -3.255 1.00 0.00 ? 2  LYS A HB2  8  
ATOM   1451 H HB3  . LYS A 1 3  ? 4.186  5.942  -1.603 1.00 0.00 ? 2  LYS A HB3  8  
ATOM   1452 H HG2  . LYS A 1 3  ? 6.572  5.866  -0.872 1.00 0.00 ? 2  LYS A HG2  8  
ATOM   1453 H HG3  . LYS A 1 3  ? 7.039  6.227  -2.533 1.00 0.00 ? 2  LYS A HG3  8  
ATOM   1454 H HD2  . LYS A 1 3  ? 5.733  8.308  -2.438 1.00 0.00 ? 2  LYS A HD2  8  
ATOM   1455 H HD3  . LYS A 1 3  ? 5.307  7.954  -0.764 1.00 0.00 ? 2  LYS A HD3  8  
ATOM   1456 H HE2  . LYS A 1 3  ? 8.096  8.430  -1.832 1.00 0.00 ? 2  LYS A HE2  8  
ATOM   1457 H HE3  . LYS A 1 3  ? 7.138  9.568  -0.890 1.00 0.00 ? 2  LYS A HE3  8  
ATOM   1458 H HZ1  . LYS A 1 3  ? 8.782  7.441  0.014  1.00 0.00 ? 2  LYS A HZ1  8  
ATOM   1459 H HZ2  . LYS A 1 3  ? 7.205  7.245  0.593  1.00 0.00 ? 2  LYS A HZ2  8  
ATOM   1460 H HZ3  . LYS A 1 3  ? 8.048  8.678  0.907  1.00 0.00 ? 2  LYS A HZ3  8  
HETATM 1461 C C    . MK8 A 1 4  ? 1.230  1.835  -3.180 1.00 0.00 ? 3  MK8 A C    8  
HETATM 1462 N N    . MK8 A 1 4  ? 2.929  3.668  -3.684 1.00 0.00 ? 3  MK8 A N    8  
HETATM 1463 O O    . MK8 A 1 4  ? 0.269  1.677  -2.386 1.00 0.00 ? 3  MK8 A O    8  
HETATM 1464 C CA   . MK8 A 1 4  ? 1.498  3.220  -3.908 1.00 0.00 ? 3  MK8 A CA   8  
HETATM 1465 C CB   . MK8 A 1 4  ? 1.253  3.031  -5.469 1.00 0.00 ? 3  MK8 A CB   8  
HETATM 1466 C CD   . MK8 A 1 4  ? -0.501 1.090  -5.750 1.00 0.00 ? 3  MK8 A CD   8  
HETATM 1467 C CE   . MK8 A 1 4  ? -1.717 0.469  -6.472 1.00 0.00 ? 3  MK8 A CE   8  
HETATM 1468 C CG   . MK8 A 1 4  ? -0.156 2.562  -6.018 1.00 0.00 ? 3  MK8 A CG   8  
HETATM 1469 C CB1  . MK8 A 1 4  ? 0.634  4.413  -3.371 1.00 0.00 ? 3  MK8 A CB1  8  
HETATM 1470 H H    . MK8 A 1 4  ? 3.391  4.084  -4.436 1.00 0.00 ? 3  MK8 A H    8  
HETATM 1471 H HB   . MK8 A 1 4  ? 1.984  2.316  -5.822 1.00 0.00 ? 3  MK8 A HB   8  
HETATM 1472 H HBA  . MK8 A 1 4  ? 1.468  3.973  -5.944 1.00 0.00 ? 3  MK8 A HBA  8  
HETATM 1473 H HD   . MK8 A 1 4  ? -0.675 0.996  -4.684 1.00 0.00 ? 3  MK8 A HD   8  
HETATM 1474 H HDA  . MK8 A 1 4  ? 0.360  0.496  -5.997 1.00 0.00 ? 3  MK8 A HDA  8  
HETATM 1475 H HE   . MK8 A 1 4  ? -1.953 0.870  -7.448 1.00 0.00 ? 3  MK8 A HE   8  
HETATM 1476 H HG   . MK8 A 1 4  ? -0.175 2.731  -7.088 1.00 0.00 ? 3  MK8 A HG   8  
HETATM 1477 H HGA  . MK8 A 1 4  ? -0.919 3.171  -5.560 1.00 0.00 ? 3  MK8 A HGA  8  
HETATM 1478 H HB1  . MK8 A 1 4  ? -0.287 4.030  -2.954 1.00 0.00 ? 3  MK8 A HB1  8  
HETATM 1479 H HB1A . MK8 A 1 4  ? 0.407  5.089  -4.182 1.00 0.00 ? 3  MK8 A HB1A 8  
HETATM 1480 H HB1B . MK8 A 1 4  ? 1.184  4.940  -2.606 1.00 0.00 ? 3  MK8 A HB1B 8  
ATOM   1481 N N    . LEU A 1 5  ? 2.109  0.815  -3.544 1.00 0.00 ? 4  LEU A N    8  
ATOM   1482 C CA   . LEU A 1 5  ? 2.017  -0.582 -3.036 1.00 0.00 ? 4  LEU A CA   8  
ATOM   1483 C C    . LEU A 1 5  ? 2.014  -0.638 -1.510 1.00 0.00 ? 4  LEU A C    8  
ATOM   1484 O O    . LEU A 1 5  ? 1.277  -1.469 -0.944 1.00 0.00 ? 4  LEU A O    8  
ATOM   1485 C CB   . LEU A 1 5  ? 3.120  -1.496 -3.627 1.00 0.00 ? 4  LEU A CB   8  
ATOM   1486 C CG   . LEU A 1 5  ? 2.889  -3.027 -3.476 1.00 0.00 ? 4  LEU A CG   8  
ATOM   1487 C CD1  . LEU A 1 5  ? 1.896  -3.578 -4.512 1.00 0.00 ? 4  LEU A CD1  8  
ATOM   1488 C CD2  . LEU A 1 5  ? 4.208  -3.776 -3.569 1.00 0.00 ? 4  LEU A CD2  8  
ATOM   1489 H H    . LEU A 1 5  ? 2.809  1.021  -4.201 1.00 0.00 ? 4  LEU A H    8  
ATOM   1490 H HA   . LEU A 1 5  ? 1.066  -0.959 -3.367 1.00 0.00 ? 4  LEU A HA   8  
ATOM   1491 H HB2  . LEU A 1 5  ? 3.209  -1.275 -4.681 1.00 0.00 ? 4  LEU A HB2  8  
ATOM   1492 H HB3  . LEU A 1 5  ? 4.055  -1.250 -3.148 1.00 0.00 ? 4  LEU A HB3  8  
ATOM   1493 H HG   . LEU A 1 5  ? 2.474  -3.218 -2.497 1.00 0.00 ? 4  LEU A HG   8  
ATOM   1494 H HD11 . LEU A 1 5  ? 2.384  -4.320 -5.123 1.00 0.00 ? 4  LEU A HD11 8  
ATOM   1495 H HD12 . LEU A 1 5  ? 1.544  -2.771 -5.138 1.00 0.00 ? 4  LEU A HD12 8  
ATOM   1496 H HD13 . LEU A 1 5  ? 1.055  -4.026 -4.001 1.00 0.00 ? 4  LEU A HD13 8  
ATOM   1497 H HD21 . LEU A 1 5  ? 4.906  -3.365 -2.856 1.00 0.00 ? 4  LEU A HD21 8  
ATOM   1498 H HD22 . LEU A 1 5  ? 4.608  -3.676 -4.566 1.00 0.00 ? 4  LEU A HD22 8  
ATOM   1499 H HD23 . LEU A 1 5  ? 4.043  -4.821 -3.350 1.00 0.00 ? 4  LEU A HD23 8  
ATOM   1500 N N    . HIS A 1 6  ? 2.833  0.269  -0.862 1.00 0.00 ? 5  HIS A N    8  
ATOM   1501 C CA   . HIS A 1 6  ? 2.948  0.376  0.612  1.00 0.00 ? 5  HIS A CA   8  
ATOM   1502 C C    . HIS A 1 6  ? 1.567  0.671  1.216  1.00 0.00 ? 5  HIS A C    8  
ATOM   1503 O O    . HIS A 1 6  ? 1.223  0.132  2.282  1.00 0.00 ? 5  HIS A O    8  
ATOM   1504 C CB   . HIS A 1 6  ? 3.959  1.470  0.979  1.00 0.00 ? 5  HIS A CB   8  
ATOM   1505 C CG   . HIS A 1 6  ? 4.622  1.269  2.308  1.00 0.00 ? 5  HIS A CG   8  
ATOM   1506 N ND1  . HIS A 1 6  ? 3.942  1.275  3.508  1.00 0.00 ? 5  HIS A ND1  8  
ATOM   1507 C CD2  . HIS A 1 6  ? 5.925  1.052  2.619  1.00 0.00 ? 5  HIS A CD2  8  
ATOM   1508 C CE1  . HIS A 1 6  ? 4.797  1.070  4.496  1.00 0.00 ? 5  HIS A CE1  8  
ATOM   1509 N NE2  . HIS A 1 6  ? 6.004  0.931  3.982  1.00 0.00 ? 5  HIS A NE2  8  
ATOM   1510 H H    . HIS A 1 6  ? 3.365  0.885  -1.408 1.00 0.00 ? 5  HIS A H    8  
ATOM   1511 H HA   . HIS A 1 6  ? 3.296  -0.571 0.988  1.00 0.00 ? 5  HIS A HA   8  
ATOM   1512 H HB2  . HIS A 1 6  ? 4.736  1.494  0.228  1.00 0.00 ? 5  HIS A HB2  8  
ATOM   1513 H HB3  . HIS A 1 6  ? 3.455  2.423  0.999  1.00 0.00 ? 5  HIS A HB3  8  
ATOM   1514 H HD1  . HIS A 1 6  ? 2.977  1.412  3.619  1.00 0.00 ? 5  HIS A HD1  8  
ATOM   1515 H HD2  . HIS A 1 6  ? 6.752  0.986  1.924  1.00 0.00 ? 5  HIS A HD2  8  
ATOM   1516 H HE1  . HIS A 1 6  ? 4.553  1.022  5.546  1.00 0.00 ? 5  HIS A HE1  8  
ATOM   1517 H HE2  . HIS A 1 6  ? 6.823  0.773  4.494  1.00 0.00 ? 5  HIS A HE2  8  
ATOM   1518 N N    . GLN A 1 7  ? 0.796  1.540  0.477  1.00 0.00 ? 6  GLN A N    8  
ATOM   1519 C CA   . GLN A 1 7  ? -0.577 1.967  0.852  1.00 0.00 ? 6  GLN A CA   8  
ATOM   1520 C C    . GLN A 1 7  ? -1.618 0.831  0.746  1.00 0.00 ? 6  GLN A C    8  
ATOM   1521 O O    . GLN A 1 7  ? -2.383 0.623  1.699  1.00 0.00 ? 6  GLN A O    8  
ATOM   1522 C CB   . GLN A 1 7  ? -1.037 3.166  0.002  1.00 0.00 ? 6  GLN A CB   8  
ATOM   1523 C CG   . GLN A 1 7  ? -0.696 4.532  0.595  1.00 0.00 ? 6  GLN A CG   8  
ATOM   1524 C CD   . GLN A 1 7  ? -1.365 5.673  -0.146 1.00 0.00 ? 6  GLN A CD   8  
ATOM   1525 O OE1  . GLN A 1 7  ? -1.209 5.816  -1.358 1.00 0.00 ? 6  GLN A OE1  8  
ATOM   1526 N NE2  . GLN A 1 7  ? -2.106 6.504  0.581  1.00 0.00 ? 6  GLN A NE2  8  
ATOM   1527 H H    . GLN A 1 7  ? 1.194  1.904  -0.342 1.00 0.00 ? 6  GLN A H    8  
ATOM   1528 H HA   . GLN A 1 7  ? -0.538 2.280  1.883  1.00 0.00 ? 6  GLN A HA   8  
ATOM   1529 H HB2  . GLN A 1 7  ? -0.578 3.104  -0.972 1.00 0.00 ? 6  GLN A HB2  8  
ATOM   1530 H HB3  . GLN A 1 7  ? -2.108 3.110  -0.119 1.00 0.00 ? 6  GLN A HB3  8  
ATOM   1531 H HG2  . GLN A 1 7  ? -1.020 4.551  1.621  1.00 0.00 ? 6  GLN A HG2  8  
ATOM   1532 H HG3  . GLN A 1 7  ? 0.368  4.684  0.555  1.00 0.00 ? 6  GLN A HG3  8  
ATOM   1533 H HE21 . GLN A 1 7  ? -2.179 6.338  1.543  1.00 0.00 ? 6  GLN A HE21 8  
ATOM   1534 H HE22 . GLN A 1 7  ? -2.545 7.251  0.125  1.00 0.00 ? 6  GLN A HE22 8  
HETATM 1535 C C    . MK8 A 1 8  ? -2.435 -2.123 0.361  1.00 0.00 ? 7  MK8 A C    8  
HETATM 1536 N N    . MK8 A 1 8  ? -1.658 0.111  -0.446 1.00 0.00 ? 7  MK8 A N    8  
HETATM 1537 O O    . MK8 A 1 8  ? -3.385 -2.895 0.692  1.00 0.00 ? 7  MK8 A O    8  
HETATM 1538 C CA   . MK8 A 1 8  ? -2.616 -1.010 -0.742 1.00 0.00 ? 7  MK8 A CA   8  
HETATM 1539 C CB   . MK8 A 1 8  ? -2.270 -1.668 -2.128 1.00 0.00 ? 7  MK8 A CB   8  
HETATM 1540 C CD   . MK8 A 1 8  ? -2.493 -1.337 -4.653 1.00 0.00 ? 7  MK8 A CD   8  
HETATM 1541 C CE   . MK8 A 1 8  ? -2.544 -0.537 -6.011 1.00 0.00 ? 7  MK8 A CE   8  
HETATM 1542 C CG   . MK8 A 1 8  ? -1.952 -0.732 -3.338 1.00 0.00 ? 7  MK8 A CG   8  
HETATM 1543 C CB1  . MK8 A 1 8  ? -4.093 -0.472 -0.799 1.00 0.00 ? 7  MK8 A CB1  8  
HETATM 1544 H H    . MK8 A 1 8  ? -1.029 0.346  -1.138 1.00 0.00 ? 7  MK8 A H    8  
HETATM 1545 H HB   . MK8 A 1 8  ? -3.101 -2.298 -2.410 1.00 0.00 ? 7  MK8 A HB   8  
HETATM 1546 H HBA  . MK8 A 1 8  ? -1.408 -2.301 -1.985 1.00 0.00 ? 7  MK8 A HBA  8  
HETATM 1547 H HD   . MK8 A 1 8  ? -3.509 -1.657 -4.439 1.00 0.00 ? 7  MK8 A HD   8  
HETATM 1548 H HDA  . MK8 A 1 8  ? -1.919 -2.223 -4.853 1.00 0.00 ? 7  MK8 A HDA  8  
HETATM 1549 H HE   . MK8 A 1 8  ? -3.339 -0.822 -6.688 1.00 0.00 ? 7  MK8 A HE   8  
HETATM 1550 H HG   . MK8 A 1 8  ? -0.880 -0.619 -3.426 1.00 0.00 ? 7  MK8 A HG   8  
HETATM 1551 H HGA  . MK8 A 1 8  ? -2.410 0.232  -3.164 1.00 0.00 ? 7  MK8 A HGA  8  
HETATM 1552 H HB1  . MK8 A 1 8  ? -4.328 -0.175 -1.812 1.00 0.00 ? 7  MK8 A HB1  8  
HETATM 1553 H HB1A . MK8 A 1 8  ? -4.193 0.379  -0.144 1.00 0.00 ? 7  MK8 A HB1A 8  
HETATM 1554 H HB1B . MK8 A 1 8  ? -4.771 -1.252 -0.485 1.00 0.00 ? 7  MK8 A HB1B 8  
ATOM   1555 N N    . LEU A 1 9  ? -1.152 -2.217 0.880  1.00 0.00 ? 8  LEU A N    8  
ATOM   1556 C CA   . LEU A 1 9  ? -0.734 -3.217 1.904  1.00 0.00 ? 8  LEU A CA   8  
ATOM   1557 C C    . LEU A 1 9  ? -1.458 -3.027 3.250  1.00 0.00 ? 8  LEU A C    8  
ATOM   1558 O O    . LEU A 1 9  ? -1.713 -4.032 3.942  1.00 0.00 ? 8  LEU A O    8  
ATOM   1559 C CB   . LEU A 1 9  ? 0.803  -3.197 2.106  1.00 0.00 ? 8  LEU A CB   8  
ATOM   1560 C CG   . LEU A 1 9  ? 1.422  -4.392 2.883  1.00 0.00 ? 8  LEU A CG   8  
ATOM   1561 C CD1  . LEU A 1 9  ? 1.582  -5.635 2.003  1.00 0.00 ? 8  LEU A CD1  8  
ATOM   1562 C CD2  . LEU A 1 9  ? 2.766  -3.994 3.474  1.00 0.00 ? 8  LEU A CD2  8  
ATOM   1563 H H    . LEU A 1 9  ? -0.469 -1.605 0.529  1.00 0.00 ? 8  LEU A H    8  
ATOM   1564 H HA   . LEU A 1 9  ? -1.006 -4.189 1.517  1.00 0.00 ? 8  LEU A HA   8  
ATOM   1565 H HB2  . LEU A 1 9  ? 1.266  -3.160 1.131  1.00 0.00 ? 8  LEU A HB2  8  
ATOM   1566 H HB3  . LEU A 1 9  ? 1.055  -2.292 2.635  1.00 0.00 ? 8  LEU A HB3  8  
ATOM   1567 H HG   . LEU A 1 9  ? 0.767  -4.653 3.701  1.00 0.00 ? 8  LEU A HG   8  
ATOM   1568 H HD11 . LEU A 1 9  ? 2.408  -6.229 2.366  1.00 0.00 ? 8  LEU A HD11 8  
ATOM   1569 H HD12 . LEU A 1 9  ? 1.775  -5.334 0.984  1.00 0.00 ? 8  LEU A HD12 8  
ATOM   1570 H HD13 . LEU A 1 9  ? 0.674  -6.221 2.040  1.00 0.00 ? 8  LEU A HD13 8  
ATOM   1571 H HD21 . LEU A 1 9  ? 3.542  -4.156 2.741  1.00 0.00 ? 8  LEU A HD21 8  
ATOM   1572 H HD22 . LEU A 1 9  ? 2.965  -4.596 4.348  1.00 0.00 ? 8  LEU A HD22 8  
ATOM   1573 H HD23 . LEU A 1 9  ? 2.742  -2.952 3.752  1.00 0.00 ? 8  LEU A HD23 8  
ATOM   1574 N N    . GLN A 1 10 ? -1.746 -1.722 3.614  1.00 0.00 ? 9  GLN A N    8  
ATOM   1575 C CA   . GLN A 1 10 ? -2.403 -1.342 4.897  1.00 0.00 ? 9  GLN A CA   8  
ATOM   1576 C C    . GLN A 1 10 ? -3.933 -1.497 4.888  1.00 0.00 ? 9  GLN A C    8  
ATOM   1577 O O    . GLN A 1 10 ? -4.480 -2.057 5.859  1.00 0.00 ? 9  GLN A O    8  
ATOM   1578 C CB   . GLN A 1 10 ? -2.041 0.092  5.307  1.00 0.00 ? 9  GLN A CB   8  
ATOM   1579 C CG   . GLN A 1 10 ? -0.699 0.199  6.015  1.00 0.00 ? 9  GLN A CG   8  
ATOM   1580 C CD   . GLN A 1 10 ? -0.593 1.430  6.902  1.00 0.00 ? 9  GLN A CD   8  
ATOM   1581 O OE1  . GLN A 1 10 ? -1.392 1.616  7.819  1.00 0.00 ? 9  GLN A OE1  8  
ATOM   1582 N NE2  . GLN A 1 10 ? 0.401  2.274  6.641  1.00 0.00 ? 9  GLN A NE2  8  
ATOM   1583 H H    . GLN A 1 10 ? -1.473 -1.005 3.004  1.00 0.00 ? 9  GLN A H    8  
ATOM   1584 H HA   . GLN A 1 10 ? -2.006 -2.005 5.654  1.00 0.00 ? 9  GLN A HA   8  
ATOM   1585 H HB2  . GLN A 1 10 ? -2.006 0.712  4.423  1.00 0.00 ? 9  GLN A HB2  8  
ATOM   1586 H HB3  . GLN A 1 10 ? -2.805 0.470  5.970  1.00 0.00 ? 9  GLN A HB3  8  
ATOM   1587 H HG2  . GLN A 1 10 ? -0.562 -0.679 6.630  1.00 0.00 ? 9  GLN A HG2  8  
ATOM   1588 H HG3  . GLN A 1 10 ? 0.083  0.241  5.272  1.00 0.00 ? 9  GLN A HG3  8  
ATOM   1589 H HE21 . GLN A 1 10 ? 1.003  2.064  5.899  1.00 0.00 ? 9  GLN A HE21 8  
ATOM   1590 H HE22 . GLN A 1 10 ? 0.495  3.070  7.208  1.00 0.00 ? 9  GLN A HE22 8  
ATOM   1591 N N    . ASP A 1 11 ? -4.606 -0.951 3.808  1.00 0.00 ? 10 ASP A N    8  
ATOM   1592 C CA   . ASP A 1 11 ? -6.089 -0.962 3.659  1.00 0.00 ? 10 ASP A CA   8  
ATOM   1593 C C    . ASP A 1 11 ? -6.681 -2.375 3.444  1.00 0.00 ? 10 ASP A C    8  
ATOM   1594 O O    . ASP A 1 11 ? -7.923 -2.491 3.393  1.00 0.00 ? 10 ASP A O    8  
ATOM   1595 C CB   . ASP A 1 11 ? -6.525 -0.014 2.518  1.00 0.00 ? 10 ASP A CB   8  
ATOM   1596 C CG   . ASP A 1 11 ? -8.033 0.185  2.461  1.00 0.00 ? 10 ASP A CG   8  
ATOM   1597 O OD1  . ASP A 1 11 ? -8.605 0.663  3.462  1.00 0.00 ? 10 ASP A OD1  8  
ATOM   1598 O OD2  . ASP A 1 11 ? -8.635 -0.140 1.418  1.00 0.00 ? 10 ASP A OD2  8  
ATOM   1599 H H    . ASP A 1 11 ? -4.076 -0.498 3.118  1.00 0.00 ? 10 ASP A H    8  
ATOM   1600 H HA   . ASP A 1 11 ? -6.495 -0.574 4.584  1.00 0.00 ? 10 ASP A HA   8  
ATOM   1601 H HB2  . ASP A 1 11 ? -6.067 0.954  2.663  1.00 0.00 ? 10 ASP A HB2  8  
ATOM   1602 H HB3  . ASP A 1 11 ? -6.202 -0.418 1.572  1.00 0.00 ? 10 ASP A HB3  8  
ATOM   1603 N N    . SER A 1 12 ? -5.786 -3.433 3.326  1.00 0.00 ? 11 SER A N    8  
ATOM   1604 C CA   . SER A 1 12 ? -6.204 -4.852 3.119  1.00 0.00 ? 11 SER A CA   8  
ATOM   1605 C C    . SER A 1 12 ? -6.596 -5.533 4.482  1.00 0.00 ? 11 SER A C    8  
ATOM   1606 O O    . SER A 1 12 ? -7.655 -5.207 5.015  1.00 0.00 ? 11 SER A O    8  
ATOM   1607 C CB   . SER A 1 12 ? -5.134 -5.612 2.286  1.00 0.00 ? 11 SER A CB   8  
ATOM   1608 O OG   . SER A 1 12 ? -3.829 -5.329 2.757  1.00 0.00 ? 11 SER A OG   8  
ATOM   1609 H H    . SER A 1 12 ? -4.828 -3.235 3.381  1.00 0.00 ? 11 SER A H    8  
ATOM   1610 H HA   . SER A 1 12 ? -7.112 -4.810 2.525  1.00 0.00 ? 11 SER A HA   8  
ATOM   1611 H HB2  . SER A 1 12 ? -5.309 -6.672 2.374  1.00 0.00 ? 11 SER A HB2  8  
ATOM   1612 H HB3  . SER A 1 12 ? -5.209 -5.324 1.246  1.00 0.00 ? 11 SER A HB3  8  
ATOM   1613 H HG   . SER A 1 12 ? -3.519 -6.059 3.298  1.00 0.00 ? 11 SER A HG   8  
HETATM 1614 N N    . NH2 A 1 13 ? -5.800 -6.466 5.062  1.00 0.00 ? 12 NH2 A N    8  
HETATM 1615 H HN1  . NH2 A 1 13 ? -4.966 -6.718 4.616  1.00 0.00 ? 12 NH2 A HN1  8  
HETATM 1616 H HN2  . NH2 A 1 13 ? -6.096 -6.856 5.910  1.00 0.00 ? 12 NH2 A HN2  8  
HETATM 1617 C C    . ACE A 1 1  ? 5.629  3.004  -6.795 1.00 0.00 ? 0  ACE A C    9  
HETATM 1618 O O    . ACE A 1 1  ? 4.784  2.093  -6.712 1.00 0.00 ? 0  ACE A O    9  
HETATM 1619 C CH3  . ACE A 1 1  ? 5.455  4.089  -7.838 1.00 0.00 ? 0  ACE A CH3  9  
HETATM 1620 H H1   . ACE A 1 1  ? 6.093  3.879  -8.684 1.00 0.00 ? 0  ACE A H1   9  
HETATM 1621 H H2   . ACE A 1 1  ? 5.724  5.045  -7.413 1.00 0.00 ? 0  ACE A H2   9  
HETATM 1622 H H3   . ACE A 1 1  ? 4.425  4.117  -8.161 1.00 0.00 ? 0  ACE A H3   9  
ATOM   1623 N N    . HIS A 1 2  ? 6.755  3.122  -6.006 1.00 0.00 ? 1  HIS A N    9  
ATOM   1624 C CA   . HIS A 1 2  ? 7.123  2.172  -4.938 1.00 0.00 ? 1  HIS A CA   9  
ATOM   1625 C C    . HIS A 1 2  ? 6.268  2.396  -3.680 1.00 0.00 ? 1  HIS A C    9  
ATOM   1626 O O    . HIS A 1 2  ? 6.021  1.433  -2.932 1.00 0.00 ? 1  HIS A O    9  
ATOM   1627 C CB   . HIS A 1 2  ? 8.620  2.309  -4.603 1.00 0.00 ? 1  HIS A CB   9  
ATOM   1628 C CG   . HIS A 1 2  ? 9.206  1.116  -3.900 1.00 0.00 ? 1  HIS A CG   9  
ATOM   1629 N ND1  . HIS A 1 2  ? 8.721  0.638  -2.701 1.00 0.00 ? 1  HIS A ND1  9  
ATOM   1630 C CD2  . HIS A 1 2  ? 10.240 0.306  -4.234 1.00 0.00 ? 1  HIS A CD2  9  
ATOM   1631 C CE1  . HIS A 1 2  ? 9.431  -0.412 -2.328 1.00 0.00 ? 1  HIS A CE1  9  
ATOM   1632 N NE2  . HIS A 1 2  ? 10.358 -0.635 -3.241 1.00 0.00 ? 1  HIS A NE2  9  
ATOM   1633 H H    . HIS A 1 2  ? 7.352  3.880  -6.174 1.00 0.00 ? 1  HIS A H    9  
ATOM   1634 H HA   . HIS A 1 2  ? 6.940  1.176  -5.310 1.00 0.00 ? 1  HIS A HA   9  
ATOM   1635 H HB2  . HIS A 1 2  ? 9.173  2.457  -5.519 1.00 0.00 ? 1  HIS A HB2  9  
ATOM   1636 H HB3  . HIS A 1 2  ? 8.763  3.168  -3.965 1.00 0.00 ? 1  HIS A HB3  9  
ATOM   1637 H HD1  . HIS A 1 2  ? 7.970  1.015  -2.197 1.00 0.00 ? 1  HIS A HD1  9  
ATOM   1638 H HD2  . HIS A 1 2  ? 10.860 0.386  -5.117 1.00 0.00 ? 1  HIS A HD2  9  
ATOM   1639 H HE1  . HIS A 1 2  ? 9.276  -0.992 -1.430 1.00 0.00 ? 1  HIS A HE1  9  
ATOM   1640 H HE2  . HIS A 1 2  ? 10.921 -1.436 -3.285 1.00 0.00 ? 1  HIS A HE2  9  
ATOM   1641 N N    . LYS A 1 3  ? 5.842  3.694  -3.471 1.00 0.00 ? 2  LYS A N    9  
ATOM   1642 C CA   . LYS A 1 3  ? 5.018  4.124  -2.309 1.00 0.00 ? 2  LYS A CA   9  
ATOM   1643 C C    . LYS A 1 3  ? 3.577  3.599  -2.376 1.00 0.00 ? 2  LYS A C    9  
ATOM   1644 O O    . LYS A 1 3  ? 3.002  3.227  -1.335 1.00 0.00 ? 2  LYS A O    9  
ATOM   1645 C CB   . LYS A 1 3  ? 4.994  5.658  -2.165 1.00 0.00 ? 2  LYS A CB   9  
ATOM   1646 C CG   . LYS A 1 3  ? 6.331  6.281  -1.773 1.00 0.00 ? 2  LYS A CG   9  
ATOM   1647 C CD   . LYS A 1 3  ? 6.235  7.801  -1.706 1.00 0.00 ? 2  LYS A CD   9  
ATOM   1648 C CE   . LYS A 1 3  ? 7.575  8.447  -1.372 1.00 0.00 ? 2  LYS A CE   9  
ATOM   1649 N NZ   . LYS A 1 3  ? 8.097  8.016  -0.043 1.00 0.00 ? 2  LYS A NZ   9  
ATOM   1650 H H    . LYS A 1 3  ? 6.107  4.372  -4.127 1.00 0.00 ? 2  LYS A H    9  
ATOM   1651 H HA   . LYS A 1 3  ? 5.483  3.710  -1.427 1.00 0.00 ? 2  LYS A HA   9  
ATOM   1652 H HB2  . LYS A 1 3  ? 4.679  6.098  -3.097 1.00 0.00 ? 2  LYS A HB2  9  
ATOM   1653 H HB3  . LYS A 1 3  ? 4.275  5.917  -1.403 1.00 0.00 ? 2  LYS A HB3  9  
ATOM   1654 H HG2  . LYS A 1 3  ? 6.618  5.907  -0.801 1.00 0.00 ? 2  LYS A HG2  9  
ATOM   1655 H HG3  . LYS A 1 3  ? 7.078  6.010  -2.501 1.00 0.00 ? 2  LYS A HG3  9  
ATOM   1656 H HD2  . LYS A 1 3  ? 5.902  8.171  -2.665 1.00 0.00 ? 2  LYS A HD2  9  
ATOM   1657 H HD3  . LYS A 1 3  ? 5.516  8.072  -0.948 1.00 0.00 ? 2  LYS A HD3  9  
ATOM   1658 H HE2  . LYS A 1 3  ? 8.293  8.180  -2.133 1.00 0.00 ? 2  LYS A HE2  9  
ATOM   1659 H HE3  . LYS A 1 3  ? 7.448  9.521  -1.365 1.00 0.00 ? 2  LYS A HE3  9  
ATOM   1660 H HZ1  . LYS A 1 3  ? 7.853  7.020  0.131  1.00 0.00 ? 2  LYS A HZ1  9  
ATOM   1661 H HZ2  . LYS A 1 3  ? 7.682  8.600  0.710  1.00 0.00 ? 2  LYS A HZ2  9  
ATOM   1662 H HZ3  . LYS A 1 3  ? 9.131  8.119  -0.015 1.00 0.00 ? 2  LYS A HZ3  9  
HETATM 1663 C C    . MK8 A 1 4  ? 1.300  1.737  -3.151 1.00 0.00 ? 3  MK8 A C    9  
HETATM 1664 N N    . MK8 A 1 4  ? 2.961  3.588  -3.632 1.00 0.00 ? 3  MK8 A N    9  
HETATM 1665 O O    . MK8 A 1 4  ? 0.502  1.615  -2.196 1.00 0.00 ? 3  MK8 A O    9  
HETATM 1666 C CA   . MK8 A 1 4  ? 1.540  3.136  -3.887 1.00 0.00 ? 3  MK8 A CA   9  
HETATM 1667 C CB   . MK8 A 1 4  ? 1.332  2.992  -5.460 1.00 0.00 ? 3  MK8 A CB   9  
HETATM 1668 C CD   . MK8 A 1 4  ? -0.103 0.845  -5.866 1.00 0.00 ? 3  MK8 A CD   9  
HETATM 1669 C CE   . MK8 A 1 4  ? -1.399 0.116  -6.338 1.00 0.00 ? 3  MK8 A CE   9  
HETATM 1670 C CG   . MK8 A 1 4  ? -0.003 2.367  -6.021 1.00 0.00 ? 3  MK8 A CG   9  
HETATM 1671 C CB1  . MK8 A 1 4  ? 0.617  4.296  -3.376 1.00 0.00 ? 3  MK8 A CB1  9  
HETATM 1672 H H    . MK8 A 1 4  ? 3.475  3.910  -4.400 1.00 0.00 ? 3  MK8 A H    9  
HETATM 1673 H HB   . MK8 A 1 4  ? 2.152  2.399  -5.841 1.00 0.00 ? 3  MK8 A HB   9  
HETATM 1674 H HBA  . MK8 A 1 4  ? 1.417  3.978  -5.889 1.00 0.00 ? 3  MK8 A HBA  9  
HETATM 1675 H HD   . MK8 A 1 4  ? 0.025  0.631  -4.813 1.00 0.00 ? 3  MK8 A HD   9  
HETATM 1676 H HDA  . MK8 A 1 4  ? 0.727  0.403  -6.392 1.00 0.00 ? 3  MK8 A HDA  9  
HETATM 1677 H HE   . MK8 A 1 4  ? -1.505 -0.033 -7.402 1.00 0.00 ? 3  MK8 A HE   9  
HETATM 1678 H HG   . MK8 A 1 4  ? -0.075 2.614  -7.071 1.00 0.00 ? 3  MK8 A HG   9  
HETATM 1679 H HGA  . MK8 A 1 4  ? -0.835 2.812  -5.501 1.00 0.00 ? 3  MK8 A HGA  9  
HETATM 1680 H HB1  . MK8 A 1 4  ? 0.171  4.801  -4.222 1.00 0.00 ? 3  MK8 A HB1  9  
HETATM 1681 H HB1A . MK8 A 1 4  ? 1.205  5.002  -2.808 1.00 0.00 ? 3  MK8 A HB1A 9  
HETATM 1682 H HB1B . MK8 A 1 4  ? -0.162 3.890  -2.746 1.00 0.00 ? 3  MK8 A HB1B 9  
ATOM   1683 N N    . LEU A 1 5  ? 2.010  0.668  -3.697 1.00 0.00 ? 4  LEU A N    9  
ATOM   1684 C CA   . LEU A 1 5  ? 1.918  -0.739 -3.234 1.00 0.00 ? 4  LEU A CA   9  
ATOM   1685 C C    . LEU A 1 5  ? 2.081  -0.881 -1.719 1.00 0.00 ? 4  LEU A C    9  
ATOM   1686 O O    . LEU A 1 5  ? 1.712  -1.944 -1.179 1.00 0.00 ? 4  LEU A O    9  
ATOM   1687 C CB   . LEU A 1 5  ? 2.929  -1.640 -3.981 1.00 0.00 ? 4  LEU A CB   9  
ATOM   1688 C CG   . LEU A 1 5  ? 2.711  -3.178 -3.887 1.00 0.00 ? 4  LEU A CG   9  
ATOM   1689 C CD1  . LEU A 1 5  ? 1.589  -3.668 -4.814 1.00 0.00 ? 4  LEU A CD1  9  
ATOM   1690 C CD2  . LEU A 1 5  ? 4.003  -3.910 -4.212 1.00 0.00 ? 4  LEU A CD2  9  
ATOM   1691 H H    . LEU A 1 5  ? 2.580  0.854  -4.473 1.00 0.00 ? 4  LEU A H    9  
ATOM   1692 H HA   . LEU A 1 5  ? 0.923  -1.076 -3.488 1.00 0.00 ? 4  LEU A HA   9  
ATOM   1693 H HB2  . LEU A 1 5  ? 2.904  -1.368 -5.025 1.00 0.00 ? 4  LEU A HB2  9  
ATOM   1694 H HB3  . LEU A 1 5  ? 3.914  -1.421 -3.596 1.00 0.00 ? 4  LEU A HB3  9  
ATOM   1695 H HG   . LEU A 1 5  ? 2.434  -3.435 -2.876 1.00 0.00 ? 4  LEU A HG   9  
ATOM   1696 H HD11 . LEU A 1 5  ? 1.781  -3.333 -5.821 1.00 0.00 ? 4  LEU A HD11 9  
ATOM   1697 H HD12 . LEU A 1 5  ? 0.644  -3.270 -4.476 1.00 0.00 ? 4  LEU A HD12 9  
ATOM   1698 H HD13 . LEU A 1 5  ? 1.552  -4.748 -4.792 1.00 0.00 ? 4  LEU A HD13 9  
ATOM   1699 H HD21 . LEU A 1 5  ? 4.195  -3.844 -5.273 1.00 0.00 ? 4  LEU A HD21 9  
ATOM   1700 H HD22 . LEU A 1 5  ? 3.911  -4.948 -3.928 1.00 0.00 ? 4  LEU A HD22 9  
ATOM   1701 H HD23 . LEU A 1 5  ? 4.819  -3.459 -3.669 1.00 0.00 ? 4  LEU A HD23 9  
ATOM   1702 N N    . HIS A 1 6  ? 2.621  0.206  -1.053 1.00 0.00 ? 5  HIS A N    9  
ATOM   1703 C CA   . HIS A 1 6  ? 2.833  0.249  0.414  1.00 0.00 ? 5  HIS A CA   9  
ATOM   1704 C C    . HIS A 1 6  ? 1.496  0.545  1.109  1.00 0.00 ? 5  HIS A C    9  
ATOM   1705 O O    . HIS A 1 6  ? 1.150  -0.138 2.090  1.00 0.00 ? 5  HIS A O    9  
ATOM   1706 C CB   . HIS A 1 6  ? 3.921  1.281  0.776  1.00 0.00 ? 5  HIS A CB   9  
ATOM   1707 C CG   . HIS A 1 6  ? 4.469  1.149  2.173  1.00 0.00 ? 5  HIS A CG   9  
ATOM   1708 N ND1  . HIS A 1 6  ? 3.686  1.253  3.304  1.00 0.00 ? 5  HIS A ND1  9  
ATOM   1709 C CD2  . HIS A 1 6  ? 5.734  0.926  2.615  1.00 0.00 ? 5  HIS A CD2  9  
ATOM   1710 C CE1  . HIS A 1 6  ? 4.443  1.100  4.378  1.00 0.00 ? 5  HIS A CE1  9  
ATOM   1711 N NE2  . HIS A 1 6  ? 5.686  0.900  3.987  1.00 0.00 ? 5  HIS A NE2  9  
ATOM   1712 H H    . HIS A 1 6  ? 2.865  0.996  -1.577 1.00 0.00 ? 5  HIS A H    9  
ATOM   1713 H HA   . HIS A 1 6  ? 3.162  -0.734 0.720  1.00 0.00 ? 5  HIS A HA   9  
ATOM   1714 H HB2  . HIS A 1 6  ? 4.751  1.166  0.092  1.00 0.00 ? 5  HIS A HB2  9  
ATOM   1715 H HB3  . HIS A 1 6  ? 3.515  2.275  0.672  1.00 0.00 ? 5  HIS A HB3  9  
ATOM   1716 H HD1  . HIS A 1 6  ? 2.719  1.415  3.317  1.00 0.00 ? 5  HIS A HD1  9  
ATOM   1717 H HD2  . HIS A 1 6  ? 6.617  0.798  2.004  1.00 0.00 ? 5  HIS A HD2  9  
ATOM   1718 H HE1  . HIS A 1 6  ? 4.102  1.140  5.402  1.00 0.00 ? 5  HIS A HE1  9  
ATOM   1719 H HE2  . HIS A 1 6  ? 6.435  0.678  4.579  1.00 0.00 ? 5  HIS A HE2  9  
ATOM   1720 N N    . GLN A 1 7  ? 0.757  1.565  0.550  1.00 0.00 ? 6  GLN A N    9  
ATOM   1721 C CA   . GLN A 1 7  ? -0.577 2.000  1.044  1.00 0.00 ? 6  GLN A CA   9  
ATOM   1722 C C    . GLN A 1 7  ? -1.623 0.881  0.906  1.00 0.00 ? 6  GLN A C    9  
ATOM   1723 O O    . GLN A 1 7  ? -2.480 0.718  1.784  1.00 0.00 ? 6  GLN A O    9  
ATOM   1724 C CB   . GLN A 1 7  ? -1.080 3.238  0.271  1.00 0.00 ? 6  GLN A CB   9  
ATOM   1725 C CG   . GLN A 1 7  ? -0.617 4.583  0.823  1.00 0.00 ? 6  GLN A CG   9  
ATOM   1726 C CD   . GLN A 1 7  ? -1.221 5.757  0.072  1.00 0.00 ? 6  GLN A CD   9  
ATOM   1727 O OE1  . GLN A 1 7  ? -1.036 5.893  -1.137 1.00 0.00 ? 6  GLN A OE1  9  
ATOM   1728 N NE2  . GLN A 1 7  ? -1.935 6.622  0.785  1.00 0.00 ? 6  GLN A NE2  9  
ATOM   1729 H H    . GLN A 1 7  ? 1.140  2.025  -0.227 1.00 0.00 ? 6  GLN A H    9  
ATOM   1730 H HA   . GLN A 1 7  ? -0.476 2.252  2.090  1.00 0.00 ? 6  GLN A HA   9  
ATOM   1731 H HB2  . GLN A 1 7  ? -0.743 3.170  -0.751 1.00 0.00 ? 6  GLN A HB2  9  
ATOM   1732 H HB3  . GLN A 1 7  ? -2.159 3.226  0.275  1.00 0.00 ? 6  GLN A HB3  9  
ATOM   1733 H HG2  . GLN A 1 7  ? -0.904 4.653  1.858  1.00 0.00 ? 6  GLN A HG2  9  
ATOM   1734 H HG3  . GLN A 1 7  ? 0.453  4.651  0.743  1.00 0.00 ? 6  GLN A HG3  9  
ATOM   1735 H HE21 . GLN A 1 7  ? -2.036 6.460  1.746  1.00 0.00 ? 6  GLN A HE21 9  
ATOM   1736 H HE22 . GLN A 1 7  ? -2.330 7.387  0.320  1.00 0.00 ? 6  GLN A HE22 9  
HETATM 1737 C C    . MK8 A 1 8  ? -2.392 -2.085 0.525  1.00 0.00 ? 7  MK8 A C    9  
HETATM 1738 N N    . MK8 A 1 8  ? -1.537 0.123  -0.244 1.00 0.00 ? 7  MK8 A N    9  
HETATM 1739 O O    . MK8 A 1 8  ? -3.370 -2.838 0.791  1.00 0.00 ? 7  MK8 A O    9  
HETATM 1740 C CA   . MK8 A 1 8  ? -2.454 -1.003 -0.613 1.00 0.00 ? 7  MK8 A CA   9  
HETATM 1741 C CB   . MK8 A 1 8  ? -1.941 -1.699 -1.925 1.00 0.00 ? 7  MK8 A CB   9  
HETATM 1742 C CD   . MK8 A 1 8  ? -2.577 -0.310 -3.985 1.00 0.00 ? 7  MK8 A CD   9  
HETATM 1743 C CE   . MK8 A 1 8  ? -2.433 -0.368 -5.545 1.00 0.00 ? 7  MK8 A CE   9  
HETATM 1744 C CG   . MK8 A 1 8  ? -1.438 -0.808 -3.100 1.00 0.00 ? 7  MK8 A CG   9  
HETATM 1745 C CB1  . MK8 A 1 8  ? -3.903 -0.482 -0.874 1.00 0.00 ? 7  MK8 A CB1  9  
HETATM 1746 H H    . MK8 A 1 8  ? -0.826 0.334  -0.862 1.00 0.00 ? 7  MK8 A H    9  
HETATM 1747 H HB   . MK8 A 1 8  ? -2.744 -2.313 -2.302 1.00 0.00 ? 7  MK8 A HB   9  
HETATM 1748 H HBA  . MK8 A 1 8  ? -1.123 -2.346 -1.656 1.00 0.00 ? 7  MK8 A HBA  9  
HETATM 1749 H HD   . MK8 A 1 8  ? -2.775 0.719  -3.709 1.00 0.00 ? 7  MK8 A HD   9  
HETATM 1750 H HDA  . MK8 A 1 8  ? -3.446 -0.891 -3.736 1.00 0.00 ? 7  MK8 A HDA  9  
HETATM 1751 H HE   . MK8 A 1 8  ? -3.244 -0.844 -6.074 1.00 0.00 ? 7  MK8 A HE   9  
HETATM 1752 H HG   . MK8 A 1 8  ? -0.744 -1.376 -3.705 1.00 0.00 ? 7  MK8 A HG   9  
HETATM 1753 H HGA  . MK8 A 1 8  ? -0.930 0.043  -2.690 1.00 0.00 ? 7  MK8 A HGA  9  
HETATM 1754 H HB1  . MK8 A 1 8  ? -4.007 -0.234 -1.920 1.00 0.00 ? 7  MK8 A HB1  9  
HETATM 1755 H HB1A . MK8 A 1 8  ? -4.085 0.397  -0.276 1.00 0.00 ? 7  MK8 A HB1A 9  
HETATM 1756 H HB1B . MK8 A 1 8  ? -4.614 -1.251 -0.612 1.00 0.00 ? 7  MK8 A HB1B 9  
ATOM   1757 N N    . LEU A 1 9  ? -1.160 -2.179 1.139  1.00 0.00 ? 8  LEU A N    9  
ATOM   1758 C CA   . LEU A 1 9  ? -0.815 -3.158 2.202  1.00 0.00 ? 8  LEU A CA   9  
ATOM   1759 C C    . LEU A 1 9  ? -1.610 -2.974 3.502  1.00 0.00 ? 8  LEU A C    9  
ATOM   1760 O O    . LEU A 1 9  ? -1.969 -3.989 4.132  1.00 0.00 ? 8  LEU A O    9  
ATOM   1761 C CB   . LEU A 1 9  ? 0.722  -3.103 2.519  1.00 0.00 ? 8  LEU A CB   9  
ATOM   1762 C CG   . LEU A 1 9  ? 1.490  -4.391 3.033  1.00 0.00 ? 8  LEU A CG   9  
ATOM   1763 C CD1  . LEU A 1 9  ? 0.955  -4.989 4.352  1.00 0.00 ? 8  LEU A CD1  9  
ATOM   1764 C CD2  . LEU A 1 9  ? 1.583  -5.476 1.953  1.00 0.00 ? 8  LEU A CD2  9  
ATOM   1765 H H    . LEU A 1 9  ? -0.449 -1.583 0.821  1.00 0.00 ? 8  LEU A H    9  
ATOM   1766 H HA   . LEU A 1 9  ? -1.039 -4.137 1.810  1.00 0.00 ? 8  LEU A HA   9  
ATOM   1767 H HB2  . LEU A 1 9  ? 1.219  -2.788 1.617  1.00 0.00 ? 8  LEU A HB2  9  
ATOM   1768 H HB3  . LEU A 1 9  ? 0.867  -2.326 3.256  1.00 0.00 ? 8  LEU A HB3  9  
ATOM   1769 H HG   . LEU A 1 9  ? 2.506  -4.086 3.243  1.00 0.00 ? 8  LEU A HG   9  
ATOM   1770 H HD11 . LEU A 1 9  ? 1.412  -5.954 4.520  1.00 0.00 ? 8  LEU A HD11 9  
ATOM   1771 H HD12 . LEU A 1 9  ? -0.116 -5.106 4.286  1.00 0.00 ? 8  LEU A HD12 9  
ATOM   1772 H HD13 . LEU A 1 9  ? 1.196  -4.328 5.172  1.00 0.00 ? 8  LEU A HD13 9  
ATOM   1773 H HD21 . LEU A 1 9  ? 1.579  -5.014 0.976  1.00 0.00 ? 8  LEU A HD21 9  
ATOM   1774 H HD22 . LEU A 1 9  ? 0.739  -6.144 2.039  1.00 0.00 ? 8  LEU A HD22 9  
ATOM   1775 H HD23 . LEU A 1 9  ? 2.499  -6.035 2.083  1.00 0.00 ? 8  LEU A HD23 9  
ATOM   1776 N N    . GLN A 1 10 ? -1.833 -1.668 3.910  1.00 0.00 ? 9  GLN A N    9  
ATOM   1777 C CA   . GLN A 1 10 ? -2.534 -1.302 5.172  1.00 0.00 ? 9  GLN A CA   9  
ATOM   1778 C C    . GLN A 1 10 ? -4.060 -1.350 5.071  1.00 0.00 ? 9  GLN A C    9  
ATOM   1779 O O    . GLN A 1 10 ? -4.704 -1.797 6.044  1.00 0.00 ? 9  GLN A O    9  
ATOM   1780 C CB   . GLN A 1 10 ? -2.081 0.084  5.670  1.00 0.00 ? 9  GLN A CB   9  
ATOM   1781 C CG   . GLN A 1 10 ? -0.674 0.113  6.275  1.00 0.00 ? 9  GLN A CG   9  
ATOM   1782 C CD   . GLN A 1 10 ? -0.559 -0.627 7.604  1.00 0.00 ? 9  GLN A CD   9  
ATOM   1783 O OE1  . GLN A 1 10 ? -0.887 -1.809 7.699  1.00 0.00 ? 9  GLN A OE1  9  
ATOM   1784 N NE2  . GLN A 1 10 ? -0.084 0.070  8.634  1.00 0.00 ? 9  GLN A NE2  9  
ATOM   1785 H H    . GLN A 1 10 ? -1.477 -0.946 3.351  1.00 0.00 ? 9  GLN A H    9  
ATOM   1786 H HA   . GLN A 1 10 ? -2.236 -2.028 5.911  1.00 0.00 ? 9  GLN A HA   9  
ATOM   1787 H HB2  . GLN A 1 10 ? -2.096 0.776  4.841  1.00 0.00 ? 9  GLN A HB2  9  
ATOM   1788 H HB3  . GLN A 1 10 ? -2.777 0.429  6.422  1.00 0.00 ? 9  GLN A HB3  9  
ATOM   1789 H HG2  . GLN A 1 10 ? 0.009  -0.340 5.574  1.00 0.00 ? 9  GLN A HG2  9  
ATOM   1790 H HG3  . GLN A 1 10 ? -0.391 1.144  6.432  1.00 0.00 ? 9  GLN A HG3  9  
ATOM   1791 H HE21 . GLN A 1 10 ? 0.162  1.007  8.485  1.00 0.00 ? 9  GLN A HE21 9  
ATOM   1792 H HE22 . GLN A 1 10 ? 0.005  -0.383 9.500  1.00 0.00 ? 9  GLN A HE22 9  
ATOM   1793 N N    . ASP A 1 11 ? -4.620 -0.879 3.897  1.00 0.00 ? 10 ASP A N    9  
ATOM   1794 C CA   . ASP A 1 11 ? -6.082 -0.844 3.636  1.00 0.00 ? 10 ASP A CA   9  
ATOM   1795 C C    . ASP A 1 11 ? -6.649 -2.263 3.493  1.00 0.00 ? 10 ASP A C    9  
ATOM   1796 O O    . ASP A 1 11 ? -7.775 -2.521 3.959  1.00 0.00 ? 10 ASP A O    9  
ATOM   1797 C CB   . ASP A 1 11 ? -6.389 0.009  2.388  1.00 0.00 ? 10 ASP A CB   9  
ATOM   1798 C CG   . ASP A 1 11 ? -7.879 0.193  2.143  1.00 0.00 ? 10 ASP A CG   9  
ATOM   1799 O OD1  . ASP A 1 11 ? -8.582 -0.824 1.973  1.00 0.00 ? 10 ASP A OD1  9  
ATOM   1800 O OD2  . ASP A 1 11 ? -8.338 1.353  2.123  1.00 0.00 ? 10 ASP A OD2  9  
ATOM   1801 H H    . ASP A 1 11 ? -4.016 -0.548 3.198  1.00 0.00 ? 10 ASP A H    9  
ATOM   1802 H HA   . ASP A 1 11 ? -6.548 -0.380 4.495  1.00 0.00 ? 10 ASP A HA   9  
ATOM   1803 H HB2  . ASP A 1 11 ? -5.952 0.989  2.513  1.00 0.00 ? 10 ASP A HB2  9  
ATOM   1804 H HB3  . ASP A 1 11 ? -5.955 -0.461 1.520  1.00 0.00 ? 10 ASP A HB3  9  
ATOM   1805 N N    . SER A 1 12 ? -5.841 -3.157 2.827  1.00 0.00 ? 11 SER A N    9  
ATOM   1806 C CA   . SER A 1 12 ? -6.197 -4.572 2.565  1.00 0.00 ? 11 SER A CA   9  
ATOM   1807 C C    . SER A 1 12 ? -5.890 -5.472 3.777  1.00 0.00 ? 11 SER A C    9  
ATOM   1808 O O    . SER A 1 12 ? -6.060 -6.691 3.708  1.00 0.00 ? 11 SER A O    9  
ATOM   1809 C CB   . SER A 1 12 ? -5.454 -5.061 1.308  1.00 0.00 ? 11 SER A CB   9  
ATOM   1810 O OG   . SER A 1 12 ? -5.582 -4.123 0.254  1.00 0.00 ? 11 SER A OG   9  
ATOM   1811 H H    . SER A 1 12 ? -4.978 -2.833 2.495  1.00 0.00 ? 11 SER A H    9  
ATOM   1812 H HA   . SER A 1 12 ? -7.262 -4.611 2.374  1.00 0.00 ? 11 SER A HA   9  
ATOM   1813 H HB2  . SER A 1 12 ? -4.406 -5.191 1.529  1.00 0.00 ? 11 SER A HB2  9  
ATOM   1814 H HB3  . SER A 1 12 ? -5.873 -6.002 0.977  1.00 0.00 ? 11 SER A HB3  9  
ATOM   1815 H HG   . SER A 1 12 ? -6.315 -4.374 -0.311 1.00 0.00 ? 11 SER A HG   9  
HETATM 1816 N N    . NH2 A 1 13 ? -5.657 -4.862 4.942  1.00 0.00 ? 12 NH2 A N    9  
HETATM 1817 H HN1  . NH2 A 1 13 ? -5.687 -3.885 4.972  1.00 0.00 ? 12 NH2 A HN1  9  
HETATM 1818 H HN2  . NH2 A 1 13 ? -5.475 -5.420 5.732  1.00 0.00 ? 12 NH2 A HN2  9  
HETATM 1819 C C    . ACE A 1 1  ? 5.526  3.061  -6.811 1.00 0.00 ? 0  ACE A C    10 
HETATM 1820 O O    . ACE A 1 1  ? 4.727  2.112  -6.698 1.00 0.00 ? 0  ACE A O    10 
HETATM 1821 C CH3  . ACE A 1 1  ? 5.295  4.105  -7.884 1.00 0.00 ? 0  ACE A CH3  10 
HETATM 1822 H H1   . ACE A 1 1  ? 5.994  3.953  -8.693 1.00 0.00 ? 0  ACE A H1   10 
HETATM 1823 H H2   . ACE A 1 1  ? 5.439  5.091  -7.466 1.00 0.00 ? 0  ACE A H2   10 
HETATM 1824 H H3   . ACE A 1 1  ? 4.286  4.019  -8.261 1.00 0.00 ? 0  ACE A H3   10 
ATOM   1825 N N    . HIS A 1 2  ? 6.648  3.252  -6.030 1.00 0.00 ? 1  HIS A N    10 
ATOM   1826 C CA   . HIS A 1 2  ? 7.066  2.349  -4.937 1.00 0.00 ? 1  HIS A CA   10 
ATOM   1827 C C    . HIS A 1 2  ? 6.206  2.559  -3.678 1.00 0.00 ? 1  HIS A C    10 
ATOM   1828 O O    . HIS A 1 2  ? 6.037  1.607  -2.894 1.00 0.00 ? 1  HIS A O    10 
ATOM   1829 C CB   . HIS A 1 2  ? 8.559  2.573  -4.619 1.00 0.00 ? 1  HIS A CB   10 
ATOM   1830 C CG   . HIS A 1 2  ? 9.213  1.445  -3.871 1.00 0.00 ? 1  HIS A CG   10 
ATOM   1831 N ND1  . HIS A 1 2  ? 8.773  1.004  -2.641 1.00 0.00 ? 1  HIS A ND1  10 
ATOM   1832 C CD2  . HIS A 1 2  ? 10.285 0.678  -4.182 1.00 0.00 ? 1  HIS A CD2  10 
ATOM   1833 C CE1  . HIS A 1 2  ? 9.547  0.015  -2.226 1.00 0.00 ? 1  HIS A CE1  10 
ATOM   1834 N NE2  . HIS A 1 2  ? 10.472 -0.202 -3.144 1.00 0.00 ? 1  HIS A NE2  10 
ATOM   1835 H H    . HIS A 1 2  ? 7.211  4.032  -6.224 1.00 0.00 ? 1  HIS A H    10 
ATOM   1836 H HA   . HIS A 1 2  ? 6.933  1.334  -5.281 1.00 0.00 ? 1  HIS A HA   10 
ATOM   1837 H HB2  . HIS A 1 2  ? 9.098  2.707  -5.545 1.00 0.00 ? 1  HIS A HB2  10 
ATOM   1838 H HB3  . HIS A 1 2  ? 8.665  3.467  -4.022 1.00 0.00 ? 1  HIS A HB3  10 
ATOM   1839 H HD1  . HIS A 1 2  ? 8.008  1.362  -2.144 1.00 0.00 ? 1  HIS A HD1  10 
ATOM   1840 H HD2  . HIS A 1 2  ? 10.887 0.747  -5.078 1.00 0.00 ? 1  HIS A HD2  10 
ATOM   1841 H HE1  . HIS A 1 2  ? 9.442  -0.523 -1.296 1.00 0.00 ? 1  HIS A HE1  10 
ATOM   1842 H HE2  . HIS A 1 2  ? 11.240 -0.801 -3.039 1.00 0.00 ? 1  HIS A HE2  10 
ATOM   1843 N N    . LYS A 1 3  ? 5.679  3.828  -3.510 1.00 0.00 ? 2  LYS A N    10 
ATOM   1844 C CA   . LYS A 1 3  ? 4.829  4.232  -2.354 1.00 0.00 ? 2  LYS A CA   10 
ATOM   1845 C C    . LYS A 1 3  ? 3.430  3.606  -2.393 1.00 0.00 ? 2  LYS A C    10 
ATOM   1846 O O    . LYS A 1 3  ? 2.918  3.152  -1.350 1.00 0.00 ? 2  LYS A O    10 
ATOM   1847 C CB   . LYS A 1 3  ? 4.694  5.761  -2.251 1.00 0.00 ? 2  LYS A CB   10 
ATOM   1848 C CG   . LYS A 1 3  ? 5.936  6.474  -1.724 1.00 0.00 ? 2  LYS A CG   10 
ATOM   1849 C CD   . LYS A 1 3  ? 5.690  7.971  -1.581 1.00 0.00 ? 2  LYS A CD   10 
ATOM   1850 C CE   . LYS A 1 3  ? 6.941  8.719  -1.126 1.00 0.00 ? 2  LYS A CE   10 
ATOM   1851 N NZ   . LYS A 1 3  ? 6.679  10.173 -0.937 1.00 0.00 ? 2  LYS A NZ   10 
ATOM   1852 H H    . LYS A 1 3  ? 5.880  4.499  -4.193 1.00 0.00 ? 2  LYS A H    10 
ATOM   1853 H HA   . LYS A 1 3  ? 5.325  3.877  -1.466 1.00 0.00 ? 2  LYS A HA   10 
ATOM   1854 H HB2  . LYS A 1 3  ? 4.465  6.161  -3.224 1.00 0.00 ? 2  LYS A HB2  10 
ATOM   1855 H HB3  . LYS A 1 3  ? 3.875  5.986  -1.587 1.00 0.00 ? 2  LYS A HB3  10 
ATOM   1856 H HG2  . LYS A 1 3  ? 6.187  6.065  -0.755 1.00 0.00 ? 2  LYS A HG2  10 
ATOM   1857 H HG3  . LYS A 1 3  ? 6.757  6.319  -2.405 1.00 0.00 ? 2  LYS A HG3  10 
ATOM   1858 H HD2  . LYS A 1 3  ? 5.379  8.365  -2.537 1.00 0.00 ? 2  LYS A HD2  10 
ATOM   1859 H HD3  . LYS A 1 3  ? 4.906  8.127  -0.855 1.00 0.00 ? 2  LYS A HD3  10 
ATOM   1860 H HE2  . LYS A 1 3  ? 7.278  8.302  -0.189 1.00 0.00 ? 2  LYS A HE2  10 
ATOM   1861 H HE3  . LYS A 1 3  ? 7.713  8.597  -1.872 1.00 0.00 ? 2  LYS A HE3  10 
ATOM   1862 H HZ1  . LYS A 1 3  ? 7.002  10.475 0.004  1.00 0.00 ? 2  LYS A HZ1  10 
ATOM   1863 H HZ2  . LYS A 1 3  ? 5.662  10.368 -1.022 1.00 0.00 ? 2  LYS A HZ2  10 
ATOM   1864 H HZ3  . LYS A 1 3  ? 7.188  10.724 -1.660 1.00 0.00 ? 2  LYS A HZ3  10 
HETATM 1865 C C    . MK8 A 1 4  ? 1.220  1.666  -3.154 1.00 0.00 ? 3  MK8 A C    10 
HETATM 1866 N N    . MK8 A 1 4  ? 2.776  3.610  -3.624 1.00 0.00 ? 3  MK8 A N    10 
HETATM 1867 O O    . MK8 A 1 4  ? 0.305  1.431  -2.335 1.00 0.00 ? 3  MK8 A O    10 
HETATM 1868 C CA   . MK8 A 1 4  ? 1.383  3.082  -3.861 1.00 0.00 ? 3  MK8 A CA   10 
HETATM 1869 C CB   . MK8 A 1 4  ? 1.176  2.945  -5.430 1.00 0.00 ? 3  MK8 A CB   10 
HETATM 1870 C CD   . MK8 A 1 4  ? -0.059 0.730  -5.923 1.00 0.00 ? 3  MK8 A CD   10 
HETATM 1871 C CE   . MK8 A 1 4  ? -1.288 -0.107 -6.384 1.00 0.00 ? 3  MK8 A CE   10 
HETATM 1872 C CG   . MK8 A 1 4  ? -0.120 2.254  -5.995 1.00 0.00 ? 3  MK8 A CG   10 
HETATM 1873 C CB1  . MK8 A 1 4  ? 0.413  4.185  -3.330 1.00 0.00 ? 3  MK8 A CB1  10 
HETATM 1874 H H    . MK8 A 1 4  ? 3.239  4.006  -4.387 1.00 0.00 ? 3  MK8 A H    10 
HETATM 1875 H HB   . MK8 A 1 4  ? 2.027  2.404  -5.822 1.00 0.00 ? 3  MK8 A HB   10 
HETATM 1876 H HBA  . MK8 A 1 4  ? 1.201  3.938  -5.846 1.00 0.00 ? 3  MK8 A HBA  10 
HETATM 1877 H HD   . MK8 A 1 4  ? 0.136  0.477  -4.890 1.00 0.00 ? 3  MK8 A HD   10 
HETATM 1878 H HDA  . MK8 A 1 4  ? 0.786  0.409  -6.504 1.00 0.00 ? 3  MK8 A HDA  10 
HETATM 1879 H HE   . MK8 A 1 4  ? -1.380 -0.279 -7.445 1.00 0.00 ? 3  MK8 A HE   10 
HETATM 1880 H HG   . MK8 A 1 4  ? -0.251 2.553  -7.026 1.00 0.00 ? 3  MK8 A HG   10 
HETATM 1881 H HGA  . MK8 A 1 4  ? -0.970 2.588  -5.419 1.00 0.00 ? 3  MK8 A HGA  10 
HETATM 1882 H HB1  . MK8 A 1 4  ? 0.937  4.815  -2.625 1.00 0.00 ? 3  MK8 A HB1  10 
HETATM 1883 H HB1A . MK8 A 1 4  ? -0.428 3.720  -2.839 1.00 0.00 ? 3  MK8 A HB1A 10 
HETATM 1884 H HB1B . MK8 A 1 4  ? 0.061  4.783  -4.158 1.00 0.00 ? 3  MK8 A HB1B 10 
ATOM   1885 N N    . LEU A 1 5  ? 2.144  0.724  -3.573 1.00 0.00 ? 4  LEU A N    10 
ATOM   1886 C CA   . LEU A 1 5  ? 2.183  -0.688 -3.110 1.00 0.00 ? 4  LEU A CA   10 
ATOM   1887 C C    . LEU A 1 5  ? 2.158  -0.800 -1.581 1.00 0.00 ? 4  LEU A C    10 
ATOM   1888 O O    . LEU A 1 5  ? 1.577  -1.769 -1.055 1.00 0.00 ? 4  LEU A O    10 
ATOM   1889 C CB   . LEU A 1 5  ? 3.447  -1.426 -3.683 1.00 0.00 ? 4  LEU A CB   10 
ATOM   1890 C CG   . LEU A 1 5  ? 3.451  -3.000 -3.874 1.00 0.00 ? 4  LEU A CG   10 
ATOM   1891 C CD1  . LEU A 1 5  ? 3.213  -3.814 -2.590 1.00 0.00 ? 4  LEU A CD1  10 
ATOM   1892 C CD2  . LEU A 1 5  ? 2.484  -3.458 -4.967 1.00 0.00 ? 4  LEU A CD2  10 
ATOM   1893 H H    . LEU A 1 5  ? 2.801  1.001  -4.248 1.00 0.00 ? 4  LEU A H    10 
ATOM   1894 H HA   . LEU A 1 5  ? 1.300  -1.173 -3.496 1.00 0.00 ? 4  LEU A HA   10 
ATOM   1895 H HB2  . LEU A 1 5  ? 3.648  -0.999 -4.653 1.00 0.00 ? 4  LEU A HB2  10 
ATOM   1896 H HB3  . LEU A 1 5  ? 4.279  -1.177 -3.040 1.00 0.00 ? 4  LEU A HB3  10 
ATOM   1897 H HG   . LEU A 1 5  ? 4.441  -3.271 -4.214 1.00 0.00 ? 4  LEU A HG   10 
ATOM   1898 H HD11 . LEU A 1 5  ? 4.000  -3.611 -1.884 1.00 0.00 ? 4  LEU A HD11 10 
ATOM   1899 H HD12 . LEU A 1 5  ? 3.205  -4.867 -2.832 1.00 0.00 ? 4  LEU A HD12 10 
ATOM   1900 H HD13 . LEU A 1 5  ? 2.260  -3.536 -2.163 1.00 0.00 ? 4  LEU A HD13 10 
ATOM   1901 H HD21 . LEU A 1 5  ? 2.321  -4.523 -4.877 1.00 0.00 ? 4  LEU A HD21 10 
ATOM   1902 H HD22 . LEU A 1 5  ? 2.909  -3.241 -5.936 1.00 0.00 ? 4  LEU A HD22 10 
ATOM   1903 H HD23 . LEU A 1 5  ? 1.546  -2.939 -4.858 1.00 0.00 ? 4  LEU A HD23 10 
ATOM   1904 N N    . HIS A 1 6  ? 2.806  0.207  -0.887 1.00 0.00 ? 5  HIS A N    10 
ATOM   1905 C CA   . HIS A 1 6  ? 2.902  0.271  0.591  1.00 0.00 ? 5  HIS A CA   10 
ATOM   1906 C C    . HIS A 1 6  ? 1.519  0.501  1.223  1.00 0.00 ? 5  HIS A C    10 
ATOM   1907 O O    . HIS A 1 6  ? 1.190  -0.169 2.220  1.00 0.00 ? 5  HIS A O    10 
ATOM   1908 C CB   . HIS A 1 6  ? 3.907  1.365  1.000  1.00 0.00 ? 5  HIS A CB   10 
ATOM   1909 C CG   . HIS A 1 6  ? 4.393  1.277  2.421  1.00 0.00 ? 5  HIS A CG   10 
ATOM   1910 N ND1  . HIS A 1 6  ? 3.579  1.498  3.512  1.00 0.00 ? 5  HIS A ND1  10 
ATOM   1911 C CD2  . HIS A 1 6  ? 5.622  0.992  2.922  1.00 0.00 ? 5  HIS A CD2  10 
ATOM   1912 C CE1  . HIS A 1 6  ? 4.286  1.358  4.621  1.00 0.00 ? 5  HIS A CE1  10 
ATOM   1913 N NE2  . HIS A 1 6  ? 5.525  1.051  4.290  1.00 0.00 ? 5  HIS A NE2  10 
ATOM   1914 H H    . HIS A 1 6  ? 3.235  0.921  -1.403 1.00 0.00 ? 5  HIS A H    10 
ATOM   1915 H HA   . HIS A 1 6  ? 3.272  -0.684 0.934  1.00 0.00 ? 5  HIS A HA   10 
ATOM   1916 H HB2  . HIS A 1 6  ? 4.774  1.300  0.358  1.00 0.00 ? 5  HIS A HB2  10 
ATOM   1917 H HB3  . HIS A 1 6  ? 3.446  2.332  0.869  1.00 0.00 ? 5  HIS A HB3  10 
ATOM   1918 H HD1  . HIS A 1 6  ? 2.626  1.725  3.479  1.00 0.00 ? 5  HIS A HD1  10 
ATOM   1919 H HD2  . HIS A 1 6  ? 6.510  0.758  2.354  1.00 0.00 ? 5  HIS A HD2  10 
ATOM   1920 H HE1  . HIS A 1 6  ? 3.914  1.479  5.627  1.00 0.00 ? 5  HIS A HE1  10 
ATOM   1921 H HE2  . HIS A 1 6  ? 6.271  0.956  4.918  1.00 0.00 ? 5  HIS A HE2  10 
ATOM   1922 N N    . GLN A 1 7  ? 0.730  1.457  0.613  1.00 0.00 ? 6  GLN A N    10 
ATOM   1923 C CA   . GLN A 1 7  ? -0.641 1.820  1.073  1.00 0.00 ? 6  GLN A CA   10 
ATOM   1924 C C    . GLN A 1 7  ? -1.623 0.661  0.881  1.00 0.00 ? 6  GLN A C    10 
ATOM   1925 O O    . GLN A 1 7  ? -2.497 0.443  1.729  1.00 0.00 ? 6  GLN A O    10 
ATOM   1926 C CB   . GLN A 1 7  ? -1.167 3.062  0.334  1.00 0.00 ? 6  GLN A CB   10 
ATOM   1927 C CG   . GLN A 1 7  ? -0.564 4.382  0.798  1.00 0.00 ? 6  GLN A CG   10 
ATOM   1928 C CD   . GLN A 1 7  ? -1.317 5.002  1.956  1.00 0.00 ? 6  GLN A CD   10 
ATOM   1929 O OE1  . GLN A 1 7  ? -1.457 4.399  3.019  1.00 0.00 ? 6  GLN A OE1  10 
ATOM   1930 N NE2  . GLN A 1 7  ? -1.806 6.221  1.752  1.00 0.00 ? 6  GLN A NE2  10 
ATOM   1931 H H    . GLN A 1 7  ? 1.103  1.925  -0.168 1.00 0.00 ? 6  GLN A H    10 
ATOM   1932 H HA   . GLN A 1 7  ? -0.581 2.039  2.129  1.00 0.00 ? 6  GLN A HA   10 
ATOM   1933 H HB2  . GLN A 1 7  ? -0.967 2.958  -0.721 1.00 0.00 ? 6  GLN A HB2  10 
ATOM   1934 H HB3  . GLN A 1 7  ? -2.235 3.113  0.477  1.00 0.00 ? 6  GLN A HB3  10 
ATOM   1935 H HG2  . GLN A 1 7  ? 0.449  4.212  1.114  1.00 0.00 ? 6  GLN A HG2  10 
ATOM   1936 H HG3  . GLN A 1 7  ? -0.569 5.077  -0.029 1.00 0.00 ? 6  GLN A HG3  10 
ATOM   1937 H HE21 . GLN A 1 7  ? -1.657 6.642  0.878  1.00 0.00 ? 6  GLN A HE21 10 
ATOM   1938 H HE22 . GLN A 1 7  ? -2.293 6.651  2.482  1.00 0.00 ? 6  GLN A HE22 10 
HETATM 1939 C C    . MK8 A 1 8  ? -2.158 -2.332 0.473  1.00 0.00 ? 7  MK8 A C    10 
HETATM 1940 N N    . MK8 A 1 8  ? -1.454 -0.087 -0.267 1.00 0.00 ? 7  MK8 A N    10 
HETATM 1941 O O    . MK8 A 1 8  ? -3.105 -3.098 0.798  1.00 0.00 ? 7  MK8 A O    10 
HETATM 1942 C CA   . MK8 A 1 8  ? -2.291 -1.264 -0.668 1.00 0.00 ? 7  MK8 A CA   10 
HETATM 1943 C CB   . MK8 A 1 8  ? -1.697 -1.922 -1.961 1.00 0.00 ? 7  MK8 A CB   10 
HETATM 1944 C CD   . MK8 A 1 8  ? -2.431 -0.601 -4.027 1.00 0.00 ? 7  MK8 A CD   10 
HETATM 1945 C CE   . MK8 A 1 8  ? -2.279 -0.666 -5.586 1.00 0.00 ? 7  MK8 A CE   10 
HETATM 1946 C CG   . MK8 A 1 8  ? -1.259 -0.999 -3.132 1.00 0.00 ? 7  MK8 A CG   10 
HETATM 1947 C CB1  . MK8 A 1 8  ? -3.775 -0.836 -0.944 1.00 0.00 ? 7  MK8 A CB1  10 
HETATM 1948 H H    . MK8 A 1 8  ? -0.732 0.162  -0.849 1.00 0.00 ? 7  MK8 A H    10 
HETATM 1949 H HB   . MK8 A 1 8  ? -2.432 -2.614 -2.346 1.00 0.00 ? 7  MK8 A HB   10 
HETATM 1950 H HBA  . MK8 A 1 8  ? -0.828 -2.487 -1.670 1.00 0.00 ? 7  MK8 A HBA  10 
HETATM 1951 H HD   . MK8 A 1 8  ? -2.705 0.415  -3.766 1.00 0.00 ? 7  MK8 A HD   10 
HETATM 1952 H HDA  . MK8 A 1 8  ? -3.255 -1.239 -3.771 1.00 0.00 ? 7  MK8 A HDA  10 
HETATM 1953 H HE   . MK8 A 1 8  ? -3.046 -1.215 -6.110 1.00 0.00 ? 7  MK8 A HE   10 
HETATM 1954 H HG   . MK8 A 1 8  ? -0.519 -1.512 -3.728 1.00 0.00 ? 7  MK8 A HG   10 
HETATM 1955 H HGA  . MK8 A 1 8  ? -0.827 -0.108 -2.723 1.00 0.00 ? 7  MK8 A HGA  10 
HETATM 1956 H HB1  . MK8 A 1 8  ? -3.793 0.158  -1.367 1.00 0.00 ? 7  MK8 A HB1  10 
HETATM 1957 H HB1A . MK8 A 1 8  ? -4.331 -0.842 -0.018 1.00 0.00 ? 7  MK8 A HB1A 10 
HETATM 1958 H HB1B . MK8 A 1 8  ? -4.227 -1.531 -1.637 1.00 0.00 ? 7  MK8 A HB1B 10 
ATOM   1959 N N    . LEU A 1 9  ? -0.900 -2.370 1.045  1.00 0.00 ? 8  LEU A N    10 
ATOM   1960 C CA   . LEU A 1 9  ? -0.493 -3.300 2.123  1.00 0.00 ? 8  LEU A CA   10 
ATOM   1961 C C    . LEU A 1 9  ? -1.295 -3.053 3.407  1.00 0.00 ? 8  LEU A C    10 
ATOM   1962 O O    . LEU A 1 9  ? -1.601 -4.014 4.135  1.00 0.00 ? 8  LEU A O    10 
ATOM   1963 C CB   . LEU A 1 9  ? 1.038  -3.136 2.422  1.00 0.00 ? 8  LEU A CB   10 
ATOM   1964 C CG   . LEU A 1 9  ? 1.895  -4.347 2.975  1.00 0.00 ? 8  LEU A CG   10 
ATOM   1965 C CD1  . LEU A 1 9  ? 1.409  -4.936 4.315  1.00 0.00 ? 8  LEU A CD1  10 
ATOM   1966 C CD2  . LEU A 1 9  ? 2.062  -5.452 1.927  1.00 0.00 ? 8  LEU A CD2  10 
ATOM   1967 H H    . LEU A 1 9  ? -0.223 -1.751 0.698  1.00 0.00 ? 8  LEU A H    10 
ATOM   1968 H HA   . LEU A 1 9  ? -0.677 -4.307 1.781  1.00 0.00 ? 8  LEU A HA   10 
ATOM   1969 H HB2  . LEU A 1 9  ? 1.506  -2.822 1.502  1.00 0.00 ? 8  LEU A HB2  10 
ATOM   1970 H HB3  . LEU A 1 9  ? 1.136  -2.324 3.127  1.00 0.00 ? 8  LEU A HB3  10 
ATOM   1971 H HG   . LEU A 1 9  ? 2.886  -3.961 3.170  1.00 0.00 ? 8  LEU A HG   10 
ATOM   1972 H HD11 . LEU A 1 9  ? 0.367  -5.209 4.231  1.00 0.00 ? 8  LEU A HD11 10 
ATOM   1973 H HD12 . LEU A 1 9  ? 1.527  -4.202 5.098  1.00 0.00 ? 8  LEU A HD12 10 
ATOM   1974 H HD13 . LEU A 1 9  ? 1.992  -5.814 4.555  1.00 0.00 ? 8  LEU A HD13 10 
ATOM   1975 H HD21 . LEU A 1 9  ? 2.476  -6.333 2.394  1.00 0.00 ? 8  LEU A HD21 10 
ATOM   1976 H HD22 . LEU A 1 9  ? 2.732  -5.112 1.150  1.00 0.00 ? 8  LEU A HD22 10 
ATOM   1977 H HD23 . LEU A 1 9  ? 1.102  -5.688 1.496  1.00 0.00 ? 8  LEU A HD23 10 
ATOM   1978 N N    . GLN A 1 10 ? -1.587 -1.730 3.675  1.00 0.00 ? 9  GLN A N    10 
ATOM   1979 C CA   . GLN A 1 10 ? -2.313 -1.262 4.883  1.00 0.00 ? 9  GLN A CA   10 
ATOM   1980 C C    . GLN A 1 10 ? -3.845 -1.380 4.788  1.00 0.00 ? 9  GLN A C    10 
ATOM   1981 O O    . GLN A 1 10 ? -4.452 -1.980 5.696  1.00 0.00 ? 9  GLN A O    10 
ATOM   1982 C CB   . GLN A 1 10 ? -1.920 0.192  5.219  1.00 0.00 ? 9  GLN A CB   10 
ATOM   1983 C CG   . GLN A 1 10 ? -0.535 0.350  5.859  1.00 0.00 ? 9  GLN A CG   10 
ATOM   1984 C CD   . GLN A 1 10 ? -0.423 -0.244 7.264  1.00 0.00 ? 9  GLN A CD   10 
ATOM   1985 O OE1  . GLN A 1 10 ? -0.681 -1.429 7.470  1.00 0.00 ? 9  GLN A OE1  10 
ATOM   1986 N NE2  . GLN A 1 10 ? -0.024 0.579  8.232  1.00 0.00 ? 9  GLN A NE2  10 
ATOM   1987 H H    . GLN A 1 10 ? -1.264 -1.054 3.039  1.00 0.00 ? 9  GLN A H    10 
ATOM   1988 H HA   . GLN A 1 10 ? -1.984 -1.882 5.704  1.00 0.00 ? 9  GLN A HA   10 
ATOM   1989 H HB2  . GLN A 1 10 ? -1.929 0.769  4.306  1.00 0.00 ? 9  GLN A HB2  10 
ATOM   1990 H HB3  . GLN A 1 10 ? -2.656 0.604  5.896  1.00 0.00 ? 9  GLN A HB3  10 
ATOM   1991 H HG2  . GLN A 1 10 ? 0.192  -0.136 5.230  1.00 0.00 ? 9  GLN A HG2  10 
ATOM   1992 H HG3  . GLN A 1 10 ? -0.305 1.405  5.918  1.00 0.00 ? 9  GLN A HG3  10 
ATOM   1993 H HE21 . GLN A 1 10 ? 0.173  1.509  7.997  1.00 0.00 ? 9  GLN A HE21 10 
ATOM   1994 H HE22 . GLN A 1 10 ? 0.061  0.220  9.142  1.00 0.00 ? 9  GLN A HE22 10 
ATOM   1995 N N    . ASP A 1 11 ? -4.453 -0.743 3.716  1.00 0.00 ? 10 ASP A N    10 
ATOM   1996 C CA   . ASP A 1 11 ? -5.928 -0.692 3.507  1.00 0.00 ? 10 ASP A CA   10 
ATOM   1997 C C    . ASP A 1 11 ? -6.581 -2.063 3.190  1.00 0.00 ? 10 ASP A C    10 
ATOM   1998 O O    . ASP A 1 11 ? -7.822 -2.103 3.077  1.00 0.00 ? 10 ASP A O    10 
ATOM   1999 C CB   . ASP A 1 11 ? -6.276 0.367  2.430  1.00 0.00 ? 10 ASP A CB   10 
ATOM   2000 C CG   . ASP A 1 11 ? -7.765 0.640  2.320  1.00 0.00 ? 10 ASP A CG   10 
ATOM   2001 O OD1  . ASP A 1 11 ? -8.463 -0.108 1.607  1.00 0.00 ? 10 ASP A OD1  10 
ATOM   2002 O OD2  . ASP A 1 11 ? -8.233 1.604  2.957  1.00 0.00 ? 10 ASP A OD2  10 
ATOM   2003 H H    . ASP A 1 11 ? -3.881 -0.252 3.087  1.00 0.00 ? 10 ASP A H    10 
ATOM   2004 H HA   . ASP A 1 11 ? -6.352 -0.347 4.441  1.00 0.00 ? 10 ASP A HA   10 
ATOM   2005 H HB2  . ASP A 1 11 ? -5.795 1.298  2.684  1.00 0.00 ? 10 ASP A HB2  10 
ATOM   2006 H HB3  . ASP A 1 11 ? -5.921 0.043  1.463  1.00 0.00 ? 10 ASP A HB3  10 
ATOM   2007 N N    . SER A 1 12 ? -5.749 -3.186 3.089  1.00 0.00 ? 11 SER A N    10 
ATOM   2008 C CA   . SER A 1 12 ? -6.257 -4.568 2.819  1.00 0.00 ? 11 SER A CA   10 
ATOM   2009 C C    . SER A 1 12 ? -6.768 -5.238 4.149  1.00 0.00 ? 11 SER A C    10 
ATOM   2010 O O    . SER A 1 12 ? -7.787 -4.785 4.671  1.00 0.00 ? 11 SER A O    10 
ATOM   2011 C CB   . SER A 1 12 ? -5.191 -5.374 2.034  1.00 0.00 ? 11 SER A CB   10 
ATOM   2012 O OG   . SER A 1 12 ? -5.000 -4.830 0.740  1.00 0.00 ? 11 SER A OG   10 
ATOM   2013 H H    . SER A 1 12 ? -4.781 -3.068 3.219  1.00 0.00 ? 11 SER A H    10 
ATOM   2014 H HA   . SER A 1 12 ? -7.126 -4.452 2.175  1.00 0.00 ? 11 SER A HA   10 
ATOM   2015 H HB2  . SER A 1 12 ? -4.256 -5.344 2.566  1.00 0.00 ? 11 SER A HB2  10 
ATOM   2016 H HB3  . SER A 1 12 ? -5.518 -6.398 1.931  1.00 0.00 ? 11 SER A HB3  10 
ATOM   2017 H HG   . SER A 1 12 ? -5.400 -5.407 0.086  1.00 0.00 ? 11 SER A HG   10 
HETATM 2018 N N    . NH2 A 1 13 ? -6.160 -6.328 4.688  1.00 0.00 ? 12 NH2 A N    10 
HETATM 2019 H HN1  . NH2 A 1 13 ? -5.382 -6.717 4.234  1.00 0.00 ? 12 NH2 A HN1  10 
HETATM 2020 H HN2  . NH2 A 1 13 ? -6.525 -6.685 5.526  1.00 0.00 ? 12 NH2 A HN2  10 
# 
